data_7OG1
#
_entry.id   7OG1
#
_cell.length_a   92.576
_cell.length_b   150.070
_cell.length_c   96.430
_cell.angle_alpha   90.000
_cell.angle_beta   112.652
_cell.angle_gamma   90.000
#
_symmetry.space_group_name_H-M   'P 1 21 1'
#
loop_
_entity.id
_entity.type
_entity.pdbx_description
1 polymer 'AP-2 complex subunit alpha-2'
2 polymer 'AP-2 complex subunit beta'
3 polymer 'AP-2 complex subunit mu'
4 polymer 'AP-2 complex subunit sigma'
5 polymer 'F-BAR domain only protein 2'
6 polymer 'TGN38 CARGO PEPTIDE'
#
loop_
_entity_poly.entity_id
_entity_poly.type
_entity_poly.pdbx_seq_one_letter_code
_entity_poly.pdbx_strand_id
1 'polypeptide(L)'
;MPAVSKGEGMRGLAVFISDIRNCKSKEAEIKRINKELANIRSKFKGDKALDGYSKKKYVCKLLFIFLLGHDIDFGHMEAV
NLLSSNRYTEKQIGYLFISVLVNSNSELIRLINNAIKNDLASRNPTFMGLALHCIANVGSREMAEAFAGEIPKILVAGDT
MDSVKQSAALCLLRLYRTSPDLVPMGDWTSRVVHLLNDQHLGVVTAATSLITTLAQKNPEEFKTSVSLAVSRLSRIVTSA
STDLQDYTYYFVPAPWLSVKLLRLLQCYPPPEDPAVRGRLTECLETILNKAQEPPKSKKVQHSNAKNAVLFEAISLIIHH
DSEPNLLVRACNQLGQFLQHRETNLRYLALESMCTLASSEFSHEAVKTHIETVINALKTERDVSVRQRAVDLLYAMCDRS
NAQQIVAEMLSYLETADYSIREEIVLKVAILAEKYAVDYTWYVDTILNLIRIAGDYVSEEVWYRVIQIVINRDDVQGYAA
KTVFEALQAPACHENLVKVGGYILGEFGNLIAGDPRSSPLIQFNLLHSKFHLCSVPTRALLLSTYIKFVNLFPEVKATIQ
DVLRSDSQLKNADVELQQRAVEYLRLSTVASTDILATVLEEMPPFPERESSILAKLKKKKG
;
AAA
2 'polypeptide(L)'
;MTDSKYFTTNKKGEIFELKAELNNEKKEKRKEAVKKVIAAMTVGKDVSSLFPDVVNCMQTDNLELKKLVYLYLMNYAKSQ
PDMAIMAVNSFVKDCEDPNPLIRALAVRTMGCIRVDKITEYLCEPLRKCLKDEDPYVRKTAAVCVAKLHDINAQMVEDQG
FLDSLRDLIADSNPMVVANAVAALSEISESHPNSNLLDLNPQNINKLLTALNECTEWGQIFILDCLSNYNPKDDREAQSI
CERVTPRLSHANSAVVLSAVKVLMKFLELLPKDSDYYNMLLKKLAPPLVTLLSGEPEVQYVALRNINLIVQKRPEILKQE
IKVFFVKYNDPIYVKLEKLDIMIRLASQANIAQVLAELKEYATEVDVDFVRKAVRAIGRCAIKVEQSAERCVSTLLDLIQ
TKVNYVVQEAIVVIRDIFRKYPNKYESIIATLCENLDSLDEPDARAAMIWIVGEYAERIDNADELLESFLEGFHDESTQV
QLTLLTAIVKLFLKKPSETQELVQQVLSLATQDSDNPDLRDRGYIYWRLLSTDPVTAKEVVLSEKPLISEETDLIEPTLL
DELICHIGSLASVYHKPPNAFVEGSHGIHRK
;
BBB
3 'polypeptide(L)'
;MIGGLFIYNHKGEVLISRVYRDDIGRNAVDAFRVNVIHARQQVRSPVTNIARTSFFHVKRSNIWLAAVTKQNVNAAMVFE
FLYKMCDVMAAYFGKISEENIKNNFVLIYELLDEILDFGYPQNSETGALKTFITQQGIKSQHQTKEEQSQITSQVTGQIG
WRREGIKYRRNELFLDVLESVNLLMSPQGQVLSAHVSGRVVMKSYLSGMPECKFGMNDKIVIEKQGKGTADETSKSMEQK
LISEEDLGKQSIAIDDCTFHQCVRLSKFDSERSISFIPPDGEFELMRYRTTKDIILPFRVIPLVREVGRTKLEVKVVIKS
NFKPSLLAQKIEVRIPTPLNTSGVQVICMKGKAKYKASENAIVWKIKRMAGMKESQISAEIELLPTNDKKKWARPPISMN
FEVPFAPSGLKVRYLKVFEPKLNYSDHDVIKWVRYIGRSGIYETRC
;
MMM,CCC
4 'polypeptide(L)'
;MIRFILIQNRAGKTRLAKWYMQFDDDEKQKLIEEVHAVVTVRDAKHTNFVEFRNFKIIYRRYAGLYFCICVDVNDNNLAY
LEAIHNFVEVLNEYFHNVCELDLVFNFYKVYTVVDEMFLAGEIRETSQTKVLKQLLMLQSLE
;
SSS
5 'polypeptide(L)'
;GSPEFNIPDVDEEGYSIKPETNQNDTKENHFYSSSDSDSEDEEPKKYRIEIKPMHPNNSHHTMASLDELKVSIGNITLSP
AISRHSPVQMNRNLSNEELTKSKPSAPPNEKGTSDLLAWDPLFGPSLDSSSSSSLTEFPGRPHHHHHHHHHH
;
GGG,DDD
6 'polypeptide(L)' DYQRLN PPP
#
# COMPACT_ATOMS: atom_id res chain seq x y z
N GLY A 9 21.85 -42.23 -4.40
CA GLY A 9 20.56 -42.88 -4.81
C GLY A 9 19.67 -43.20 -3.62
N MET A 10 19.44 -42.21 -2.74
CA MET A 10 18.61 -42.32 -1.51
C MET A 10 17.15 -42.59 -1.90
N ARG A 11 16.52 -43.60 -1.30
CA ARG A 11 15.10 -43.97 -1.57
C ARG A 11 14.19 -43.35 -0.49
N GLY A 12 14.70 -43.08 0.71
CA GLY A 12 14.03 -42.25 1.72
C GLY A 12 13.58 -40.92 1.13
N LEU A 13 14.47 -40.28 0.35
CA LEU A 13 14.21 -39.01 -0.37
C LEU A 13 13.24 -39.27 -1.54
N ALA A 14 13.68 -40.05 -2.54
CA ALA A 14 12.97 -40.29 -3.82
C ALA A 14 11.61 -40.97 -3.60
N VAL A 15 11.35 -41.55 -2.42
CA VAL A 15 10.00 -42.02 -1.99
C VAL A 15 9.21 -40.81 -1.49
N PHE A 16 9.74 -40.11 -0.48
CA PHE A 16 9.09 -38.95 0.21
C PHE A 16 8.77 -37.84 -0.80
N ILE A 17 9.72 -37.51 -1.70
CA ILE A 17 9.57 -36.39 -2.69
C ILE A 17 8.64 -36.83 -3.82
N SER A 18 8.52 -38.14 -4.09
CA SER A 18 7.62 -38.71 -5.13
C SER A 18 6.16 -38.68 -4.66
N ASP A 19 5.94 -38.62 -3.33
CA ASP A 19 4.60 -38.46 -2.70
C ASP A 19 4.07 -37.04 -2.94
N ILE A 20 4.95 -36.04 -2.94
CA ILE A 20 4.61 -34.59 -2.96
C ILE A 20 4.36 -34.13 -4.41
N ARG A 21 5.01 -34.73 -5.41
CA ARG A 21 4.79 -34.44 -6.86
C ARG A 21 3.61 -35.28 -7.39
N ASN A 22 3.21 -36.33 -6.67
CA ASN A 22 1.99 -37.14 -6.95
C ASN A 22 0.76 -36.46 -6.31
N CYS A 23 0.98 -35.61 -5.29
CA CYS A 23 -0.07 -34.83 -4.56
C CYS A 23 -0.85 -33.93 -5.54
N LYS A 24 -2.11 -33.65 -5.21
CA LYS A 24 -3.02 -32.75 -5.97
C LYS A 24 -3.81 -31.89 -4.96
N SER A 25 -3.11 -31.41 -3.92
CA SER A 25 -3.68 -30.57 -2.82
C SER A 25 -2.55 -29.85 -2.07
N LYS A 26 -2.85 -28.67 -1.52
CA LYS A 26 -1.91 -27.75 -0.80
C LYS A 26 -1.96 -28.07 0.69
N GLU A 27 -3.10 -28.58 1.18
CA GLU A 27 -3.32 -29.00 2.60
C GLU A 27 -3.02 -30.50 2.72
N ALA A 28 -2.73 -31.18 1.59
CA ALA A 28 -2.31 -32.60 1.52
C ALA A 28 -0.79 -32.71 1.64
N GLU A 29 -0.06 -31.66 1.25
CA GLU A 29 1.38 -31.49 1.56
C GLU A 29 1.52 -31.22 3.07
N ILE A 30 0.55 -30.54 3.69
CA ILE A 30 0.49 -30.24 5.15
C ILE A 30 0.34 -31.57 5.93
N LYS A 31 -0.17 -32.63 5.27
CA LYS A 31 -0.18 -34.03 5.79
C LYS A 31 1.20 -34.69 5.59
N ARG A 32 1.68 -34.73 4.34
CA ARG A 32 2.84 -35.57 3.90
C ARG A 32 4.16 -35.02 4.47
N ILE A 33 4.31 -33.70 4.60
CA ILE A 33 5.54 -33.05 5.18
C ILE A 33 5.51 -33.15 6.71
N ASN A 34 4.38 -32.82 7.34
CA ASN A 34 4.22 -32.85 8.82
C ASN A 34 4.12 -34.31 9.32
N LYS A 35 4.09 -35.30 8.41
CA LYS A 35 4.33 -36.74 8.73
C LYS A 35 5.84 -37.00 8.73
N GLU A 36 6.58 -36.33 7.84
CA GLU A 36 8.05 -36.45 7.63
C GLU A 36 8.85 -35.59 8.62
N LEU A 37 8.18 -34.65 9.31
CA LEU A 37 8.75 -33.87 10.45
C LEU A 37 8.51 -34.64 11.76
N ALA A 38 7.49 -35.51 11.79
CA ALA A 38 7.16 -36.46 12.89
C ALA A 38 7.86 -37.80 12.65
N ASN A 39 8.32 -38.05 11.41
CA ASN A 39 9.09 -39.25 11.00
C ASN A 39 10.53 -39.12 11.49
N ILE A 40 11.24 -38.06 11.04
CA ILE A 40 12.71 -37.85 11.27
C ILE A 40 12.98 -37.59 12.76
N ARG A 41 12.01 -37.04 13.51
CA ARG A 41 12.18 -36.70 14.95
C ARG A 41 12.38 -37.99 15.76
N SER A 42 11.68 -39.08 15.38
CA SER A 42 11.78 -40.43 16.00
C SER A 42 13.17 -41.05 15.76
N LYS A 43 13.88 -40.59 14.73
CA LYS A 43 15.13 -41.23 14.23
C LYS A 43 16.28 -40.97 15.21
N PHE A 44 16.78 -39.74 15.33
CA PHE A 44 18.01 -39.41 16.10
C PHE A 44 17.82 -39.79 17.59
N LYS A 45 16.83 -39.20 18.25
CA LYS A 45 16.53 -39.41 19.70
C LYS A 45 15.64 -40.65 19.83
N GLY A 46 16.08 -41.64 20.62
CA GLY A 46 15.34 -42.90 20.87
C GLY A 46 15.65 -43.96 19.81
N ASP A 47 15.57 -45.24 20.19
CA ASP A 47 15.98 -46.43 19.39
C ASP A 47 17.49 -46.35 19.10
N LYS A 48 18.05 -47.36 18.45
CA LYS A 48 19.51 -47.48 18.11
C LYS A 48 19.98 -46.22 17.37
N ALA A 49 21.28 -46.18 17.03
CA ALA A 49 21.91 -45.16 16.15
C ALA A 49 22.30 -45.80 14.81
N LEU A 50 21.99 -45.13 13.70
CA LEU A 50 22.44 -45.47 12.31
C LEU A 50 23.23 -44.27 11.75
N ASP A 51 24.45 -44.51 11.25
CA ASP A 51 25.31 -43.48 10.61
C ASP A 51 25.60 -43.88 9.15
N GLY A 52 26.28 -43.00 8.40
CA GLY A 52 26.62 -43.19 6.99
C GLY A 52 25.52 -42.69 6.07
N TYR A 53 24.47 -43.50 5.87
CA TYR A 53 23.30 -43.18 5.01
C TYR A 53 22.21 -42.50 5.85
N SER A 54 22.16 -42.77 7.17
CA SER A 54 21.05 -42.42 8.08
C SER A 54 21.17 -40.97 8.59
N LYS A 55 22.39 -40.45 8.77
CA LYS A 55 22.62 -39.02 9.13
C LYS A 55 22.73 -38.18 7.85
N LYS A 56 22.82 -38.82 6.68
CA LYS A 56 22.90 -38.18 5.33
C LYS A 56 21.49 -38.03 4.72
N LYS A 57 20.62 -39.02 4.91
CA LYS A 57 19.28 -39.13 4.24
C LYS A 57 18.17 -38.50 5.10
N TYR A 58 18.28 -38.57 6.44
CA TYR A 58 17.31 -38.01 7.41
C TYR A 58 17.72 -36.59 7.81
N VAL A 59 18.57 -35.96 6.99
CA VAL A 59 18.90 -34.50 6.99
C VAL A 59 18.55 -33.89 5.62
N CYS A 60 18.85 -34.59 4.50
CA CYS A 60 18.55 -34.14 3.10
C CYS A 60 17.03 -34.03 2.90
N LYS A 61 16.22 -34.54 3.85
CA LYS A 61 14.74 -34.39 3.91
C LYS A 61 14.36 -33.14 4.74
N LEU A 62 15.33 -32.45 5.34
CA LEU A 62 15.13 -31.22 6.16
C LEU A 62 15.64 -29.98 5.41
N LEU A 63 16.57 -30.14 4.45
CA LEU A 63 17.03 -29.07 3.52
C LEU A 63 16.06 -28.96 2.34
N PHE A 64 15.32 -30.03 2.04
CA PHE A 64 14.33 -30.11 0.93
C PHE A 64 12.92 -29.66 1.40
N ILE A 65 12.62 -29.75 2.71
CA ILE A 65 11.32 -29.27 3.29
C ILE A 65 11.41 -27.76 3.55
N PHE A 66 12.62 -27.21 3.80
CA PHE A 66 12.86 -25.76 4.05
C PHE A 66 13.00 -24.99 2.72
N LEU A 67 12.86 -25.68 1.58
CA LEU A 67 12.70 -25.05 0.24
C LEU A 67 11.28 -25.34 -0.30
N LEU A 68 10.39 -25.83 0.57
CA LEU A 68 8.91 -25.90 0.36
C LEU A 68 8.19 -25.05 1.41
N GLY A 69 8.94 -24.33 2.26
CA GLY A 69 8.39 -23.40 3.27
C GLY A 69 7.60 -24.13 4.35
N HIS A 70 8.30 -24.79 5.29
CA HIS A 70 7.77 -25.41 6.53
C HIS A 70 8.82 -25.29 7.65
N ASP A 71 8.39 -25.44 8.91
CA ASP A 71 9.19 -25.13 10.15
C ASP A 71 10.20 -26.24 10.44
N ILE A 72 11.50 -25.90 10.42
CA ILE A 72 12.65 -26.75 10.88
C ILE A 72 12.97 -26.35 12.33
N ASP A 73 12.03 -26.62 13.25
CA ASP A 73 12.11 -26.28 14.70
C ASP A 73 12.69 -27.47 15.48
N PHE A 74 12.43 -28.70 15.00
CA PHE A 74 13.03 -29.97 15.50
C PHE A 74 13.95 -30.57 14.43
N GLY A 75 15.25 -30.19 14.46
CA GLY A 75 16.33 -30.81 13.67
C GLY A 75 17.34 -29.81 13.15
N HIS A 76 18.58 -29.85 13.68
CA HIS A 76 19.76 -29.12 13.15
C HIS A 76 21.06 -29.85 13.54
N MET A 77 21.33 -30.03 14.83
CA MET A 77 22.60 -30.60 15.35
C MET A 77 22.81 -32.01 14.76
N GLU A 78 21.74 -32.75 14.46
CA GLU A 78 21.80 -34.02 13.67
C GLU A 78 22.81 -33.86 12.52
N ALA A 79 22.87 -32.66 11.91
CA ALA A 79 23.62 -32.32 10.68
C ALA A 79 24.90 -31.53 10.99
N VAL A 80 25.04 -30.98 12.21
CA VAL A 80 26.31 -30.38 12.75
C VAL A 80 27.26 -31.54 13.10
N ASN A 81 26.80 -32.79 12.92
CA ASN A 81 27.58 -34.05 13.04
C ASN A 81 28.37 -34.29 11.73
N LEU A 82 27.73 -34.06 10.58
CA LEU A 82 28.25 -34.39 9.22
C LEU A 82 29.49 -33.55 8.87
N LEU A 83 29.75 -32.49 9.64
CA LEU A 83 30.77 -31.43 9.35
C LEU A 83 32.18 -32.02 9.52
N SER A 84 32.47 -32.66 10.66
CA SER A 84 33.81 -33.20 11.03
C SER A 84 33.98 -34.64 10.50
N SER A 85 33.48 -34.90 9.29
CA SER A 85 33.25 -36.25 8.71
C SER A 85 34.51 -36.80 8.02
N ASN A 86 34.35 -37.94 7.31
CA ASN A 86 35.37 -38.70 6.53
C ASN A 86 35.19 -38.47 5.03
N ARG A 87 34.00 -38.78 4.51
CA ARG A 87 33.69 -38.83 3.05
C ARG A 87 33.60 -37.42 2.48
N TYR A 88 33.35 -37.27 1.16
CA TYR A 88 33.15 -35.96 0.47
C TYR A 88 31.66 -35.59 0.43
N THR A 89 30.78 -36.59 0.26
CA THR A 89 29.30 -36.44 0.11
C THR A 89 28.60 -36.70 1.46
N GLU A 90 29.34 -36.70 2.57
CA GLU A 90 28.79 -36.72 3.95
C GLU A 90 29.09 -35.38 4.67
N LYS A 91 29.94 -34.54 4.08
CA LYS A 91 30.20 -33.15 4.52
C LYS A 91 29.37 -32.18 3.66
N GLN A 92 29.31 -32.42 2.34
CA GLN A 92 28.60 -31.57 1.34
C GLN A 92 27.20 -31.20 1.85
N ILE A 93 26.46 -32.17 2.42
CA ILE A 93 25.06 -31.97 2.91
C ILE A 93 25.09 -31.26 4.28
N GLY A 94 26.27 -31.12 4.89
CA GLY A 94 26.52 -30.34 6.11
C GLY A 94 26.89 -28.89 5.81
N TYR A 95 27.59 -28.64 4.69
CA TYR A 95 27.97 -27.30 4.17
C TYR A 95 27.04 -26.89 3.02
N LEU A 96 25.83 -27.44 3.04
CA LEU A 96 24.61 -26.88 2.39
C LEU A 96 23.46 -26.90 3.41
N PHE A 97 23.79 -27.02 4.72
CA PHE A 97 22.87 -26.96 5.88
C PHE A 97 23.49 -26.15 7.04
N ILE A 98 24.66 -25.53 6.84
CA ILE A 98 25.09 -24.28 7.56
C ILE A 98 25.40 -23.20 6.50
N SER A 99 24.76 -23.32 5.33
CA SER A 99 24.75 -22.33 4.21
C SER A 99 23.32 -21.86 3.91
N VAL A 100 22.32 -22.70 4.20
CA VAL A 100 20.86 -22.40 4.04
C VAL A 100 20.21 -22.18 5.42
N LEU A 101 20.94 -22.43 6.52
CA LEU A 101 20.45 -22.26 7.92
C LEU A 101 21.63 -22.12 8.89
N VAL A 102 22.04 -20.88 9.21
CA VAL A 102 22.87 -20.55 10.40
C VAL A 102 21.93 -20.55 11.62
N ASN A 103 22.20 -21.40 12.60
CA ASN A 103 21.29 -21.89 13.68
C ASN A 103 20.58 -20.75 14.45
N SER A 104 19.54 -21.11 15.23
CA SER A 104 18.63 -20.22 16.03
C SER A 104 19.15 -20.07 17.48
N ASN A 105 20.21 -19.25 17.66
CA ASN A 105 20.96 -18.95 18.91
C ASN A 105 22.42 -18.64 18.51
N SER A 106 23.33 -18.45 19.48
CA SER A 106 24.81 -18.40 19.26
C SER A 106 25.45 -19.67 19.84
N GLU A 107 24.62 -20.71 20.03
CA GLU A 107 24.92 -21.98 20.72
C GLU A 107 25.94 -22.78 19.89
N LEU A 108 25.55 -23.18 18.68
CA LEU A 108 26.38 -23.97 17.73
C LEU A 108 27.44 -23.07 17.08
N ILE A 109 27.34 -21.75 17.22
CA ILE A 109 28.22 -20.74 16.53
C ILE A 109 29.69 -20.97 16.95
N ARG A 110 29.95 -21.56 18.13
CA ARG A 110 31.33 -21.94 18.59
C ARG A 110 31.60 -23.43 18.30
N LEU A 111 30.57 -24.23 18.01
CA LEU A 111 30.70 -25.68 17.66
C LEU A 111 30.76 -25.86 16.14
N ILE A 112 30.15 -24.94 15.37
CA ILE A 112 30.22 -24.85 13.87
C ILE A 112 31.66 -24.53 13.45
N ASN A 113 32.29 -23.55 14.11
CA ASN A 113 33.52 -22.85 13.66
C ASN A 113 34.79 -23.44 14.30
N ASN A 114 34.70 -24.63 14.90
CA ASN A 114 35.85 -25.54 15.21
C ASN A 114 35.60 -26.92 14.56
N ALA A 115 34.45 -27.07 13.89
CA ALA A 115 34.22 -28.09 12.84
C ALA A 115 34.33 -27.42 11.46
N ILE A 116 34.95 -26.22 11.40
CA ILE A 116 35.44 -25.55 10.15
C ILE A 116 36.97 -25.38 10.25
N LYS A 117 37.47 -24.87 11.39
CA LYS A 117 38.90 -24.58 11.69
C LYS A 117 39.79 -25.80 11.37
N ASN A 118 39.28 -27.01 11.67
CA ASN A 118 40.03 -28.30 11.54
C ASN A 118 40.01 -28.76 10.07
N ASP A 119 39.26 -28.09 9.19
CA ASP A 119 38.95 -28.57 7.82
C ASP A 119 39.59 -27.63 6.77
N LEU A 120 39.51 -26.32 6.98
CA LEU A 120 40.33 -25.31 6.25
C LEU A 120 41.80 -25.71 6.38
N ALA A 121 42.29 -25.88 7.62
CA ALA A 121 43.72 -26.04 8.01
C ALA A 121 44.26 -27.43 7.60
N SER A 122 43.38 -28.42 7.42
CA SER A 122 43.74 -29.78 6.91
C SER A 122 44.01 -29.72 5.40
N ARG A 123 45.29 -29.56 5.03
CA ARG A 123 45.73 -29.44 3.62
C ARG A 123 44.89 -30.43 2.78
N ASN A 124 43.96 -29.92 1.96
CA ASN A 124 43.02 -30.77 1.19
C ASN A 124 42.27 -29.94 0.14
N PRO A 125 42.37 -30.29 -1.17
CA PRO A 125 41.62 -29.57 -2.22
C PRO A 125 40.11 -29.83 -2.22
N THR A 126 39.65 -30.92 -1.60
CA THR A 126 38.21 -31.28 -1.44
C THR A 126 37.66 -30.54 -0.21
N PHE A 127 38.31 -30.69 0.96
CA PHE A 127 37.80 -30.25 2.30
C PHE A 127 38.27 -28.83 2.64
N MET A 128 38.73 -28.09 1.62
CA MET A 128 38.86 -26.61 1.65
C MET A 128 37.80 -25.98 0.72
N GLY A 129 37.32 -26.74 -0.29
CA GLY A 129 36.23 -26.34 -1.20
C GLY A 129 34.88 -26.26 -0.49
N LEU A 130 34.71 -26.93 0.66
CA LEU A 130 33.50 -26.87 1.52
C LEU A 130 33.66 -25.78 2.60
N ALA A 131 34.89 -25.55 3.09
CA ALA A 131 35.18 -24.88 4.39
C ALA A 131 35.48 -23.38 4.22
N LEU A 132 36.04 -22.95 3.08
CA LEU A 132 36.25 -21.51 2.74
C LEU A 132 35.01 -20.97 2.04
N HIS A 133 34.40 -21.79 1.17
CA HIS A 133 33.09 -21.56 0.50
C HIS A 133 31.98 -21.18 1.51
N CYS A 134 31.91 -21.84 2.68
CA CYS A 134 30.86 -21.65 3.72
C CYS A 134 31.00 -20.26 4.37
N ILE A 135 32.23 -19.74 4.47
CA ILE A 135 32.55 -18.38 5.01
C ILE A 135 32.13 -17.32 3.98
N ALA A 136 32.16 -17.69 2.68
CA ALA A 136 31.81 -16.84 1.51
C ALA A 136 30.34 -17.01 1.14
N ASN A 137 29.65 -18.02 1.69
CA ASN A 137 28.23 -18.33 1.41
C ASN A 137 27.35 -17.83 2.56
N VAL A 138 27.85 -17.87 3.81
CA VAL A 138 27.19 -17.28 5.01
C VAL A 138 27.63 -15.81 5.15
N GLY A 139 28.93 -15.58 5.37
CA GLY A 139 29.52 -14.24 5.63
C GLY A 139 29.11 -13.71 7.00
N SER A 140 29.17 -14.56 8.03
CA SER A 140 28.79 -14.24 9.41
C SER A 140 29.93 -13.44 10.05
N ARG A 141 29.71 -12.93 11.28
CA ARG A 141 30.67 -12.09 12.05
C ARG A 141 31.61 -12.99 12.87
N GLU A 142 31.06 -14.03 13.51
CA GLU A 142 31.83 -15.12 14.17
C GLU A 142 32.68 -15.82 13.11
N MET A 143 32.04 -16.22 11.99
CA MET A 143 32.67 -16.88 10.81
C MET A 143 33.72 -15.97 10.16
N ALA A 144 33.61 -14.64 10.32
CA ALA A 144 34.55 -13.60 9.81
C ALA A 144 35.70 -13.38 10.81
N GLU A 145 35.38 -12.92 12.04
CA GLU A 145 36.34 -12.50 13.09
C GLU A 145 37.53 -13.48 13.16
N ALA A 146 37.27 -14.73 13.57
CA ALA A 146 38.27 -15.74 13.96
C ALA A 146 39.10 -16.17 12.73
N PHE A 147 38.53 -16.08 11.52
CA PHE A 147 39.22 -16.43 10.24
C PHE A 147 39.42 -15.14 9.43
N ALA A 148 39.99 -14.11 10.07
CA ALA A 148 40.45 -12.83 9.48
C ALA A 148 41.92 -12.98 9.06
N GLY A 149 42.83 -13.03 10.02
CA GLY A 149 44.28 -13.21 9.81
C GLY A 149 44.60 -14.43 8.94
N GLU A 150 43.74 -15.46 8.95
CA GLU A 150 43.90 -16.72 8.18
C GLU A 150 44.02 -16.42 6.67
N ILE A 151 43.02 -15.77 6.08
CA ILE A 151 42.73 -15.83 4.62
C ILE A 151 43.87 -15.23 3.79
N PRO A 152 44.50 -14.08 4.20
CA PRO A 152 45.66 -13.56 3.49
C PRO A 152 46.76 -14.60 3.16
N LYS A 153 47.03 -15.50 4.11
CA LYS A 153 48.14 -16.50 4.08
C LYS A 153 47.87 -17.54 3.00
N ILE A 154 46.73 -18.24 3.07
CA ILE A 154 46.30 -19.23 2.03
C ILE A 154 46.64 -18.68 0.64
N LEU A 155 46.02 -17.54 0.28
CA LEU A 155 45.84 -17.07 -1.11
C LEU A 155 47.20 -16.91 -1.81
N VAL A 156 48.20 -16.35 -1.13
CA VAL A 156 49.57 -16.13 -1.70
C VAL A 156 49.86 -17.28 -2.67
N ALA A 157 49.97 -16.98 -3.97
CA ALA A 157 50.33 -17.93 -5.05
C ALA A 157 51.58 -18.70 -4.62
N GLY A 158 51.53 -20.04 -4.60
CA GLY A 158 52.67 -20.89 -4.19
C GLY A 158 52.32 -22.37 -4.01
N ASP A 159 51.66 -22.71 -2.90
CA ASP A 159 51.58 -24.10 -2.33
C ASP A 159 50.14 -24.64 -2.36
N THR A 160 49.13 -23.81 -2.01
CA THR A 160 47.68 -24.16 -2.00
C THR A 160 47.18 -24.26 -3.46
N MET A 161 46.54 -25.39 -3.82
CA MET A 161 46.27 -25.80 -5.23
C MET A 161 45.40 -24.74 -5.92
N ASP A 162 45.38 -24.74 -7.26
CA ASP A 162 44.78 -23.68 -8.11
C ASP A 162 43.35 -23.36 -7.63
N SER A 163 42.41 -24.27 -7.83
CA SER A 163 40.95 -24.04 -7.60
C SER A 163 40.66 -24.02 -6.09
N VAL A 164 41.60 -23.56 -5.28
CA VAL A 164 41.38 -23.15 -3.86
C VAL A 164 41.67 -21.66 -3.72
N LYS A 165 42.66 -21.12 -4.46
CA LYS A 165 42.92 -19.66 -4.51
C LYS A 165 41.69 -18.93 -5.06
N GLN A 166 40.85 -19.61 -5.85
CA GLN A 166 39.50 -19.15 -6.24
C GLN A 166 38.65 -18.98 -4.96
N SER A 167 38.53 -20.05 -4.16
CA SER A 167 37.69 -20.17 -2.94
C SER A 167 38.18 -19.26 -1.80
N ALA A 168 39.40 -18.71 -1.91
CA ALA A 168 39.96 -17.68 -1.00
C ALA A 168 39.81 -16.29 -1.62
N ALA A 169 40.07 -16.17 -2.93
CA ALA A 169 39.95 -14.89 -3.68
C ALA A 169 38.54 -14.31 -3.44
N LEU A 170 37.50 -15.15 -3.53
CA LEU A 170 36.05 -14.81 -3.39
C LEU A 170 35.48 -15.25 -2.03
N CYS A 171 36.34 -15.32 -1.00
CA CYS A 171 35.95 -15.35 0.44
C CYS A 171 36.53 -14.10 1.12
N LEU A 172 37.59 -13.51 0.55
CA LEU A 172 38.30 -12.28 1.02
C LEU A 172 37.63 -11.02 0.43
N LEU A 173 36.74 -11.19 -0.56
CA LEU A 173 35.86 -10.11 -1.06
C LEU A 173 34.57 -10.11 -0.24
N ARG A 174 33.94 -11.28 -0.07
CA ARG A 174 32.78 -11.49 0.84
C ARG A 174 33.11 -10.90 2.21
N LEU A 175 34.23 -11.32 2.80
CA LEU A 175 34.63 -10.93 4.18
C LEU A 175 35.03 -9.44 4.18
N TYR A 176 35.78 -8.97 3.18
CA TYR A 176 36.16 -7.53 3.00
C TYR A 176 34.91 -6.66 2.83
N ARG A 177 33.81 -7.26 2.32
CA ARG A 177 32.49 -6.61 2.12
C ARG A 177 31.70 -6.63 3.44
N THR A 178 31.58 -7.79 4.10
CA THR A 178 30.90 -7.93 5.43
C THR A 178 31.75 -7.23 6.49
N SER A 179 33.02 -7.65 6.63
CA SER A 179 34.01 -7.13 7.62
C SER A 179 35.22 -6.53 6.88
N PRO A 180 35.14 -5.26 6.37
CA PRO A 180 36.33 -4.62 5.78
C PRO A 180 37.42 -4.30 6.81
N ASP A 181 37.04 -3.93 8.04
CA ASP A 181 37.94 -3.58 9.18
C ASP A 181 38.92 -4.73 9.43
N LEU A 182 38.44 -5.98 9.47
CA LEU A 182 39.26 -7.19 9.75
C LEU A 182 40.03 -7.60 8.49
N VAL A 183 40.17 -6.68 7.51
CA VAL A 183 40.96 -6.86 6.25
C VAL A 183 41.64 -5.51 5.92
N PRO A 184 42.75 -5.13 6.61
CA PRO A 184 43.64 -4.05 6.15
C PRO A 184 44.75 -4.65 5.26
N MET A 185 45.50 -3.81 4.54
CA MET A 185 46.33 -4.25 3.37
C MET A 185 47.80 -4.47 3.77
N GLY A 186 48.21 -5.74 3.81
CA GLY A 186 49.61 -6.21 3.88
C GLY A 186 50.19 -6.41 2.48
N ASP A 187 51.28 -7.18 2.35
CA ASP A 187 52.10 -7.26 1.09
C ASP A 187 51.73 -8.52 0.29
N TRP A 188 50.62 -9.18 0.62
CA TRP A 188 50.03 -10.26 -0.24
C TRP A 188 49.47 -9.65 -1.53
N THR A 189 49.38 -8.31 -1.58
CA THR A 189 49.13 -7.42 -2.75
C THR A 189 49.91 -7.86 -4.00
N SER A 190 51.25 -7.81 -3.93
CA SER A 190 52.21 -7.96 -5.06
C SER A 190 52.15 -9.35 -5.71
N ARG A 191 51.77 -10.37 -4.93
CA ARG A 191 51.63 -11.80 -5.34
C ARG A 191 50.23 -12.04 -5.92
N VAL A 192 49.25 -11.20 -5.53
CA VAL A 192 47.82 -11.30 -5.96
C VAL A 192 47.70 -10.70 -7.37
N VAL A 193 48.39 -9.59 -7.65
CA VAL A 193 48.52 -9.03 -9.03
C VAL A 193 49.34 -10.01 -9.88
N HIS A 194 50.30 -10.70 -9.27
CA HIS A 194 51.08 -11.81 -9.88
C HIS A 194 50.10 -12.85 -10.46
N LEU A 195 48.98 -13.12 -9.78
CA LEU A 195 47.95 -14.10 -10.21
C LEU A 195 47.42 -13.77 -11.62
N LEU A 196 47.38 -12.48 -12.00
CA LEU A 196 46.88 -12.05 -13.33
C LEU A 196 47.67 -12.81 -14.42
N ASN A 197 48.99 -12.92 -14.26
CA ASN A 197 49.86 -13.80 -15.08
C ASN A 197 49.72 -15.24 -14.56
N ASP A 198 48.59 -15.91 -14.85
CA ASP A 198 48.33 -17.31 -14.43
C ASP A 198 48.00 -18.16 -15.68
N GLN A 199 48.02 -19.49 -15.51
CA GLN A 199 47.59 -20.49 -16.52
C GLN A 199 46.13 -20.86 -16.26
N HIS A 200 45.79 -21.17 -14.99
CA HIS A 200 44.40 -21.39 -14.49
C HIS A 200 43.65 -20.05 -14.54
N LEU A 201 42.68 -19.91 -15.45
CA LEU A 201 41.94 -18.64 -15.72
C LEU A 201 40.70 -18.53 -14.81
N GLY A 202 40.18 -19.67 -14.32
CA GLY A 202 39.21 -19.73 -13.20
C GLY A 202 39.73 -19.03 -11.96
N VAL A 203 41.05 -18.99 -11.76
CA VAL A 203 41.73 -18.24 -10.66
C VAL A 203 41.78 -16.75 -11.01
N VAL A 204 42.10 -16.41 -12.28
CA VAL A 204 42.23 -15.01 -12.80
C VAL A 204 40.87 -14.30 -12.75
N THR A 205 39.79 -15.02 -13.08
CA THR A 205 38.39 -14.52 -13.08
C THR A 205 37.98 -14.28 -11.62
N ALA A 206 38.53 -15.07 -10.69
CA ALA A 206 38.29 -14.97 -9.23
C ALA A 206 39.18 -13.90 -8.60
N ALA A 207 40.27 -13.48 -9.27
CA ALA A 207 41.29 -12.56 -8.73
C ALA A 207 41.15 -11.15 -9.35
N THR A 208 40.88 -11.06 -10.66
CA THR A 208 40.48 -9.82 -11.39
C THR A 208 39.28 -9.13 -10.71
N SER A 209 38.41 -9.92 -10.05
CA SER A 209 37.29 -9.44 -9.21
C SER A 209 37.85 -8.81 -7.93
N LEU A 210 38.70 -9.57 -7.21
CA LEU A 210 39.25 -9.20 -5.88
C LEU A 210 40.16 -7.96 -6.00
N ILE A 211 40.94 -7.86 -7.09
CA ILE A 211 41.83 -6.70 -7.39
C ILE A 211 40.95 -5.46 -7.65
N THR A 212 39.78 -5.63 -8.26
CA THR A 212 38.81 -4.52 -8.47
C THR A 212 38.32 -4.07 -7.08
N THR A 213 37.22 -4.65 -6.58
CA THR A 213 36.40 -4.15 -5.44
C THR A 213 37.26 -3.59 -4.30
N LEU A 214 38.44 -4.16 -4.01
CA LEU A 214 39.41 -3.59 -3.03
C LEU A 214 40.09 -2.38 -3.67
N ALA A 215 40.99 -2.62 -4.64
CA ALA A 215 41.78 -1.59 -5.35
C ALA A 215 40.92 -0.97 -6.45
N GLN A 216 39.61 -0.86 -6.20
CA GLN A 216 38.69 0.06 -6.90
C GLN A 216 39.20 1.48 -6.66
N LYS A 217 39.76 1.70 -5.47
CA LYS A 217 40.28 3.00 -4.95
C LYS A 217 41.62 3.36 -5.61
N ASN A 218 42.46 2.39 -5.96
CA ASN A 218 43.86 2.66 -6.40
C ASN A 218 44.43 1.48 -7.19
N PRO A 219 44.22 1.40 -8.52
CA PRO A 219 44.96 0.48 -9.39
C PRO A 219 46.35 0.99 -9.84
N GLU A 220 46.66 2.28 -9.61
CA GLU A 220 48.02 2.87 -9.84
C GLU A 220 49.06 1.90 -9.28
N GLU A 221 48.81 1.42 -8.06
CA GLU A 221 49.59 0.42 -7.28
C GLU A 221 49.63 -0.90 -8.08
N PHE A 222 48.45 -1.45 -8.40
CA PHE A 222 48.25 -2.80 -8.97
C PHE A 222 48.51 -2.76 -10.48
N LYS A 223 48.88 -1.58 -10.99
CA LYS A 223 48.72 -1.24 -12.41
C LYS A 223 49.40 -2.34 -13.23
N THR A 224 50.73 -2.41 -13.13
CA THR A 224 51.62 -3.42 -13.79
C THR A 224 50.82 -4.21 -14.85
N SER A 225 50.06 -5.21 -14.41
CA SER A 225 49.47 -6.29 -15.26
C SER A 225 48.19 -5.79 -15.96
N VAL A 226 47.78 -4.56 -15.65
CA VAL A 226 46.82 -3.71 -16.44
C VAL A 226 46.93 -4.10 -17.94
N SER A 227 48.07 -3.76 -18.55
CA SER A 227 48.38 -3.94 -20.01
C SER A 227 48.06 -5.37 -20.44
N LEU A 228 48.61 -6.35 -19.73
CA LEU A 228 48.70 -7.78 -20.15
C LEU A 228 47.30 -8.42 -20.20
N ALA A 229 46.24 -7.63 -19.96
CA ALA A 229 44.83 -8.01 -20.20
C ALA A 229 44.62 -8.32 -21.69
N VAL A 230 45.13 -7.46 -22.57
CA VAL A 230 45.03 -7.55 -24.05
C VAL A 230 45.41 -8.97 -24.49
N SER A 231 46.65 -9.40 -24.17
CA SER A 231 47.31 -10.63 -24.67
C SER A 231 46.33 -11.80 -24.80
N ARG A 232 45.32 -11.88 -23.91
CA ARG A 232 44.37 -13.01 -23.83
C ARG A 232 43.07 -12.69 -24.60
N LEU A 233 43.18 -11.95 -25.71
CA LEU A 233 42.05 -11.69 -26.65
C LEU A 233 42.58 -11.58 -28.08
N SER A 234 43.40 -10.54 -28.31
CA SER A 234 43.90 -10.08 -29.64
C SER A 234 44.53 -11.26 -30.40
N ARG A 235 45.20 -12.17 -29.68
CA ARG A 235 45.93 -13.35 -30.23
C ARG A 235 45.01 -14.60 -30.25
N ILE A 236 43.70 -14.40 -30.05
CA ILE A 236 42.64 -15.45 -30.12
C ILE A 236 41.47 -14.88 -30.95
N VAL A 237 41.74 -13.95 -31.89
CA VAL A 237 40.71 -13.20 -32.69
C VAL A 237 41.28 -12.78 -34.06
N THR A 238 42.16 -11.75 -34.11
CA THR A 238 42.54 -10.96 -35.31
C THR A 238 42.99 -11.84 -36.50
N SER A 239 43.77 -12.90 -36.26
CA SER A 239 44.40 -13.76 -37.31
C SER A 239 43.49 -14.93 -37.71
N ALA A 240 43.41 -15.99 -36.88
CA ALA A 240 42.71 -17.27 -37.16
C ALA A 240 41.18 -17.09 -37.09
N SER A 241 40.41 -18.13 -37.43
CA SER A 241 38.93 -18.12 -37.57
C SER A 241 38.23 -18.56 -36.27
N THR A 242 38.31 -19.85 -35.95
CA THR A 242 37.69 -20.49 -34.75
C THR A 242 38.83 -21.00 -33.84
N ASP A 243 39.24 -20.16 -32.89
CA ASP A 243 40.56 -20.24 -32.18
C ASP A 243 40.54 -21.31 -31.08
N LEU A 244 41.68 -21.44 -30.37
CA LEU A 244 41.94 -22.38 -29.25
C LEU A 244 40.62 -22.83 -28.66
N GLN A 245 40.38 -24.14 -28.68
CA GLN A 245 39.24 -24.79 -27.98
C GLN A 245 39.57 -24.85 -26.47
N ASP A 246 39.13 -23.83 -25.71
CA ASP A 246 39.12 -23.77 -24.23
C ASP A 246 37.75 -23.29 -23.75
N TYR A 247 37.33 -22.13 -24.31
CA TYR A 247 36.09 -21.35 -24.02
C TYR A 247 35.43 -20.81 -25.31
N THR A 248 35.67 -21.40 -26.49
CA THR A 248 35.13 -20.92 -27.80
C THR A 248 33.60 -21.03 -27.79
N TYR A 249 32.93 -20.41 -26.82
CA TYR A 249 31.45 -20.47 -26.63
C TYR A 249 30.78 -19.58 -27.68
N TYR A 250 29.83 -20.16 -28.44
CA TYR A 250 29.11 -19.50 -29.56
C TYR A 250 30.07 -18.53 -30.29
N PHE A 251 31.24 -19.04 -30.68
CA PHE A 251 32.26 -18.41 -31.58
C PHE A 251 32.96 -17.22 -30.90
N VAL A 252 32.38 -16.67 -29.81
CA VAL A 252 32.97 -15.56 -29.02
C VAL A 252 34.05 -16.13 -28.10
N PRO A 253 35.28 -15.57 -28.14
CA PRO A 253 36.45 -16.18 -27.47
C PRO A 253 36.62 -15.91 -25.96
N ALA A 254 35.91 -16.66 -25.10
CA ALA A 254 36.02 -16.62 -23.61
C ALA A 254 35.49 -15.29 -23.05
N PRO A 255 34.16 -15.07 -23.05
CA PRO A 255 33.59 -13.73 -22.79
C PRO A 255 33.60 -13.22 -21.34
N TRP A 256 33.00 -13.97 -20.40
CA TRP A 256 32.49 -13.49 -19.08
C TRP A 256 33.65 -13.20 -18.13
N LEU A 257 34.74 -12.65 -18.67
CA LEU A 257 36.12 -12.62 -18.09
C LEU A 257 36.90 -11.41 -18.62
N SER A 258 36.59 -10.95 -19.85
CA SER A 258 37.09 -9.71 -20.51
C SER A 258 36.21 -8.53 -20.08
N VAL A 259 35.01 -8.83 -19.61
CA VAL A 259 34.09 -7.87 -18.92
C VAL A 259 34.71 -7.54 -17.56
N LYS A 260 35.17 -8.56 -16.80
CA LYS A 260 35.78 -8.34 -15.45
C LYS A 260 37.07 -7.50 -15.54
N LEU A 261 37.79 -7.52 -16.67
CA LEU A 261 39.10 -6.83 -16.88
C LEU A 261 38.88 -5.38 -17.33
N LEU A 262 38.17 -5.17 -18.45
CA LEU A 262 37.72 -3.84 -18.94
C LEU A 262 37.00 -3.09 -17.80
N ARG A 263 36.47 -3.82 -16.82
CA ARG A 263 35.71 -3.28 -15.66
C ARG A 263 36.67 -3.02 -14.47
N LEU A 264 37.90 -3.53 -14.51
CA LEU A 264 38.98 -3.16 -13.55
C LEU A 264 39.74 -1.92 -14.05
N LEU A 265 39.77 -1.70 -15.38
CA LEU A 265 40.42 -0.53 -16.05
C LEU A 265 39.56 0.72 -15.92
N GLN A 266 38.28 0.56 -15.55
CA GLN A 266 37.27 1.64 -15.35
C GLN A 266 37.34 2.21 -13.93
N CYS A 267 38.27 1.73 -13.10
CA CYS A 267 38.49 2.23 -11.71
C CYS A 267 39.19 3.59 -11.75
N TYR A 268 40.44 3.64 -12.24
CA TYR A 268 41.23 4.90 -12.34
C TYR A 268 41.89 5.03 -13.72
N PRO A 269 42.09 6.30 -14.17
CA PRO A 269 42.21 6.68 -15.58
C PRO A 269 42.99 5.81 -16.57
N PRO A 270 43.05 6.20 -17.86
CA PRO A 270 43.85 5.50 -18.87
C PRO A 270 45.32 5.29 -18.48
N PRO A 271 46.03 4.33 -19.10
CA PRO A 271 47.40 4.00 -18.71
C PRO A 271 48.41 5.05 -19.20
N GLU A 272 49.36 5.44 -18.32
CA GLU A 272 50.29 6.57 -18.51
C GLU A 272 51.43 6.18 -19.48
N ASP A 273 51.95 4.95 -19.39
CA ASP A 273 52.93 4.34 -20.36
C ASP A 273 52.46 4.60 -21.79
N PRO A 274 53.15 5.46 -22.58
CA PRO A 274 52.79 5.69 -23.98
C PRO A 274 52.66 4.46 -24.89
N ALA A 275 53.30 3.34 -24.54
CA ALA A 275 53.27 2.06 -25.29
C ALA A 275 52.02 1.27 -24.89
N VAL A 276 51.59 1.43 -23.63
CA VAL A 276 50.45 0.69 -22.99
C VAL A 276 49.10 1.37 -23.34
N ARG A 277 49.13 2.59 -23.90
CA ARG A 277 47.97 3.26 -24.53
C ARG A 277 48.01 3.00 -26.06
N GLY A 278 49.18 2.61 -26.58
CA GLY A 278 49.38 2.19 -27.99
C GLY A 278 49.10 0.71 -28.20
N ARG A 279 49.10 -0.08 -27.12
CA ARG A 279 48.73 -1.53 -27.13
C ARG A 279 47.23 -1.66 -26.83
N LEU A 280 46.70 -0.83 -25.92
CA LEU A 280 45.27 -0.83 -25.47
C LEU A 280 44.39 -0.30 -26.61
N THR A 281 44.72 0.87 -27.16
CA THR A 281 43.95 1.53 -28.24
C THR A 281 44.00 0.68 -29.52
N GLU A 282 45.06 -0.12 -29.71
CA GLU A 282 45.13 -1.13 -30.81
C GLU A 282 44.07 -2.20 -30.54
N CYS A 283 43.99 -2.67 -29.28
CA CYS A 283 43.10 -3.78 -28.84
C CYS A 283 41.63 -3.33 -28.86
N LEU A 284 41.36 -2.08 -28.46
CA LEU A 284 39.99 -1.48 -28.51
C LEU A 284 39.44 -1.62 -29.94
N GLU A 285 40.29 -1.40 -30.95
CA GLU A 285 39.93 -1.50 -32.40
C GLU A 285 40.08 -2.94 -32.88
N THR A 286 40.02 -3.91 -31.96
CA THR A 286 39.75 -5.36 -32.23
C THR A 286 38.27 -5.65 -31.95
N ILE A 287 37.67 -4.92 -31.00
CA ILE A 287 36.27 -5.14 -30.52
C ILE A 287 35.34 -4.27 -31.37
N LEU A 288 35.79 -3.08 -31.77
CA LEU A 288 35.15 -2.22 -32.80
C LEU A 288 35.30 -2.87 -34.19
N ASN A 289 36.04 -3.98 -34.29
CA ASN A 289 36.26 -4.74 -35.55
C ASN A 289 35.91 -6.24 -35.36
N LYS A 290 35.38 -6.61 -34.19
CA LYS A 290 34.57 -7.85 -34.00
C LYS A 290 33.11 -7.53 -34.34
N ALA A 291 32.75 -6.25 -34.22
CA ALA A 291 31.42 -5.67 -34.58
C ALA A 291 31.54 -4.85 -35.87
N GLN A 292 32.37 -5.29 -36.81
CA GLN A 292 32.33 -4.87 -38.24
C GLN A 292 32.53 -6.12 -39.11
N GLU A 293 31.98 -7.26 -38.65
CA GLU A 293 31.84 -8.57 -39.34
C GLU A 293 30.49 -9.17 -38.95
N PRO A 294 29.69 -9.74 -39.90
CA PRO A 294 28.27 -10.01 -39.67
C PRO A 294 28.01 -11.24 -38.78
N PRO A 295 26.73 -11.57 -38.49
CA PRO A 295 26.38 -12.67 -37.58
C PRO A 295 26.72 -14.08 -38.11
N LYS A 296 27.76 -14.70 -37.55
CA LYS A 296 28.19 -16.10 -37.84
C LYS A 296 27.51 -17.06 -36.86
N SER A 297 26.43 -16.60 -36.22
CA SER A 297 25.40 -17.43 -35.55
C SER A 297 24.06 -16.69 -35.61
N LYS A 298 23.00 -17.37 -36.06
CA LYS A 298 21.63 -16.81 -36.21
C LYS A 298 20.93 -16.72 -34.85
N LYS A 299 21.29 -17.62 -33.90
CA LYS A 299 20.69 -17.68 -32.53
C LYS A 299 21.45 -16.72 -31.61
N VAL A 300 20.73 -16.08 -30.69
CA VAL A 300 21.02 -14.75 -30.07
C VAL A 300 22.20 -14.83 -29.07
N GLN A 301 22.65 -16.04 -28.70
CA GLN A 301 23.67 -16.28 -27.64
C GLN A 301 25.03 -15.64 -27.97
N HIS A 302 25.31 -15.42 -29.26
CA HIS A 302 26.59 -14.91 -29.82
C HIS A 302 26.65 -13.38 -29.66
N SER A 303 25.88 -12.64 -30.47
CA SER A 303 25.84 -11.14 -30.47
C SER A 303 25.72 -10.66 -29.02
N ASN A 304 24.97 -11.40 -28.18
CA ASN A 304 24.89 -11.17 -26.71
C ASN A 304 26.31 -10.97 -26.16
N ALA A 305 27.11 -12.04 -26.13
CA ALA A 305 28.44 -12.11 -25.51
C ALA A 305 29.50 -11.35 -26.33
N LYS A 306 29.35 -11.26 -27.65
CA LYS A 306 30.20 -10.39 -28.51
C LYS A 306 30.02 -8.94 -28.02
N ASN A 307 28.80 -8.60 -27.58
CA ASN A 307 28.38 -7.24 -27.17
C ASN A 307 28.45 -7.10 -25.63
N ALA A 308 28.21 -8.17 -24.86
CA ALA A 308 28.50 -8.27 -23.41
C ALA A 308 29.90 -7.68 -23.14
N VAL A 309 30.88 -8.07 -23.96
CA VAL A 309 32.24 -7.47 -24.03
C VAL A 309 32.11 -6.08 -24.67
N LEU A 310 31.81 -6.01 -25.96
CA LEU A 310 31.80 -4.76 -26.78
C LEU A 310 31.21 -3.60 -25.97
N PHE A 311 30.20 -3.85 -25.13
CA PHE A 311 29.60 -2.82 -24.25
C PHE A 311 30.60 -2.43 -23.17
N GLU A 312 30.97 -3.38 -22.29
CA GLU A 312 31.95 -3.08 -21.20
C GLU A 312 33.17 -2.41 -21.80
N ALA A 313 33.57 -2.81 -23.02
CA ALA A 313 34.67 -2.20 -23.80
C ALA A 313 34.33 -0.73 -24.13
N ILE A 314 33.12 -0.47 -24.61
CA ILE A 314 32.62 0.91 -24.86
C ILE A 314 32.59 1.63 -23.50
N SER A 315 32.14 0.95 -22.43
CA SER A 315 32.01 1.51 -21.06
C SER A 315 33.33 2.11 -20.57
N LEU A 316 34.46 1.47 -20.94
CA LEU A 316 35.85 1.96 -20.67
C LEU A 316 36.14 3.14 -21.62
N ILE A 317 36.04 2.91 -22.93
CA ILE A 317 36.26 3.93 -24.00
C ILE A 317 35.81 5.31 -23.52
N ILE A 318 34.60 5.40 -22.97
CA ILE A 318 34.03 6.68 -22.46
C ILE A 318 34.85 7.08 -21.23
N HIS A 319 34.96 6.19 -20.23
CA HIS A 319 35.63 6.46 -18.92
C HIS A 319 37.02 7.07 -19.13
N HIS A 320 37.76 6.55 -20.13
CA HIS A 320 39.01 7.16 -20.67
C HIS A 320 38.72 8.61 -21.07
N ASP A 321 37.85 8.81 -22.08
CA ASP A 321 37.37 10.14 -22.58
C ASP A 321 38.49 10.85 -23.35
N SER A 322 39.57 10.14 -23.69
CA SER A 322 40.87 10.73 -24.12
C SER A 322 41.12 10.50 -25.62
N GLU A 323 40.33 9.64 -26.28
CA GLU A 323 40.61 9.10 -27.64
C GLU A 323 39.49 9.48 -28.59
N PRO A 324 39.30 10.77 -28.96
CA PRO A 324 38.18 11.18 -29.82
C PRO A 324 38.11 10.51 -31.20
N ASN A 325 39.08 9.66 -31.54
CA ASN A 325 38.87 8.60 -32.56
C ASN A 325 37.75 7.67 -32.05
N LEU A 326 38.01 6.98 -30.93
CA LEU A 326 37.18 5.87 -30.38
C LEU A 326 35.92 6.41 -29.67
N LEU A 327 35.73 7.74 -29.62
CA LEU A 327 34.51 8.36 -29.01
C LEU A 327 33.43 8.53 -30.10
N VAL A 328 33.63 9.46 -31.05
CA VAL A 328 32.62 9.81 -32.10
C VAL A 328 32.45 8.67 -33.11
N ARG A 329 33.27 7.60 -33.05
CA ARG A 329 33.14 6.40 -33.92
C ARG A 329 32.44 5.26 -33.14
N ALA A 330 32.42 5.32 -31.81
CA ALA A 330 31.74 4.34 -30.93
C ALA A 330 30.28 4.76 -30.70
N CYS A 331 29.97 6.06 -30.88
CA CYS A 331 28.62 6.66 -30.77
C CYS A 331 27.85 6.52 -32.08
N ASN A 332 28.56 6.45 -33.21
CA ASN A 332 28.00 6.09 -34.55
C ASN A 332 27.68 4.59 -34.52
N GLN A 333 28.44 3.85 -33.70
CA GLN A 333 28.29 2.40 -33.41
C GLN A 333 27.03 2.16 -32.57
N LEU A 334 26.84 2.92 -31.48
CA LEU A 334 25.61 2.85 -30.63
C LEU A 334 24.41 3.47 -31.36
N GLY A 335 24.65 4.29 -32.40
CA GLY A 335 23.62 4.88 -33.28
C GLY A 335 23.24 3.97 -34.43
N GLN A 336 23.53 2.67 -34.30
CA GLN A 336 23.07 1.58 -35.21
C GLN A 336 22.45 0.46 -34.38
N PHE A 337 22.23 0.69 -33.09
CA PHE A 337 21.54 -0.25 -32.17
C PHE A 337 20.20 0.36 -31.75
N LEU A 338 20.02 1.65 -32.03
CA LEU A 338 18.76 2.40 -31.77
C LEU A 338 17.67 1.83 -32.68
N GLN A 339 17.95 1.65 -33.98
CA GLN A 339 16.96 1.22 -35.01
C GLN A 339 16.92 -0.31 -35.11
N HIS A 340 17.87 -1.00 -34.48
CA HIS A 340 18.00 -2.49 -34.49
C HIS A 340 16.68 -3.10 -34.02
N ARG A 341 16.43 -4.36 -34.38
CA ARG A 341 15.11 -5.03 -34.19
C ARG A 341 14.91 -5.38 -32.71
N GLU A 342 15.92 -5.98 -32.04
CA GLU A 342 15.88 -6.36 -30.60
C GLU A 342 15.54 -5.12 -29.76
N THR A 343 14.84 -5.31 -28.63
CA THR A 343 14.50 -4.21 -27.67
C THR A 343 15.64 -4.05 -26.65
N ASN A 344 16.31 -5.16 -26.30
CA ASN A 344 17.55 -5.20 -25.47
C ASN A 344 18.64 -4.32 -26.06
N LEU A 345 18.97 -4.49 -27.35
CA LEU A 345 20.10 -3.81 -28.04
C LEU A 345 19.78 -2.32 -28.25
N ARG A 346 18.52 -1.97 -28.50
CA ARG A 346 18.10 -0.55 -28.50
C ARG A 346 18.24 -0.03 -27.05
N TYR A 347 17.56 -0.68 -26.08
CA TYR A 347 17.53 -0.34 -24.62
C TYR A 347 18.95 -0.01 -24.13
N LEU A 348 19.92 -0.90 -24.37
CA LEU A 348 21.33 -0.75 -23.92
C LEU A 348 22.01 0.41 -24.66
N ALA A 349 21.61 0.66 -25.91
CA ALA A 349 22.12 1.76 -26.76
C ALA A 349 21.48 3.09 -26.33
N LEU A 350 20.59 3.05 -25.33
CA LEU A 350 20.03 4.23 -24.63
C LEU A 350 20.57 4.30 -23.19
N GLU A 351 20.88 3.15 -22.58
CA GLU A 351 21.57 3.02 -21.27
C GLU A 351 22.99 3.59 -21.34
N SER A 352 23.68 3.32 -22.45
CA SER A 352 25.12 3.64 -22.64
C SER A 352 25.29 4.94 -23.45
N MET A 353 24.55 5.13 -24.55
CA MET A 353 24.57 6.43 -25.29
C MET A 353 24.39 7.56 -24.27
N CYS A 354 23.55 7.33 -23.26
CA CYS A 354 23.37 8.18 -22.05
C CYS A 354 24.72 8.81 -21.64
N THR A 355 25.70 7.96 -21.33
CA THR A 355 26.97 8.34 -20.67
C THR A 355 27.74 9.31 -21.58
N LEU A 356 27.96 8.94 -22.85
CA LEU A 356 28.70 9.77 -23.84
C LEU A 356 28.29 11.25 -23.73
N ALA A 357 26.98 11.50 -23.81
CA ALA A 357 26.31 12.75 -24.23
C ALA A 357 26.96 14.02 -23.66
N SER A 358 27.69 13.92 -22.54
CA SER A 358 28.23 15.08 -21.78
C SER A 358 29.73 15.30 -22.03
N SER A 359 30.41 14.41 -22.77
CA SER A 359 31.85 14.55 -23.15
C SER A 359 32.00 15.39 -24.42
N GLU A 360 32.73 16.52 -24.35
CA GLU A 360 32.87 17.52 -25.46
C GLU A 360 32.98 16.79 -26.80
N PHE A 361 33.92 15.85 -26.89
CA PHE A 361 34.34 15.18 -28.15
C PHE A 361 33.51 13.89 -28.30
N SER A 362 32.24 14.05 -28.69
CA SER A 362 31.21 12.98 -28.79
C SER A 362 29.81 13.60 -28.78
N HIS A 363 29.57 14.58 -27.90
CA HIS A 363 28.26 15.24 -27.65
C HIS A 363 27.64 15.75 -28.96
N GLU A 364 28.38 16.55 -29.72
CA GLU A 364 27.87 17.26 -30.93
C GLU A 364 27.23 16.24 -31.89
N ALA A 365 27.79 15.02 -31.93
CA ALA A 365 27.31 13.88 -32.75
C ALA A 365 26.08 13.26 -32.06
N VAL A 366 26.24 12.78 -30.83
CA VAL A 366 25.15 12.26 -29.95
C VAL A 366 23.92 13.16 -30.15
N LYS A 367 24.05 14.45 -29.85
CA LYS A 367 22.97 15.47 -29.94
C LYS A 367 22.16 15.28 -31.23
N THR A 368 22.84 14.88 -32.33
CA THR A 368 22.25 14.76 -33.70
C THR A 368 21.73 13.33 -33.95
N HIS A 369 21.37 12.59 -32.89
CA HIS A 369 20.64 11.28 -32.92
C HIS A 369 19.24 11.45 -32.32
N ILE A 370 18.79 12.69 -32.12
CA ILE A 370 17.69 13.05 -31.16
C ILE A 370 16.37 12.43 -31.61
N GLU A 371 15.82 12.84 -32.76
CA GLU A 371 14.45 12.48 -33.22
C GLU A 371 14.25 10.97 -33.04
N THR A 372 15.26 10.16 -33.44
CA THR A 372 15.31 8.69 -33.21
C THR A 372 14.82 8.40 -31.79
N VAL A 373 15.32 9.14 -30.80
CA VAL A 373 15.02 8.87 -29.36
C VAL A 373 13.62 9.39 -29.04
N ILE A 374 13.31 10.65 -29.41
CA ILE A 374 11.98 11.29 -29.20
C ILE A 374 10.93 10.28 -29.65
N ASN A 375 11.08 9.86 -30.91
CA ASN A 375 10.11 8.99 -31.65
C ASN A 375 10.47 7.53 -31.35
N ALA A 376 11.05 7.31 -30.17
CA ALA A 376 11.24 6.01 -29.49
C ALA A 376 10.85 6.14 -28.01
N LEU A 377 10.75 7.39 -27.53
CA LEU A 377 9.91 7.81 -26.37
C LEU A 377 8.43 7.66 -26.78
N LYS A 378 8.11 8.03 -28.02
CA LYS A 378 6.76 7.93 -28.60
C LYS A 378 6.59 6.59 -29.33
N THR A 379 7.13 5.48 -28.81
CA THR A 379 7.03 4.14 -29.45
C THR A 379 7.11 3.02 -28.39
N GLU A 380 8.09 2.12 -28.50
CA GLU A 380 8.14 0.73 -27.94
C GLU A 380 7.09 0.46 -26.85
N ARG A 381 6.93 1.38 -25.89
CA ARG A 381 5.89 1.33 -24.83
C ARG A 381 6.12 0.08 -23.96
N ASP A 382 6.80 0.28 -22.83
CA ASP A 382 6.92 -0.68 -21.70
C ASP A 382 7.65 0.03 -20.56
N VAL A 383 7.17 1.24 -20.20
CA VAL A 383 7.74 2.16 -19.17
C VAL A 383 9.27 2.26 -19.35
N SER A 384 9.98 1.16 -19.04
CA SER A 384 11.46 1.03 -18.94
C SER A 384 12.15 1.40 -20.27
N VAL A 385 11.63 0.94 -21.41
CA VAL A 385 12.28 1.15 -22.74
C VAL A 385 12.23 2.63 -23.12
N ARG A 386 11.09 3.30 -22.93
CA ARG A 386 10.93 4.77 -23.09
C ARG A 386 11.59 5.53 -21.92
N GLN A 387 11.35 5.13 -20.67
CA GLN A 387 11.98 5.72 -19.46
C GLN A 387 13.44 6.07 -19.80
N ARG A 388 14.27 5.06 -20.03
CA ARG A 388 15.72 5.19 -20.36
C ARG A 388 15.96 6.16 -21.53
N ALA A 389 14.97 6.40 -22.39
CA ALA A 389 15.09 7.31 -23.57
C ALA A 389 14.95 8.78 -23.14
N VAL A 390 14.25 9.01 -22.02
CA VAL A 390 14.15 10.34 -21.34
C VAL A 390 15.55 10.68 -20.84
N ASP A 391 16.08 9.84 -19.94
CA ASP A 391 17.45 9.92 -19.37
C ASP A 391 18.45 10.38 -20.43
N LEU A 392 18.22 10.04 -21.71
CA LEU A 392 19.11 10.38 -22.86
C LEU A 392 18.79 11.80 -23.40
N LEU A 393 17.56 12.06 -23.84
CA LEU A 393 17.07 13.43 -24.10
C LEU A 393 17.60 14.37 -23.01
N TYR A 394 17.45 13.96 -21.75
CA TYR A 394 17.84 14.71 -20.53
C TYR A 394 19.35 14.94 -20.49
N ALA A 395 20.15 13.95 -20.86
CA ALA A 395 21.63 14.10 -20.97
C ALA A 395 21.97 14.97 -22.19
N MET A 396 21.38 14.73 -23.37
CA MET A 396 21.78 15.43 -24.60
C MET A 396 21.37 16.91 -24.56
N CYS A 397 20.33 17.28 -23.79
CA CYS A 397 19.78 18.67 -23.75
C CYS A 397 20.90 19.69 -23.55
N ASP A 398 21.02 20.62 -24.50
CA ASP A 398 21.70 21.93 -24.31
C ASP A 398 20.76 23.01 -24.87
N ARG A 399 21.20 24.28 -24.90
CA ARG A 399 20.35 25.46 -25.18
C ARG A 399 19.52 25.22 -26.44
N SER A 400 20.11 24.59 -27.46
CA SER A 400 19.47 24.21 -28.75
C SER A 400 18.24 23.33 -28.47
N ASN A 401 18.50 22.14 -27.88
CA ASN A 401 17.56 21.02 -27.63
C ASN A 401 16.33 21.46 -26.83
N ALA A 402 16.57 22.28 -25.80
CA ALA A 402 15.71 22.51 -24.62
C ALA A 402 14.23 22.59 -25.04
N GLN A 403 13.80 23.75 -25.54
CA GLN A 403 12.36 24.10 -25.69
C GLN A 403 11.57 22.88 -26.18
N GLN A 404 12.11 22.17 -27.18
CA GLN A 404 11.54 20.91 -27.75
C GLN A 404 11.61 19.86 -26.65
N ILE A 405 12.82 19.64 -26.15
CA ILE A 405 13.17 18.60 -25.13
C ILE A 405 12.39 18.80 -23.82
N VAL A 406 12.00 20.03 -23.50
CA VAL A 406 11.12 20.33 -22.32
C VAL A 406 9.68 19.95 -22.68
N ALA A 407 9.10 20.59 -23.70
CA ALA A 407 7.70 20.33 -24.13
C ALA A 407 7.51 18.82 -24.37
N GLU A 408 8.61 18.11 -24.68
CA GLU A 408 8.57 16.66 -24.97
C GLU A 408 8.38 15.89 -23.66
N MET A 409 9.22 16.19 -22.66
CA MET A 409 9.16 15.56 -21.32
C MET A 409 7.85 15.95 -20.65
N LEU A 410 7.48 17.23 -20.73
CA LEU A 410 6.14 17.72 -20.31
C LEU A 410 5.07 16.78 -20.87
N SER A 411 5.12 16.48 -22.16
CA SER A 411 4.17 15.52 -22.79
C SER A 411 4.28 14.18 -22.07
N TYR A 412 5.47 13.57 -22.00
CA TYR A 412 5.67 12.26 -21.32
C TYR A 412 5.03 12.37 -19.94
N LEU A 413 5.34 13.40 -19.15
CA LEU A 413 4.92 13.55 -17.72
C LEU A 413 3.47 13.10 -17.51
N GLU A 414 2.50 13.78 -18.14
CA GLU A 414 1.06 13.46 -17.97
C GLU A 414 0.94 11.94 -17.97
N THR A 415 1.02 11.35 -19.17
CA THR A 415 0.71 9.93 -19.47
C THR A 415 1.49 9.05 -18.49
N ALA A 416 2.75 9.40 -18.22
CA ALA A 416 3.77 8.53 -17.59
C ALA A 416 3.36 8.11 -16.18
N ASP A 417 4.11 7.14 -15.66
CA ASP A 417 3.77 6.25 -14.54
C ASP A 417 3.95 7.00 -13.22
N TYR A 418 2.91 7.11 -12.40
CA TYR A 418 2.91 7.76 -11.07
C TYR A 418 4.27 7.55 -10.37
N SER A 419 4.72 6.28 -10.33
CA SER A 419 5.81 5.70 -9.48
C SER A 419 7.13 6.47 -9.60
N ILE A 420 7.20 7.46 -10.49
CA ILE A 420 8.40 8.33 -10.66
C ILE A 420 7.94 9.79 -10.72
N ARG A 421 7.44 10.24 -11.88
CA ARG A 421 6.97 11.63 -12.18
C ARG A 421 7.97 12.64 -11.62
N GLU A 422 8.01 12.81 -10.30
CA GLU A 422 9.07 13.59 -9.61
C GLU A 422 10.39 13.45 -10.38
N GLU A 423 10.93 12.23 -10.47
CA GLU A 423 12.04 11.85 -11.40
C GLU A 423 12.12 12.80 -12.59
N ILE A 424 11.04 12.87 -13.38
CA ILE A 424 10.93 13.69 -14.62
C ILE A 424 10.88 15.17 -14.21
N VAL A 425 10.01 15.51 -13.26
CA VAL A 425 9.84 16.87 -12.69
C VAL A 425 11.23 17.45 -12.39
N LEU A 426 11.99 16.81 -11.49
CA LEU A 426 13.34 17.26 -11.06
C LEU A 426 14.17 17.62 -12.30
N LYS A 427 14.11 16.74 -13.31
CA LYS A 427 14.86 16.90 -14.58
C LYS A 427 14.40 18.19 -15.26
N VAL A 428 13.11 18.31 -15.59
CA VAL A 428 12.56 19.51 -16.30
C VAL A 428 12.95 20.79 -15.54
N ALA A 429 12.70 20.85 -14.23
CA ALA A 429 13.19 21.92 -13.33
C ALA A 429 14.64 22.26 -13.72
N ILE A 430 15.57 21.32 -13.51
CA ILE A 430 17.04 21.51 -13.74
C ILE A 430 17.28 22.04 -15.16
N LEU A 431 16.76 21.35 -16.17
CA LEU A 431 16.97 21.71 -17.60
C LEU A 431 16.53 23.15 -17.82
N ALA A 432 15.24 23.43 -17.61
CA ALA A 432 14.63 24.75 -17.82
C ALA A 432 15.60 25.85 -17.38
N GLU A 433 16.01 25.83 -16.11
CA GLU A 433 16.83 26.90 -15.51
C GLU A 433 18.23 26.85 -16.12
N LYS A 434 18.73 25.65 -16.45
CA LYS A 434 20.15 25.47 -16.86
C LYS A 434 20.34 25.88 -18.33
N TYR A 435 19.29 26.18 -19.10
CA TYR A 435 19.39 26.47 -20.56
C TYR A 435 18.34 27.48 -21.05
N ALA A 436 17.98 28.49 -20.23
CA ALA A 436 16.90 29.46 -20.53
C ALA A 436 17.45 30.74 -21.15
N VAL A 437 17.33 30.89 -22.48
CA VAL A 437 17.73 32.11 -23.23
C VAL A 437 16.91 33.25 -22.61
N ASP A 438 15.59 33.09 -22.58
CA ASP A 438 14.60 33.98 -21.90
C ASP A 438 14.06 33.23 -20.67
N TYR A 439 13.92 33.91 -19.52
CA TYR A 439 13.53 33.34 -18.21
C TYR A 439 12.00 33.35 -18.06
N THR A 440 11.29 34.14 -18.88
CA THR A 440 9.81 34.14 -19.00
C THR A 440 9.34 32.73 -19.37
N TRP A 441 10.19 31.99 -20.07
CA TRP A 441 10.09 30.52 -20.24
C TRP A 441 10.19 29.85 -18.88
N TYR A 442 11.31 30.05 -18.16
CA TYR A 442 11.60 29.32 -16.89
C TYR A 442 10.34 29.29 -16.02
N VAL A 443 9.72 30.46 -15.82
CA VAL A 443 8.52 30.58 -14.95
C VAL A 443 7.42 29.70 -15.53
N ASP A 444 7.07 29.88 -16.82
CA ASP A 444 5.90 29.22 -17.45
C ASP A 444 6.02 27.71 -17.30
N THR A 445 7.24 27.16 -17.40
CA THR A 445 7.48 25.68 -17.41
C THR A 445 7.33 25.14 -15.97
N ILE A 446 7.88 25.85 -14.96
CA ILE A 446 7.78 25.46 -13.53
C ILE A 446 6.32 25.55 -13.08
N LEU A 447 5.54 26.43 -13.69
CA LEU A 447 4.08 26.54 -13.42
C LEU A 447 3.36 25.33 -14.03
N ASN A 448 3.80 24.90 -15.22
CA ASN A 448 3.29 23.69 -15.91
C ASN A 448 3.57 22.52 -15.00
N LEU A 449 4.84 22.40 -14.63
CA LEU A 449 5.34 21.41 -13.66
C LEU A 449 4.43 21.34 -12.41
N ILE A 450 3.73 22.44 -12.08
CA ILE A 450 2.76 22.45 -10.94
C ILE A 450 1.35 22.09 -11.45
N ARG A 451 0.99 22.43 -12.69
CA ARG A 451 -0.33 22.02 -13.24
C ARG A 451 -0.36 20.49 -13.46
N ILE A 452 0.71 19.92 -14.02
CA ILE A 452 0.72 18.56 -14.64
C ILE A 452 1.00 17.51 -13.56
N ALA A 453 2.05 17.72 -12.76
CA ALA A 453 2.32 16.95 -11.52
C ALA A 453 1.71 17.74 -10.35
N GLY A 454 2.53 18.58 -9.72
CA GLY A 454 2.13 19.37 -8.56
C GLY A 454 2.22 18.52 -7.32
N ASP A 455 1.50 17.40 -7.33
CA ASP A 455 1.62 16.32 -6.33
C ASP A 455 3.04 15.73 -6.37
N TYR A 456 3.82 15.99 -7.43
CA TYR A 456 5.20 15.43 -7.59
C TYR A 456 6.22 16.55 -7.79
N VAL A 457 5.80 17.79 -7.51
CA VAL A 457 6.58 19.04 -7.75
C VAL A 457 7.79 19.13 -6.81
N SER A 458 7.97 18.16 -5.89
CA SER A 458 9.12 18.09 -4.97
C SER A 458 9.05 19.23 -3.96
N GLU A 459 10.07 19.33 -3.10
CA GLU A 459 10.25 20.41 -2.10
C GLU A 459 11.13 21.51 -2.71
N GLU A 460 12.25 21.08 -3.26
CA GLU A 460 13.43 21.91 -3.61
C GLU A 460 13.17 22.60 -4.96
N VAL A 461 12.21 22.09 -5.72
CA VAL A 461 11.95 22.64 -7.07
C VAL A 461 11.28 23.99 -6.90
N TRP A 462 10.29 24.09 -5.99
CA TRP A 462 9.51 25.33 -5.73
C TRP A 462 10.30 26.33 -4.87
N TYR A 463 11.23 25.86 -4.04
CA TYR A 463 12.31 26.70 -3.47
C TYR A 463 12.99 27.42 -4.63
N ARG A 464 13.55 26.64 -5.55
CA ARG A 464 14.42 27.17 -6.63
C ARG A 464 13.64 28.08 -7.59
N VAL A 465 12.31 27.94 -7.75
CA VAL A 465 11.56 28.84 -8.68
C VAL A 465 11.40 30.20 -8.02
N ILE A 466 11.62 30.28 -6.70
CA ILE A 466 11.66 31.57 -5.96
C ILE A 466 13.11 32.09 -5.99
N GLN A 467 14.07 31.36 -5.42
CA GLN A 467 15.51 31.74 -5.46
C GLN A 467 15.83 32.46 -6.78
N ILE A 468 15.46 31.87 -7.92
CA ILE A 468 15.82 32.36 -9.28
C ILE A 468 15.03 33.63 -9.59
N VAL A 469 13.74 33.65 -9.27
CA VAL A 469 12.86 34.82 -9.56
C VAL A 469 13.24 36.00 -8.65
N ILE A 470 13.74 35.79 -7.43
CA ILE A 470 14.29 36.95 -6.65
C ILE A 470 15.79 37.08 -6.96
N ASN A 471 16.21 36.71 -8.18
CA ASN A 471 17.56 37.03 -8.71
C ASN A 471 17.46 37.74 -10.07
N ARG A 472 16.28 37.74 -10.71
CA ARG A 472 16.07 38.20 -12.10
C ARG A 472 15.02 39.31 -12.13
N ASP A 473 15.42 40.55 -12.44
CA ASP A 473 14.58 41.77 -12.31
C ASP A 473 13.61 41.86 -13.50
N ASP A 474 13.94 41.18 -14.60
CA ASP A 474 13.17 41.19 -15.88
C ASP A 474 11.85 40.41 -15.71
N VAL A 475 11.86 39.35 -14.89
CA VAL A 475 10.72 38.38 -14.76
C VAL A 475 9.76 38.83 -13.64
N GLN A 476 10.30 39.34 -12.53
CA GLN A 476 9.54 39.71 -11.31
C GLN A 476 8.13 40.11 -11.73
N GLY A 477 7.97 41.22 -12.41
CA GLY A 477 6.65 41.76 -12.75
C GLY A 477 5.79 40.75 -13.49
N TYR A 478 6.43 39.92 -14.36
CA TYR A 478 5.76 38.87 -15.19
C TYR A 478 5.29 37.75 -14.26
N ALA A 479 6.23 37.22 -13.48
CA ALA A 479 5.97 36.19 -12.46
C ALA A 479 4.73 36.64 -11.69
N ALA A 480 4.77 37.85 -11.13
CA ALA A 480 3.70 38.43 -10.32
C ALA A 480 2.36 38.23 -11.05
N LYS A 481 2.26 38.74 -12.28
CA LYS A 481 1.00 38.69 -13.08
C LYS A 481 0.60 37.23 -13.27
N THR A 482 1.49 36.44 -13.87
CA THR A 482 1.22 35.03 -14.26
C THR A 482 0.79 34.24 -13.03
N VAL A 483 1.59 34.28 -11.96
CA VAL A 483 1.29 33.61 -10.66
C VAL A 483 -0.10 34.04 -10.18
N PHE A 484 -0.33 35.34 -10.02
CA PHE A 484 -1.64 35.95 -9.63
C PHE A 484 -2.72 35.21 -10.42
N GLU A 485 -2.61 35.25 -11.75
CA GLU A 485 -3.66 34.75 -12.69
C GLU A 485 -3.86 33.24 -12.51
N ALA A 486 -2.80 32.49 -12.18
CA ALA A 486 -2.88 31.04 -11.89
C ALA A 486 -3.82 30.79 -10.69
N LEU A 487 -3.71 31.64 -9.67
CA LEU A 487 -4.33 31.46 -8.34
C LEU A 487 -5.84 31.72 -8.40
N GLN A 488 -6.35 32.38 -9.43
CA GLN A 488 -7.82 32.59 -9.54
C GLN A 488 -8.42 31.41 -10.31
N ALA A 489 -7.59 30.48 -10.79
CA ALA A 489 -8.03 29.09 -11.05
C ALA A 489 -8.66 28.61 -9.74
N PRO A 490 -9.94 28.17 -9.75
CA PRO A 490 -10.66 27.92 -8.50
C PRO A 490 -10.18 26.64 -7.76
N ALA A 491 -9.48 25.75 -8.48
CA ALA A 491 -8.98 24.45 -8.00
C ALA A 491 -7.46 24.38 -8.16
N CYS A 492 -6.74 25.43 -7.76
CA CYS A 492 -5.24 25.51 -7.87
C CYS A 492 -4.59 24.56 -6.86
N HIS A 493 -3.41 24.04 -7.21
CA HIS A 493 -2.63 23.08 -6.38
C HIS A 493 -1.92 23.84 -5.26
N GLU A 494 -1.73 23.18 -4.12
CA GLU A 494 -1.11 23.79 -2.90
C GLU A 494 0.19 24.49 -3.32
N ASN A 495 1.04 23.80 -4.06
CA ASN A 495 2.40 24.29 -4.37
C ASN A 495 2.35 25.52 -5.28
N LEU A 496 1.23 25.79 -5.98
CA LEU A 496 1.03 27.11 -6.63
C LEU A 496 0.99 28.15 -5.51
N VAL A 497 0.14 27.92 -4.51
CA VAL A 497 -0.14 28.88 -3.40
C VAL A 497 1.16 29.10 -2.63
N LYS A 498 1.90 28.05 -2.27
CA LYS A 498 3.23 28.21 -1.61
C LYS A 498 4.12 29.16 -2.43
N VAL A 499 4.07 29.11 -3.77
CA VAL A 499 4.88 29.96 -4.69
C VAL A 499 4.16 31.31 -4.84
N GLY A 500 3.03 31.33 -5.55
CA GLY A 500 2.22 32.53 -5.79
C GLY A 500 2.01 33.35 -4.52
N GLY A 501 2.12 32.72 -3.36
CA GLY A 501 1.97 33.36 -2.03
C GLY A 501 3.21 34.11 -1.64
N TYR A 502 4.39 33.58 -1.93
CA TYR A 502 5.69 34.27 -1.66
C TYR A 502 5.94 35.29 -2.77
N ILE A 503 5.58 34.94 -4.00
CA ILE A 503 5.84 35.77 -5.22
C ILE A 503 5.17 37.14 -5.03
N LEU A 504 3.86 37.20 -4.81
CA LEU A 504 3.15 38.50 -4.57
C LEU A 504 3.67 39.11 -3.26
N GLY A 505 4.00 38.29 -2.25
CA GLY A 505 4.66 38.74 -1.02
C GLY A 505 5.79 39.72 -1.29
N GLU A 506 6.57 39.48 -2.34
CA GLU A 506 7.75 40.33 -2.68
C GLU A 506 7.45 41.31 -3.82
N PHE A 507 6.56 40.97 -4.75
CA PHE A 507 6.44 41.66 -6.05
C PHE A 507 4.98 41.92 -6.39
N GLY A 508 4.09 41.84 -5.40
CA GLY A 508 2.66 42.17 -5.59
C GLY A 508 2.45 43.59 -6.08
N ASN A 509 3.30 44.53 -5.68
CA ASN A 509 3.21 45.98 -6.04
C ASN A 509 3.32 46.18 -7.57
N LEU A 510 4.01 45.26 -8.27
CA LEU A 510 4.26 45.31 -9.74
C LEU A 510 3.09 44.64 -10.46
N ILE A 511 1.86 45.08 -10.19
CA ILE A 511 0.58 44.41 -10.57
C ILE A 511 -0.57 45.09 -9.82
N ALA A 512 -0.25 45.79 -8.72
CA ALA A 512 -1.12 46.71 -7.96
C ALA A 512 -1.85 47.67 -8.91
N GLY A 513 -1.12 48.21 -9.90
CA GLY A 513 -1.65 49.10 -10.95
C GLY A 513 -2.91 48.52 -11.60
N ASP A 514 -2.80 47.41 -12.31
CA ASP A 514 -3.94 46.72 -12.94
C ASP A 514 -5.14 46.83 -11.99
N PRO A 515 -6.33 47.22 -12.47
CA PRO A 515 -7.49 47.36 -11.59
C PRO A 515 -8.12 46.01 -11.20
N ARG A 516 -7.74 44.92 -11.87
CA ARG A 516 -8.26 43.56 -11.52
C ARG A 516 -7.21 42.81 -10.66
N SER A 517 -6.14 43.49 -10.20
CA SER A 517 -5.20 42.92 -9.20
C SER A 517 -4.73 43.98 -8.18
N SER A 518 -5.64 44.85 -7.73
CA SER A 518 -5.42 45.84 -6.63
C SER A 518 -5.17 45.11 -5.32
N PRO A 519 -4.40 45.69 -4.38
CA PRO A 519 -4.00 44.97 -3.16
C PRO A 519 -5.16 44.37 -2.33
N LEU A 520 -6.28 45.06 -2.28
CA LEU A 520 -7.52 44.44 -1.72
C LEU A 520 -7.76 43.15 -2.50
N ILE A 521 -7.83 43.25 -3.84
CA ILE A 521 -8.20 42.14 -4.79
C ILE A 521 -7.27 40.94 -4.55
N GLN A 522 -5.95 41.18 -4.48
CA GLN A 522 -4.86 40.18 -4.28
C GLN A 522 -5.01 39.48 -2.93
N PHE A 523 -4.81 40.22 -1.83
CA PHE A 523 -5.01 39.70 -0.45
C PHE A 523 -6.27 38.83 -0.41
N ASN A 524 -7.44 39.44 -0.67
CA ASN A 524 -8.75 38.75 -0.59
C ASN A 524 -8.66 37.39 -1.27
N LEU A 525 -7.97 37.31 -2.40
CA LEU A 525 -7.80 36.05 -3.19
C LEU A 525 -6.81 35.08 -2.50
N LEU A 526 -5.71 35.55 -1.89
CA LEU A 526 -4.82 34.64 -1.13
C LEU A 526 -5.61 34.06 0.06
N HIS A 527 -6.43 34.86 0.74
CA HIS A 527 -7.19 34.40 1.93
C HIS A 527 -8.29 33.44 1.45
N SER A 528 -8.59 33.42 0.15
CA SER A 528 -9.53 32.44 -0.46
C SER A 528 -8.92 31.04 -0.44
N LYS A 529 -7.60 30.93 -0.21
CA LYS A 529 -6.85 29.63 -0.13
C LYS A 529 -6.38 29.34 1.31
N PHE A 530 -6.39 30.35 2.19
CA PHE A 530 -5.77 30.28 3.54
C PHE A 530 -6.39 29.13 4.32
N HIS A 531 -7.73 29.06 4.32
CA HIS A 531 -8.52 28.10 5.13
C HIS A 531 -8.40 26.67 4.56
N LEU A 532 -7.78 26.51 3.38
CA LEU A 532 -7.83 25.24 2.63
C LEU A 532 -6.45 24.61 2.63
N CYS A 533 -5.51 25.14 3.42
CA CYS A 533 -4.07 24.79 3.32
C CYS A 533 -3.52 24.12 4.59
N SER A 534 -2.36 23.50 4.42
CA SER A 534 -1.49 22.96 5.48
C SER A 534 -1.01 24.12 6.34
N VAL A 535 -0.86 23.88 7.64
CA VAL A 535 -0.21 24.85 8.59
C VAL A 535 0.93 25.53 7.85
N PRO A 536 2.01 24.82 7.43
CA PRO A 536 3.20 25.49 6.90
C PRO A 536 2.81 26.51 5.82
N THR A 537 1.97 26.09 4.88
CA THR A 537 1.49 26.96 3.80
C THR A 537 0.78 28.17 4.42
N ARG A 538 -0.03 27.98 5.46
CA ARG A 538 -0.67 29.12 6.14
C ARG A 538 0.42 30.00 6.76
N ALA A 539 1.41 29.40 7.41
CA ALA A 539 2.52 30.13 8.09
C ALA A 539 3.21 31.07 7.11
N LEU A 540 3.41 30.61 5.87
CA LEU A 540 3.99 31.44 4.79
C LEU A 540 3.00 32.59 4.53
N LEU A 541 1.75 32.27 4.20
CA LEU A 541 0.76 33.30 3.80
C LEU A 541 0.81 34.45 4.83
N LEU A 542 0.94 34.13 6.11
CA LEU A 542 0.94 35.15 7.20
C LEU A 542 2.06 36.15 6.94
N SER A 543 3.25 35.67 6.53
CA SER A 543 4.39 36.54 6.14
C SER A 543 4.00 37.37 4.92
N THR A 544 3.45 36.73 3.90
CA THR A 544 2.94 37.43 2.69
C THR A 544 1.89 38.45 3.13
N TYR A 545 1.11 38.17 4.19
CA TYR A 545 0.10 39.11 4.75
C TYR A 545 0.80 40.34 5.35
N ILE A 546 1.84 40.14 6.14
CA ILE A 546 2.41 41.26 6.94
C ILE A 546 3.33 42.05 6.00
N LYS A 547 3.94 41.35 5.07
CA LYS A 547 4.61 41.99 3.92
C LYS A 547 3.58 42.93 3.25
N PHE A 548 2.45 42.41 2.76
CA PHE A 548 1.33 43.23 2.20
C PHE A 548 1.02 44.42 3.11
N VAL A 549 1.07 44.23 4.43
CA VAL A 549 0.74 45.30 5.44
C VAL A 549 1.79 46.42 5.36
N ASN A 550 2.83 46.22 4.55
CA ASN A 550 3.86 47.24 4.24
C ASN A 550 3.69 47.75 2.80
N LEU A 551 3.63 46.85 1.83
CA LEU A 551 3.52 47.18 0.38
C LEU A 551 2.34 48.12 0.20
N PHE A 552 1.23 47.74 0.80
CA PHE A 552 -0.09 48.42 0.68
C PHE A 552 -0.61 48.61 2.09
N PRO A 553 -0.58 49.85 2.62
CA PRO A 553 -1.27 50.16 3.87
C PRO A 553 -2.75 50.47 3.62
N GLU A 554 -3.20 50.42 2.36
CA GLU A 554 -4.64 50.49 2.00
C GLU A 554 -5.42 49.41 2.74
N VAL A 555 -4.80 48.25 2.91
CA VAL A 555 -5.52 46.99 3.24
C VAL A 555 -5.15 46.53 4.67
N LYS A 556 -4.18 47.21 5.32
CA LYS A 556 -3.75 47.04 6.75
C LYS A 556 -4.96 47.12 7.68
N ALA A 557 -6.01 47.83 7.23
CA ALA A 557 -7.41 47.65 7.65
C ALA A 557 -7.64 46.15 7.93
N THR A 558 -7.89 45.38 6.86
CA THR A 558 -8.40 43.98 6.86
C THR A 558 -7.40 42.97 7.42
N ILE A 559 -6.11 43.12 7.10
CA ILE A 559 -5.09 42.09 7.39
C ILE A 559 -4.88 42.01 8.91
N GLN A 560 -4.95 43.12 9.61
CA GLN A 560 -4.91 43.12 11.09
C GLN A 560 -6.09 42.33 11.63
N ASP A 561 -7.32 42.69 11.24
CA ASP A 561 -8.61 42.03 11.64
C ASP A 561 -8.56 40.53 11.36
N VAL A 562 -7.72 40.08 10.43
CA VAL A 562 -7.45 38.63 10.22
C VAL A 562 -6.48 38.16 11.32
N LEU A 563 -5.40 38.88 11.56
CA LEU A 563 -4.35 38.46 12.53
C LEU A 563 -4.94 38.42 13.95
N ARG A 564 -5.88 39.32 14.29
CA ARG A 564 -6.50 39.39 15.64
C ARG A 564 -7.40 38.18 15.85
N SER A 565 -8.16 37.83 14.80
CA SER A 565 -9.15 36.72 14.77
C SER A 565 -8.70 35.62 15.72
N ASP A 566 -9.57 35.21 16.63
CA ASP A 566 -9.42 33.97 17.45
C ASP A 566 -8.61 32.92 16.66
N SER A 567 -9.19 32.49 15.52
CA SER A 567 -8.63 31.52 14.54
C SER A 567 -7.08 31.57 14.60
N GLN A 568 -6.48 32.75 14.39
CA GLN A 568 -5.02 32.97 14.17
C GLN A 568 -4.27 33.20 15.50
N LEU A 569 -4.80 34.08 16.36
CA LEU A 569 -4.14 34.54 17.62
C LEU A 569 -4.04 33.38 18.60
N LYS A 570 -5.08 32.55 18.66
CA LYS A 570 -5.25 31.44 19.65
C LYS A 570 -4.94 30.08 19.03
N ASN A 571 -4.12 30.00 17.96
CA ASN A 571 -3.91 28.72 17.23
C ASN A 571 -3.15 27.70 18.08
N ALA A 572 -3.50 26.43 17.87
CA ALA A 572 -2.90 25.27 18.56
C ALA A 572 -1.53 25.01 17.98
N ASP A 573 -1.28 25.43 16.74
CA ASP A 573 0.04 25.24 16.08
C ASP A 573 0.95 26.39 16.49
N VAL A 574 2.10 26.05 17.09
CA VAL A 574 3.16 27.02 17.51
C VAL A 574 3.28 28.16 16.47
N GLU A 575 3.91 27.91 15.32
CA GLU A 575 4.29 29.00 14.38
C GLU A 575 3.02 29.77 14.00
N LEU A 576 2.09 29.14 13.30
CA LEU A 576 0.78 29.75 12.97
C LEU A 576 0.30 30.76 14.04
N GLN A 577 0.77 30.68 15.29
CA GLN A 577 0.43 31.67 16.34
C GLN A 577 1.64 32.59 16.56
N GLN A 578 2.77 32.03 16.97
CA GLN A 578 4.07 32.74 17.05
C GLN A 578 4.01 33.91 16.05
N ARG A 579 3.70 33.62 14.78
CA ARG A 579 3.64 34.58 13.64
C ARG A 579 2.46 35.54 13.87
N ALA A 580 1.24 35.06 13.77
CA ALA A 580 0.02 35.88 13.90
C ALA A 580 0.24 36.92 15.00
N VAL A 581 0.78 36.50 16.16
CA VAL A 581 1.05 37.45 17.27
C VAL A 581 2.12 38.42 16.81
N GLU A 582 3.33 37.93 16.56
CA GLU A 582 4.49 38.76 16.11
C GLU A 582 4.00 39.75 15.06
N TYR A 583 3.45 39.24 13.98
CA TYR A 583 3.06 40.07 12.83
C TYR A 583 2.14 41.17 13.35
N LEU A 584 1.27 40.91 14.33
CA LEU A 584 0.28 41.93 14.79
C LEU A 584 1.01 43.08 15.50
N ARG A 585 2.02 42.76 16.30
CA ARG A 585 2.81 43.75 17.06
C ARG A 585 3.46 44.70 16.06
N LEU A 586 4.25 44.19 15.14
CA LEU A 586 4.79 44.96 13.99
C LEU A 586 3.67 45.83 13.40
N SER A 587 2.54 45.23 13.04
CA SER A 587 1.37 45.94 12.48
C SER A 587 1.00 47.13 13.37
N THR A 588 1.14 46.99 14.69
CA THR A 588 0.57 47.94 15.69
C THR A 588 1.66 48.83 16.31
N VAL A 589 2.76 48.23 16.75
CA VAL A 589 3.64 48.76 17.81
C VAL A 589 4.94 49.25 17.17
N ALA A 590 5.09 49.02 15.86
CA ALA A 590 6.39 49.19 15.16
C ALA A 590 6.33 50.36 14.18
N SER A 591 6.81 51.53 14.61
CA SER A 591 7.03 52.74 13.80
C SER A 591 6.22 52.68 12.50
N THR A 592 6.79 53.24 11.43
CA THR A 592 6.46 53.03 9.99
C THR A 592 7.79 52.81 9.26
N ASP A 593 8.85 53.51 9.67
CA ASP A 593 10.21 53.41 9.10
C ASP A 593 10.75 52.02 9.43
N ILE A 594 10.48 51.55 10.65
CA ILE A 594 11.06 50.29 11.20
C ILE A 594 10.41 49.08 10.48
N LEU A 595 9.09 49.14 10.30
CA LEU A 595 8.29 48.10 9.62
C LEU A 595 8.74 47.97 8.15
N ALA A 596 8.98 49.10 7.47
CA ALA A 596 9.37 49.22 6.04
C ALA A 596 10.83 48.79 5.84
N THR A 597 11.69 49.13 6.80
CA THR A 597 13.10 48.69 6.78
C THR A 597 13.15 47.19 7.06
N VAL A 598 12.24 46.69 7.90
CA VAL A 598 12.24 45.26 8.34
C VAL A 598 11.65 44.37 7.25
N LEU A 599 10.63 44.86 6.54
CA LEU A 599 9.99 44.10 5.44
C LEU A 599 10.55 44.56 4.09
N GLU A 600 11.88 44.71 4.00
CA GLU A 600 12.65 45.16 2.81
C GLU A 600 12.57 44.12 1.67
N GLU A 601 13.31 44.36 0.57
CA GLU A 601 13.20 43.70 -0.75
C GLU A 601 13.50 42.20 -0.60
N MET A 602 14.21 41.81 0.46
CA MET A 602 14.74 40.42 0.68
C MET A 602 15.88 40.20 -0.29
N PRO A 603 17.12 39.96 0.20
CA PRO A 603 18.30 40.00 -0.64
C PRO A 603 18.27 38.93 -1.72
N PRO A 604 19.03 39.06 -2.81
CA PRO A 604 19.07 38.03 -3.84
C PRO A 604 19.74 36.81 -3.19
N PHE A 605 19.38 35.63 -3.68
CA PHE A 605 20.03 34.36 -3.31
C PHE A 605 21.42 34.35 -3.91
N PRO A 606 22.45 33.96 -3.14
CA PRO A 606 23.80 33.81 -3.68
C PRO A 606 23.90 32.57 -4.57
N GLU A 607 24.62 32.68 -5.69
CA GLU A 607 24.93 31.51 -6.55
C GLU A 607 25.54 30.41 -5.67
N ARG A 608 25.16 29.16 -5.91
CA ARG A 608 25.43 28.02 -4.97
C ARG A 608 25.25 26.68 -5.68
N GLU A 609 25.06 25.59 -4.91
CA GLU A 609 25.20 24.17 -5.31
C GLU A 609 24.02 23.70 -6.18
N SER A 610 22.84 24.30 -6.04
CA SER A 610 21.58 23.86 -6.71
C SER A 610 21.20 22.48 -6.17
N SER A 611 20.49 22.46 -5.04
CA SER A 611 20.15 21.24 -4.27
C SER A 611 19.07 20.40 -4.96
N ILE A 612 18.66 20.76 -6.19
CA ILE A 612 17.79 19.90 -7.06
C ILE A 612 18.65 18.71 -7.53
N LEU A 613 19.75 18.97 -8.26
CA LEU A 613 20.72 17.96 -8.76
C LEU A 613 21.15 17.00 -7.63
N ALA A 614 21.09 17.49 -6.40
CA ALA A 614 21.50 16.76 -5.17
C ALA A 614 20.45 15.73 -4.79
N LYS A 615 19.20 15.91 -5.21
CA LYS A 615 18.06 15.03 -4.85
C LYS A 615 17.86 13.95 -5.94
N LEU A 616 17.90 14.32 -7.24
CA LEU A 616 18.00 13.34 -8.35
C LEU A 616 19.13 12.36 -8.00
N LYS A 617 20.32 12.87 -7.65
CA LYS A 617 21.49 12.04 -7.25
C LYS A 617 21.17 11.23 -5.98
N LYS A 618 20.16 11.62 -5.18
CA LYS A 618 19.72 10.88 -3.96
C LYS A 618 18.53 9.96 -4.26
N LYS A 619 17.92 10.06 -5.44
CA LYS A 619 16.81 9.16 -5.87
C LYS A 619 17.39 7.82 -6.34
N LYS A 620 18.69 7.80 -6.67
CA LYS A 620 19.44 6.66 -7.25
C LYS A 620 20.06 5.84 -6.10
N GLY A 621 19.63 4.59 -5.94
CA GLY A 621 20.14 3.66 -4.91
C GLY A 621 19.32 3.74 -3.64
N GLY B 13 6.46 -18.14 -27.85
CA GLY B 13 6.51 -18.85 -26.53
C GLY B 13 5.63 -20.09 -26.53
N GLU B 14 4.40 -19.96 -26.05
CA GLU B 14 3.37 -21.02 -26.08
C GLU B 14 2.07 -20.41 -26.64
N ILE B 15 2.19 -19.35 -27.44
CA ILE B 15 1.07 -18.48 -27.90
C ILE B 15 0.51 -18.99 -29.24
N PHE B 16 1.32 -19.66 -30.07
CA PHE B 16 0.85 -20.31 -31.33
C PHE B 16 -0.02 -21.52 -30.98
N GLU B 17 0.49 -22.40 -30.12
CA GLU B 17 -0.28 -23.54 -29.55
C GLU B 17 -1.75 -23.12 -29.48
N LEU B 18 -2.02 -21.88 -29.01
CA LEU B 18 -3.38 -21.32 -28.89
C LEU B 18 -3.97 -21.08 -30.29
N LYS B 19 -3.44 -20.10 -31.05
CA LYS B 19 -3.95 -19.75 -32.41
C LYS B 19 -4.40 -21.05 -33.08
N ALA B 20 -3.52 -22.05 -33.07
CA ALA B 20 -3.82 -23.45 -33.44
C ALA B 20 -5.16 -23.85 -32.81
N GLU B 21 -5.16 -24.08 -31.49
CA GLU B 21 -6.32 -24.61 -30.70
C GLU B 21 -7.62 -23.90 -31.11
N LEU B 22 -7.55 -22.60 -31.41
CA LEU B 22 -8.74 -21.74 -31.65
C LEU B 22 -9.37 -22.03 -33.01
N ASN B 23 -8.70 -22.83 -33.86
CA ASN B 23 -9.19 -23.19 -35.23
C ASN B 23 -9.70 -24.65 -35.27
N ASN B 24 -9.15 -25.55 -34.44
CA ASN B 24 -9.50 -26.99 -34.33
C ASN B 24 -11.01 -27.22 -34.62
N GLU B 25 -11.34 -28.25 -35.40
CA GLU B 25 -12.63 -28.40 -36.12
C GLU B 25 -13.74 -28.86 -35.16
N LYS B 26 -13.40 -29.30 -33.95
CA LYS B 26 -14.37 -29.68 -32.87
C LYS B 26 -14.61 -28.45 -31.98
N LYS B 27 -15.83 -27.89 -32.01
CA LYS B 27 -16.19 -26.54 -31.49
C LYS B 27 -15.87 -26.43 -29.98
N GLU B 28 -16.00 -27.56 -29.28
CA GLU B 28 -15.75 -27.67 -27.82
C GLU B 28 -14.24 -27.53 -27.54
N LYS B 29 -13.38 -28.02 -28.44
CA LYS B 29 -11.91 -27.87 -28.34
C LYS B 29 -11.52 -26.41 -28.59
N ARG B 30 -12.23 -25.70 -29.48
CA ARG B 30 -12.08 -24.23 -29.70
C ARG B 30 -12.46 -23.52 -28.39
N LYS B 31 -13.68 -23.72 -27.91
CA LYS B 31 -14.14 -23.14 -26.62
C LYS B 31 -13.00 -23.19 -25.61
N GLU B 32 -12.56 -24.40 -25.23
CA GLU B 32 -11.55 -24.60 -24.17
C GLU B 32 -10.23 -23.93 -24.57
N ALA B 33 -10.10 -23.40 -25.79
CA ALA B 33 -8.96 -22.55 -26.19
C ALA B 33 -9.16 -21.17 -25.56
N VAL B 34 -10.29 -20.53 -25.88
CA VAL B 34 -10.69 -19.20 -25.33
C VAL B 34 -10.47 -19.24 -23.82
N LYS B 35 -11.12 -20.19 -23.15
CA LYS B 35 -10.98 -20.38 -21.68
C LYS B 35 -9.51 -20.19 -21.28
N LYS B 36 -8.56 -20.74 -22.04
CA LYS B 36 -7.13 -20.56 -21.72
C LYS B 36 -6.71 -19.14 -22.12
N VAL B 37 -7.28 -18.56 -23.19
CA VAL B 37 -6.91 -17.17 -23.62
C VAL B 37 -7.32 -16.19 -22.51
N ILE B 38 -8.49 -16.39 -21.90
CA ILE B 38 -9.05 -15.54 -20.80
C ILE B 38 -8.08 -15.54 -19.62
N ALA B 39 -7.79 -16.75 -19.12
CA ALA B 39 -6.80 -17.04 -18.06
C ALA B 39 -5.49 -16.28 -18.30
N ALA B 40 -4.90 -16.40 -19.48
CA ALA B 40 -3.64 -15.73 -19.87
C ALA B 40 -3.82 -14.21 -19.84
N MET B 41 -4.97 -13.70 -20.30
CA MET B 41 -5.32 -12.25 -20.28
C MET B 41 -5.30 -11.76 -18.85
N THR B 42 -6.06 -12.45 -17.97
CA THR B 42 -6.17 -12.20 -16.50
C THR B 42 -4.80 -11.86 -15.88
N VAL B 43 -3.79 -12.71 -16.09
CA VAL B 43 -2.48 -12.68 -15.36
C VAL B 43 -1.41 -11.89 -16.13
N GLY B 44 -1.80 -11.07 -17.11
CA GLY B 44 -0.95 -10.07 -17.78
C GLY B 44 -0.66 -10.39 -19.25
N LYS B 45 -0.24 -11.64 -19.51
CA LYS B 45 0.16 -12.13 -20.86
C LYS B 45 -0.55 -11.27 -21.90
N ASP B 46 0.21 -10.54 -22.71
CA ASP B 46 -0.31 -9.68 -23.81
C ASP B 46 -0.67 -10.58 -25.00
N VAL B 47 -1.80 -11.29 -24.89
CA VAL B 47 -2.44 -12.05 -26.01
C VAL B 47 -3.14 -11.04 -26.94
N SER B 48 -2.58 -9.83 -27.05
CA SER B 48 -3.02 -8.74 -27.96
C SER B 48 -3.13 -9.28 -29.38
N SER B 49 -2.20 -10.19 -29.72
CA SER B 49 -1.99 -10.78 -31.07
C SER B 49 -3.22 -11.57 -31.53
N LEU B 50 -3.81 -12.41 -30.67
CA LEU B 50 -4.76 -13.47 -31.12
C LEU B 50 -6.07 -12.85 -31.63
N PHE B 51 -6.22 -11.52 -31.61
CA PHE B 51 -7.51 -10.82 -31.76
C PHE B 51 -8.41 -11.52 -32.79
N PRO B 52 -8.02 -11.58 -34.08
CA PRO B 52 -8.91 -12.08 -35.14
C PRO B 52 -9.42 -13.50 -34.91
N ASP B 53 -8.56 -14.38 -34.40
CA ASP B 53 -8.87 -15.81 -34.11
C ASP B 53 -9.97 -15.89 -33.04
N VAL B 54 -9.98 -14.98 -32.06
CA VAL B 54 -11.07 -14.96 -31.04
C VAL B 54 -12.35 -14.56 -31.78
N VAL B 55 -12.23 -13.51 -32.59
CA VAL B 55 -13.38 -12.84 -33.27
C VAL B 55 -14.05 -13.79 -34.28
N ASN B 56 -13.38 -14.88 -34.64
CA ASN B 56 -13.91 -15.86 -35.62
C ASN B 56 -14.89 -16.76 -34.86
N CYS B 57 -14.88 -16.72 -33.52
CA CYS B 57 -15.74 -17.57 -32.67
C CYS B 57 -17.01 -16.83 -32.26
N MET B 58 -17.10 -15.52 -32.54
CA MET B 58 -18.13 -14.64 -31.90
C MET B 58 -19.48 -14.76 -32.62
N GLN B 59 -19.47 -15.24 -33.87
CA GLN B 59 -20.71 -15.53 -34.65
C GLN B 59 -21.17 -16.95 -34.31
N THR B 60 -21.51 -17.18 -33.03
CA THR B 60 -21.87 -18.51 -32.45
C THR B 60 -23.15 -18.41 -31.62
N ASP B 61 -23.96 -19.47 -31.66
CA ASP B 61 -25.31 -19.58 -31.03
C ASP B 61 -25.20 -20.08 -29.59
N ASN B 62 -24.01 -20.55 -29.17
CA ASN B 62 -23.71 -20.96 -27.77
C ASN B 62 -23.23 -19.75 -26.96
N LEU B 63 -23.99 -19.37 -25.93
CA LEU B 63 -23.89 -18.09 -25.17
C LEU B 63 -22.67 -18.12 -24.26
N GLU B 64 -22.61 -19.11 -23.37
CA GLU B 64 -21.51 -19.31 -22.39
C GLU B 64 -20.15 -19.14 -23.08
N LEU B 65 -20.08 -19.30 -24.41
CA LEU B 65 -18.87 -18.95 -25.21
C LEU B 65 -18.95 -17.48 -25.61
N LYS B 66 -20.02 -17.07 -26.30
CA LYS B 66 -20.19 -15.69 -26.87
C LYS B 66 -19.73 -14.69 -25.81
N LYS B 67 -20.18 -14.99 -24.60
CA LYS B 67 -19.96 -14.22 -23.36
C LYS B 67 -18.43 -14.02 -23.19
N LEU B 68 -17.63 -15.07 -23.33
CA LEU B 68 -16.17 -15.05 -23.04
C LEU B 68 -15.39 -14.45 -24.21
N VAL B 69 -15.96 -14.49 -25.41
CA VAL B 69 -15.42 -13.79 -26.60
C VAL B 69 -15.52 -12.27 -26.34
N TYR B 70 -16.62 -11.83 -25.71
CA TYR B 70 -16.93 -10.42 -25.29
C TYR B 70 -15.95 -9.97 -24.20
N LEU B 71 -15.76 -10.78 -23.16
CA LEU B 71 -14.82 -10.45 -22.05
C LEU B 71 -13.47 -10.15 -22.70
N TYR B 72 -13.09 -10.91 -23.73
CA TYR B 72 -11.86 -10.67 -24.52
C TYR B 72 -12.03 -9.37 -25.32
N LEU B 73 -13.02 -9.33 -26.21
CA LEU B 73 -13.26 -8.19 -27.13
C LEU B 73 -13.07 -6.89 -26.36
N MET B 74 -13.87 -6.74 -25.31
CA MET B 74 -13.89 -5.54 -24.45
C MET B 74 -12.46 -5.04 -24.22
N ASN B 75 -11.57 -5.89 -23.70
CA ASN B 75 -10.21 -5.50 -23.24
C ASN B 75 -9.38 -4.93 -24.41
N TYR B 76 -9.12 -5.72 -25.46
CA TYR B 76 -8.05 -5.46 -26.46
C TYR B 76 -8.55 -4.46 -27.51
N ALA B 77 -9.85 -4.41 -27.76
CA ALA B 77 -10.42 -3.76 -28.97
C ALA B 77 -10.15 -2.26 -28.99
N LYS B 78 -9.81 -1.62 -27.86
CA LYS B 78 -9.45 -0.18 -27.84
C LYS B 78 -8.06 -0.04 -28.45
N SER B 79 -7.15 -0.94 -28.08
CA SER B 79 -5.80 -1.08 -28.67
C SER B 79 -5.83 -2.08 -29.84
N GLN B 80 -6.82 -1.99 -30.74
CA GLN B 80 -6.88 -2.74 -32.02
C GLN B 80 -7.96 -2.16 -32.94
N PRO B 81 -8.12 -0.83 -33.09
CA PRO B 81 -9.37 -0.28 -33.61
C PRO B 81 -9.59 -0.77 -35.05
N ASP B 82 -8.52 -0.74 -35.84
CA ASP B 82 -8.40 -1.41 -37.16
C ASP B 82 -9.33 -2.63 -37.17
N MET B 83 -8.86 -3.72 -36.55
CA MET B 83 -9.43 -5.09 -36.66
C MET B 83 -10.79 -5.13 -36.00
N ALA B 84 -10.95 -4.41 -34.89
CA ALA B 84 -12.15 -4.41 -34.01
C ALA B 84 -13.43 -4.19 -34.84
N ILE B 85 -13.29 -3.75 -36.09
CA ILE B 85 -14.41 -3.64 -37.07
C ILE B 85 -14.96 -5.03 -37.35
N MET B 86 -14.10 -6.05 -37.38
CA MET B 86 -14.46 -7.49 -37.59
C MET B 86 -15.71 -7.83 -36.79
N ALA B 87 -15.93 -7.20 -35.64
CA ALA B 87 -16.93 -7.55 -34.61
C ALA B 87 -18.31 -6.90 -34.84
N VAL B 88 -18.40 -5.85 -35.64
CA VAL B 88 -19.52 -4.86 -35.51
C VAL B 88 -20.83 -5.49 -36.02
N ASN B 89 -20.76 -6.23 -37.11
CA ASN B 89 -21.96 -6.79 -37.77
C ASN B 89 -22.58 -7.86 -36.86
N SER B 90 -21.77 -8.59 -36.09
CA SER B 90 -22.26 -9.58 -35.10
C SER B 90 -23.05 -8.83 -34.02
N PHE B 91 -22.45 -7.78 -33.44
CA PHE B 91 -23.06 -6.93 -32.38
C PHE B 91 -24.46 -6.48 -32.85
N VAL B 92 -24.48 -5.55 -33.80
CA VAL B 92 -25.74 -4.96 -34.32
C VAL B 92 -26.77 -6.10 -34.57
N LYS B 93 -26.30 -7.29 -34.99
CA LYS B 93 -27.16 -8.48 -35.28
C LYS B 93 -27.57 -9.20 -33.99
N ASP B 94 -27.16 -8.71 -32.82
CA ASP B 94 -27.58 -9.22 -31.50
C ASP B 94 -28.58 -8.23 -30.92
N CYS B 95 -28.28 -6.93 -31.02
CA CYS B 95 -29.18 -5.82 -30.59
C CYS B 95 -30.55 -5.89 -31.28
N GLU B 96 -30.76 -6.91 -32.10
CA GLU B 96 -32.05 -7.15 -32.81
C GLU B 96 -32.60 -8.54 -32.46
N ASP B 97 -31.90 -9.30 -31.61
CA ASP B 97 -32.18 -10.74 -31.32
C ASP B 97 -33.49 -10.84 -30.55
N PRO B 98 -34.33 -11.87 -30.79
CA PRO B 98 -35.62 -11.95 -30.12
C PRO B 98 -35.47 -12.21 -28.61
N ASN B 99 -34.31 -12.71 -28.18
CA ASN B 99 -34.00 -12.91 -26.75
C ASN B 99 -33.51 -11.60 -26.13
N PRO B 100 -34.21 -11.03 -25.13
CA PRO B 100 -33.84 -9.73 -24.58
C PRO B 100 -32.51 -9.82 -23.82
N LEU B 101 -32.21 -10.97 -23.27
CA LEU B 101 -31.01 -11.15 -22.43
C LEU B 101 -29.80 -11.13 -23.36
N ILE B 102 -29.98 -11.59 -24.60
CA ILE B 102 -28.95 -11.53 -25.66
C ILE B 102 -28.81 -10.07 -26.14
N ARG B 103 -29.93 -9.42 -26.49
CA ARG B 103 -29.92 -7.97 -26.84
C ARG B 103 -29.13 -7.18 -25.79
N ALA B 104 -29.49 -7.27 -24.50
CA ALA B 104 -28.89 -6.44 -23.42
C ALA B 104 -27.37 -6.66 -23.39
N LEU B 105 -26.95 -7.91 -23.61
CA LEU B 105 -25.53 -8.31 -23.57
C LEU B 105 -24.80 -7.64 -24.74
N ALA B 106 -25.32 -7.82 -25.95
CA ALA B 106 -24.82 -7.17 -27.19
C ALA B 106 -24.58 -5.69 -26.87
N VAL B 107 -25.65 -4.94 -26.54
CA VAL B 107 -25.60 -3.47 -26.34
C VAL B 107 -24.70 -3.15 -25.15
N ARG B 108 -24.97 -3.80 -24.00
CA ARG B 108 -24.11 -3.66 -22.81
C ARG B 108 -22.66 -3.64 -23.29
N THR B 109 -22.25 -4.69 -24.03
CA THR B 109 -20.83 -4.91 -24.41
C THR B 109 -20.39 -3.86 -25.44
N MET B 110 -21.13 -3.64 -26.52
CA MET B 110 -20.74 -2.69 -27.62
C MET B 110 -20.49 -1.28 -27.04
N GLY B 111 -21.27 -0.86 -26.03
CA GLY B 111 -21.02 0.40 -25.32
C GLY B 111 -19.63 0.49 -24.72
N CYS B 112 -19.03 -0.66 -24.35
CA CYS B 112 -17.74 -0.76 -23.61
C CYS B 112 -16.56 -0.72 -24.58
N ILE B 113 -16.83 -0.95 -25.86
CA ILE B 113 -15.80 -0.85 -26.95
C ILE B 113 -15.60 0.63 -27.25
N ARG B 114 -14.37 1.13 -27.12
CA ARG B 114 -14.06 2.57 -27.18
C ARG B 114 -13.20 2.84 -28.42
N VAL B 115 -13.85 3.00 -29.57
CA VAL B 115 -13.20 3.38 -30.85
C VAL B 115 -14.30 4.00 -31.71
N ASP B 116 -14.05 5.20 -32.24
CA ASP B 116 -15.14 6.14 -32.62
C ASP B 116 -16.00 5.50 -33.73
N LYS B 117 -15.41 4.77 -34.69
CA LYS B 117 -16.23 4.12 -35.76
C LYS B 117 -17.30 3.24 -35.10
N ILE B 118 -16.93 2.40 -34.13
CA ILE B 118 -17.88 1.48 -33.41
C ILE B 118 -18.92 2.30 -32.64
N THR B 119 -18.49 3.39 -32.00
CA THR B 119 -19.39 4.40 -31.38
C THR B 119 -20.53 4.73 -32.36
N GLU B 120 -20.23 4.85 -33.66
CA GLU B 120 -21.19 5.34 -34.67
C GLU B 120 -22.16 4.22 -35.05
N TYR B 121 -21.65 3.01 -35.26
CA TYR B 121 -22.50 1.86 -35.64
C TYR B 121 -23.39 1.53 -34.44
N LEU B 122 -22.96 1.97 -33.24
CA LEU B 122 -23.66 1.73 -31.94
C LEU B 122 -24.93 2.57 -31.82
N CYS B 123 -24.88 3.87 -32.18
CA CYS B 123 -26.01 4.83 -32.03
C CYS B 123 -27.29 4.24 -32.64
N GLU B 124 -27.17 3.51 -33.76
CA GLU B 124 -28.34 2.90 -34.44
C GLU B 124 -29.14 2.07 -33.43
N PRO B 125 -28.58 1.01 -32.80
CA PRO B 125 -29.34 0.14 -31.90
C PRO B 125 -29.58 0.68 -30.48
N LEU B 126 -28.67 1.52 -29.97
CA LEU B 126 -28.80 2.10 -28.61
C LEU B 126 -29.96 3.09 -28.63
N ARG B 127 -30.37 3.56 -29.81
CA ARG B 127 -31.65 4.30 -29.99
C ARG B 127 -32.76 3.25 -29.80
N LYS B 128 -32.73 2.19 -30.59
CA LYS B 128 -33.72 1.09 -30.52
C LYS B 128 -33.88 0.69 -29.06
N CYS B 129 -32.76 0.54 -28.36
CA CYS B 129 -32.75 -0.22 -27.09
C CYS B 129 -33.27 0.69 -25.95
N LEU B 130 -33.01 2.01 -25.99
CA LEU B 130 -33.58 3.01 -25.04
C LEU B 130 -35.12 3.00 -25.11
N LYS B 131 -35.68 2.40 -26.16
CA LYS B 131 -37.14 2.44 -26.44
C LYS B 131 -37.66 1.02 -26.48
N ASP B 132 -36.87 0.05 -26.00
CA ASP B 132 -37.16 -1.40 -26.17
C ASP B 132 -38.39 -1.75 -25.33
N GLU B 133 -39.29 -2.56 -25.86
CA GLU B 133 -40.41 -3.19 -25.12
C GLU B 133 -39.93 -3.56 -23.72
N ASP B 134 -38.89 -4.38 -23.65
CA ASP B 134 -38.38 -5.05 -22.42
C ASP B 134 -37.68 -4.05 -21.50
N PRO B 135 -37.90 -4.15 -20.17
CA PRO B 135 -37.23 -3.27 -19.21
C PRO B 135 -35.76 -3.61 -18.95
N TYR B 136 -35.39 -4.89 -18.96
CA TYR B 136 -34.01 -5.39 -18.71
C TYR B 136 -33.08 -4.83 -19.79
N VAL B 137 -33.61 -4.59 -20.99
CA VAL B 137 -32.92 -3.88 -22.10
C VAL B 137 -32.78 -2.39 -21.75
N ARG B 138 -33.91 -1.70 -21.53
CA ARG B 138 -33.93 -0.26 -21.13
C ARG B 138 -33.01 0.02 -19.93
N LYS B 139 -33.07 -0.83 -18.90
CA LYS B 139 -32.09 -0.85 -17.76
C LYS B 139 -30.71 -0.60 -18.38
N THR B 140 -30.37 -1.32 -19.46
CA THR B 140 -29.01 -1.41 -20.07
C THR B 140 -28.73 -0.15 -20.91
N ALA B 141 -29.64 0.16 -21.84
CA ALA B 141 -29.59 1.38 -22.70
C ALA B 141 -29.24 2.57 -21.79
N ALA B 142 -30.09 2.81 -20.80
CA ALA B 142 -29.91 3.91 -19.83
C ALA B 142 -28.43 3.98 -19.42
N VAL B 143 -27.82 2.85 -19.04
CA VAL B 143 -26.41 2.81 -18.55
C VAL B 143 -25.51 3.11 -19.74
N CYS B 144 -25.72 2.38 -20.83
CA CYS B 144 -24.97 2.49 -22.10
C CYS B 144 -24.80 3.95 -22.58
N VAL B 145 -25.58 4.90 -22.04
CA VAL B 145 -25.58 6.36 -22.42
C VAL B 145 -24.44 7.09 -21.70
N ALA B 146 -24.25 6.83 -20.40
CA ALA B 146 -23.14 7.36 -19.57
C ALA B 146 -21.79 6.89 -20.15
N LYS B 147 -21.70 5.60 -20.47
CA LYS B 147 -20.58 4.96 -21.20
C LYS B 147 -20.27 5.75 -22.48
N LEU B 148 -21.32 6.04 -23.26
CA LEU B 148 -21.20 6.75 -24.56
C LEU B 148 -20.65 8.14 -24.26
N HIS B 149 -21.38 8.89 -23.45
CA HIS B 149 -21.00 10.24 -22.94
C HIS B 149 -19.54 10.27 -22.43
N ASP B 150 -18.90 9.14 -22.14
CA ASP B 150 -17.50 9.12 -21.61
C ASP B 150 -16.51 9.11 -22.77
N ILE B 151 -17.00 8.87 -24.00
CA ILE B 151 -16.35 9.34 -25.26
C ILE B 151 -17.40 10.20 -25.96
N ASN B 152 -17.15 10.61 -27.20
CA ASN B 152 -18.11 11.38 -28.05
C ASN B 152 -19.20 12.02 -27.18
N ALA B 153 -18.74 12.63 -26.08
CA ALA B 153 -19.55 13.29 -25.05
C ALA B 153 -20.56 14.22 -25.74
N GLN B 154 -20.10 14.96 -26.77
CA GLN B 154 -20.98 15.75 -27.66
C GLN B 154 -22.04 14.81 -28.25
N MET B 155 -21.62 13.89 -29.12
CA MET B 155 -22.48 13.30 -30.17
C MET B 155 -23.86 14.00 -30.14
N VAL B 156 -24.11 14.91 -31.11
CA VAL B 156 -25.23 15.91 -31.14
C VAL B 156 -26.56 15.15 -30.96
N GLU B 157 -26.86 14.17 -31.83
CA GLU B 157 -27.98 13.20 -31.67
C GLU B 157 -27.96 12.60 -30.27
N ASP B 158 -26.76 12.58 -29.66
CA ASP B 158 -26.44 12.10 -28.28
C ASP B 158 -26.40 13.25 -27.26
N GLN B 159 -26.41 14.52 -27.70
CA GLN B 159 -27.04 15.61 -26.92
C GLN B 159 -28.55 15.32 -26.85
N GLY B 160 -29.08 14.62 -27.88
CA GLY B 160 -30.48 14.13 -27.99
C GLY B 160 -30.64 12.65 -27.61
N PHE B 161 -29.73 12.12 -26.78
CA PHE B 161 -29.84 10.85 -26.02
C PHE B 161 -29.99 11.19 -24.55
N LEU B 162 -29.37 12.28 -24.09
CA LEU B 162 -29.74 12.98 -22.83
C LEU B 162 -31.26 13.18 -22.82
N ASP B 163 -31.84 13.57 -23.96
CA ASP B 163 -33.31 13.59 -24.14
C ASP B 163 -33.81 12.20 -23.75
N SER B 164 -33.51 11.17 -24.53
CA SER B 164 -33.97 9.76 -24.32
C SER B 164 -33.86 9.40 -22.83
N LEU B 165 -32.69 9.66 -22.24
CA LEU B 165 -32.29 9.32 -20.84
C LEU B 165 -33.28 9.96 -19.87
N ARG B 166 -33.16 11.28 -19.60
CA ARG B 166 -34.14 12.07 -18.79
C ARG B 166 -35.44 11.29 -18.69
N ASP B 167 -36.09 11.11 -19.84
CA ASP B 167 -37.49 10.65 -19.98
C ASP B 167 -37.64 9.23 -19.41
N LEU B 168 -36.57 8.44 -19.30
CA LEU B 168 -36.58 7.06 -18.72
C LEU B 168 -36.97 7.11 -17.23
N ILE B 169 -36.78 8.27 -16.59
CA ILE B 169 -37.12 8.47 -15.15
C ILE B 169 -38.61 8.16 -14.93
N ALA B 170 -39.49 8.75 -15.73
CA ALA B 170 -40.95 8.47 -15.72
C ALA B 170 -41.19 6.97 -15.91
N ASP B 171 -40.44 6.32 -16.80
CA ASP B 171 -40.57 4.88 -17.12
C ASP B 171 -41.17 4.14 -15.90
N SER B 172 -42.16 3.27 -16.18
CA SER B 172 -42.83 2.37 -15.21
C SER B 172 -41.79 1.68 -14.31
N ASN B 173 -40.95 0.85 -14.92
CA ASN B 173 -40.12 -0.18 -14.27
C ASN B 173 -39.05 0.47 -13.39
N PRO B 174 -38.92 0.05 -12.11
CA PRO B 174 -38.01 0.70 -11.17
C PRO B 174 -36.50 0.52 -11.48
N MET B 175 -36.12 -0.51 -12.22
CA MET B 175 -34.69 -0.81 -12.50
C MET B 175 -34.18 0.13 -13.60
N VAL B 176 -35.03 0.47 -14.57
CA VAL B 176 -34.78 1.51 -15.60
C VAL B 176 -34.48 2.83 -14.89
N VAL B 177 -35.40 3.25 -14.00
CA VAL B 177 -35.42 4.61 -13.41
C VAL B 177 -34.29 4.69 -12.38
N ALA B 178 -33.80 3.54 -11.91
CA ALA B 178 -32.65 3.46 -11.00
C ALA B 178 -31.39 3.80 -11.79
N ASN B 179 -31.23 3.16 -12.96
CA ASN B 179 -30.10 3.32 -13.93
C ASN B 179 -30.24 4.64 -14.70
N ALA B 180 -31.47 5.08 -14.95
CA ALA B 180 -31.75 6.44 -15.46
C ALA B 180 -31.05 7.46 -14.56
N VAL B 181 -31.55 7.60 -13.32
CA VAL B 181 -31.03 8.52 -12.27
C VAL B 181 -29.53 8.36 -12.12
N ALA B 182 -29.08 7.09 -12.08
CA ALA B 182 -27.67 6.74 -11.82
C ALA B 182 -26.80 7.30 -12.94
N ALA B 183 -27.06 6.85 -14.17
CA ALA B 183 -26.41 7.34 -15.41
C ALA B 183 -26.37 8.87 -15.42
N LEU B 184 -27.54 9.47 -15.21
CA LEU B 184 -27.84 10.90 -15.54
C LEU B 184 -27.14 11.85 -14.55
N SER B 185 -26.86 11.44 -13.31
CA SER B 185 -26.05 12.24 -12.34
C SER B 185 -24.58 12.32 -12.80
N GLU B 186 -24.05 11.23 -13.36
CA GLU B 186 -22.62 11.12 -13.76
C GLU B 186 -22.40 11.93 -15.04
N ILE B 187 -23.38 11.87 -15.95
CA ILE B 187 -23.42 12.75 -17.16
C ILE B 187 -23.33 14.20 -16.66
N SER B 188 -24.03 14.50 -15.56
CA SER B 188 -24.14 15.86 -15.00
C SER B 188 -22.85 16.30 -14.27
N GLU B 189 -21.69 15.70 -14.57
CA GLU B 189 -20.38 16.11 -14.01
C GLU B 189 -19.67 17.05 -14.99
N SER B 190 -20.22 17.25 -16.18
CA SER B 190 -19.99 18.47 -17.00
C SER B 190 -21.09 19.47 -16.64
N HIS B 191 -20.73 20.53 -15.90
CA HIS B 191 -21.63 21.59 -15.38
C HIS B 191 -21.05 22.98 -15.70
N PRO B 192 -20.78 23.34 -16.99
CA PRO B 192 -20.25 24.67 -17.33
C PRO B 192 -21.22 25.83 -17.07
N ASN B 193 -22.42 25.82 -17.66
CA ASN B 193 -23.51 26.83 -17.47
C ASN B 193 -24.83 26.10 -17.10
N SER B 194 -25.62 25.67 -18.09
CA SER B 194 -27.01 25.15 -17.93
C SER B 194 -27.02 23.61 -17.81
N ASN B 195 -26.81 23.08 -16.60
CA ASN B 195 -26.66 21.63 -16.32
C ASN B 195 -27.49 21.25 -15.07
N LEU B 196 -27.14 20.15 -14.38
CA LEU B 196 -27.98 19.40 -13.40
C LEU B 196 -29.38 19.22 -13.98
N LEU B 197 -30.12 20.32 -14.16
CA LEU B 197 -31.55 20.36 -14.57
C LEU B 197 -32.36 19.56 -13.53
N ASP B 198 -33.40 18.81 -13.95
CA ASP B 198 -34.14 17.83 -13.11
C ASP B 198 -34.91 18.57 -12.01
N LEU B 199 -35.03 17.95 -10.82
CA LEU B 199 -35.16 18.58 -9.48
C LEU B 199 -36.46 19.39 -9.38
N ASN B 200 -37.59 18.82 -9.80
CA ASN B 200 -38.88 19.56 -9.73
C ASN B 200 -39.83 18.79 -8.82
N PRO B 201 -40.93 19.44 -8.35
CA PRO B 201 -42.00 18.77 -7.59
C PRO B 201 -42.64 17.53 -8.23
N GLN B 202 -42.68 17.44 -9.56
CA GLN B 202 -43.16 16.24 -10.31
C GLN B 202 -42.10 15.13 -10.13
N ASN B 203 -40.87 15.38 -10.58
CA ASN B 203 -39.69 14.50 -10.43
C ASN B 203 -39.65 13.87 -9.03
N ILE B 204 -39.38 14.69 -8.00
CA ILE B 204 -39.05 14.22 -6.61
C ILE B 204 -40.19 13.32 -6.13
N ASN B 205 -41.44 13.69 -6.40
CA ASN B 205 -42.60 12.91 -5.91
C ASN B 205 -42.63 11.53 -6.59
N LYS B 206 -41.99 11.36 -7.75
CA LYS B 206 -41.71 10.03 -8.35
C LYS B 206 -40.58 9.38 -7.53
N LEU B 207 -39.38 9.97 -7.59
CA LEU B 207 -38.14 9.46 -6.93
C LEU B 207 -38.44 8.91 -5.52
N LEU B 208 -38.76 9.81 -4.57
CA LEU B 208 -39.06 9.49 -3.14
C LEU B 208 -40.05 8.34 -3.09
N THR B 209 -41.09 8.39 -3.93
CA THR B 209 -42.11 7.33 -4.01
C THR B 209 -41.49 6.04 -4.54
N ALA B 210 -40.61 6.13 -5.53
CA ALA B 210 -39.88 4.95 -6.10
C ALA B 210 -38.82 4.50 -5.10
N LEU B 211 -38.44 5.37 -4.17
CA LEU B 211 -37.43 5.13 -3.10
C LEU B 211 -37.79 3.89 -2.25
N ASN B 212 -38.96 3.29 -2.50
CA ASN B 212 -39.49 2.07 -1.84
C ASN B 212 -39.28 0.87 -2.77
N GLU B 213 -39.72 1.00 -4.03
CA GLU B 213 -39.85 -0.11 -5.02
C GLU B 213 -38.53 -0.33 -5.78
N CYS B 214 -37.69 0.69 -5.97
CA CYS B 214 -36.30 0.52 -6.49
C CYS B 214 -35.52 -0.41 -5.55
N THR B 215 -34.50 -1.07 -6.08
CA THR B 215 -33.61 -1.99 -5.32
C THR B 215 -32.67 -1.18 -4.43
N GLU B 216 -32.39 -1.71 -3.25
CA GLU B 216 -31.15 -1.52 -2.45
C GLU B 216 -30.26 -0.43 -3.07
N TRP B 217 -29.77 -0.71 -4.30
CA TRP B 217 -28.74 0.07 -5.04
C TRP B 217 -29.38 1.32 -5.63
N GLY B 218 -30.49 1.15 -6.35
CA GLY B 218 -31.39 2.23 -6.79
C GLY B 218 -31.65 3.25 -5.69
N GLN B 219 -31.81 2.78 -4.44
CA GLN B 219 -32.08 3.63 -3.24
C GLN B 219 -30.90 4.59 -3.04
N ILE B 220 -29.67 4.09 -3.16
CA ILE B 220 -28.40 4.87 -2.91
C ILE B 220 -28.21 5.86 -4.04
N PHE B 221 -28.74 5.55 -5.23
CA PHE B 221 -28.68 6.46 -6.40
C PHE B 221 -29.60 7.64 -6.10
N ILE B 222 -30.85 7.33 -5.76
CA ILE B 222 -31.91 8.35 -5.57
C ILE B 222 -31.49 9.26 -4.40
N LEU B 223 -31.15 8.71 -3.26
CA LEU B 223 -30.71 9.51 -2.09
C LEU B 223 -29.49 10.37 -2.46
N ASP B 224 -28.46 9.78 -3.09
CA ASP B 224 -27.22 10.50 -3.49
C ASP B 224 -27.60 11.57 -4.53
N CYS B 225 -28.74 11.37 -5.21
CA CYS B 225 -29.34 12.34 -6.18
C CYS B 225 -29.96 13.53 -5.42
N LEU B 226 -31.06 13.30 -4.68
CA LEU B 226 -31.79 14.33 -3.88
C LEU B 226 -30.84 15.20 -3.05
N SER B 227 -29.78 14.64 -2.48
CA SER B 227 -28.85 15.37 -1.59
C SER B 227 -28.35 16.62 -2.32
N ASN B 228 -28.36 16.56 -3.65
CA ASN B 228 -28.01 17.68 -4.57
C ASN B 228 -29.05 18.80 -4.47
N TYR B 229 -30.34 18.42 -4.46
CA TYR B 229 -31.53 19.33 -4.47
C TYR B 229 -31.49 20.26 -3.25
N ASN B 230 -31.92 21.51 -3.46
CA ASN B 230 -32.28 22.45 -2.37
C ASN B 230 -33.80 22.58 -2.40
N PRO B 231 -34.50 22.62 -1.25
CA PRO B 231 -35.91 22.97 -1.20
C PRO B 231 -36.01 24.47 -0.89
N LYS B 232 -37.22 24.95 -0.61
CA LYS B 232 -37.50 26.40 -0.46
C LYS B 232 -38.10 26.66 0.93
N ASP B 233 -39.37 26.30 1.11
CA ASP B 233 -40.14 26.41 2.38
C ASP B 233 -39.85 25.18 3.24
N ASP B 234 -40.27 25.22 4.50
CA ASP B 234 -40.02 24.18 5.52
C ASP B 234 -41.09 23.09 5.37
N ARG B 235 -42.33 23.50 5.12
CA ARG B 235 -43.47 22.59 4.81
C ARG B 235 -43.00 21.51 3.84
N GLU B 236 -42.25 21.90 2.81
CA GLU B 236 -41.61 21.02 1.79
C GLU B 236 -40.47 20.20 2.44
N ALA B 237 -39.41 20.86 2.93
CA ALA B 237 -38.15 20.21 3.40
C ALA B 237 -38.46 19.15 4.47
N GLN B 238 -39.47 19.39 5.30
CA GLN B 238 -39.98 18.39 6.29
C GLN B 238 -40.57 17.21 5.51
N SER B 239 -41.61 17.47 4.72
CA SER B 239 -42.43 16.45 3.99
C SER B 239 -41.55 15.59 3.08
N ILE B 240 -40.33 16.04 2.80
CA ILE B 240 -39.26 15.20 2.17
C ILE B 240 -38.72 14.24 3.25
N CYS B 241 -38.14 14.76 4.34
CA CYS B 241 -37.46 13.97 5.41
C CYS B 241 -38.37 12.86 5.97
N GLU B 242 -39.69 13.05 5.95
CA GLU B 242 -40.69 12.07 6.44
C GLU B 242 -40.67 10.84 5.52
N ARG B 243 -40.24 11.03 4.28
CA ARG B 243 -40.18 9.97 3.24
C ARG B 243 -38.76 9.43 3.11
N VAL B 244 -37.77 10.12 3.69
CA VAL B 244 -36.34 9.66 3.73
C VAL B 244 -36.06 8.92 5.06
N THR B 245 -36.54 9.44 6.20
CA THR B 245 -36.44 8.81 7.55
C THR B 245 -36.52 7.29 7.45
N PRO B 246 -37.58 6.75 6.80
CA PRO B 246 -37.84 5.30 6.80
C PRO B 246 -36.61 4.46 6.44
N ARG B 247 -35.68 5.03 5.68
CA ARG B 247 -34.35 4.44 5.40
C ARG B 247 -33.62 4.37 6.76
N LEU B 248 -33.79 3.24 7.41
CA LEU B 248 -33.32 3.05 8.79
C LEU B 248 -32.53 1.76 8.84
N SER B 249 -32.42 1.08 7.68
CA SER B 249 -32.13 -0.37 7.61
C SER B 249 -31.55 -0.75 6.27
N HIS B 250 -30.56 -1.67 6.30
CA HIS B 250 -30.12 -2.50 5.15
C HIS B 250 -29.07 -1.69 4.36
N ALA B 251 -28.60 -2.18 3.20
CA ALA B 251 -27.21 -1.88 2.72
C ALA B 251 -26.55 -1.29 3.96
N ASN B 252 -26.56 -2.13 5.01
CA ASN B 252 -26.34 -1.79 6.44
C ASN B 252 -25.20 -0.78 6.47
N SER B 253 -25.48 0.39 5.86
CA SER B 253 -24.57 1.51 5.60
C SER B 253 -25.10 2.28 4.39
N ALA B 254 -24.73 1.86 3.18
CA ALA B 254 -24.85 2.67 1.96
C ALA B 254 -26.10 3.54 2.07
N VAL B 255 -27.27 2.91 2.00
CA VAL B 255 -28.59 3.58 1.98
C VAL B 255 -28.73 4.44 3.25
N VAL B 256 -28.56 3.81 4.41
CA VAL B 256 -28.63 4.51 5.72
C VAL B 256 -27.87 5.83 5.58
N LEU B 257 -26.55 5.76 5.38
CA LEU B 257 -25.69 6.98 5.42
C LEU B 257 -26.21 8.00 4.39
N SER B 258 -26.44 7.56 3.15
CA SER B 258 -26.98 8.42 2.06
C SER B 258 -28.27 9.11 2.50
N ALA B 259 -29.07 8.48 3.36
CA ALA B 259 -30.25 9.12 3.98
C ALA B 259 -29.78 10.08 5.09
N VAL B 260 -28.83 9.66 5.94
CA VAL B 260 -28.17 10.64 6.85
C VAL B 260 -27.65 11.81 6.00
N LYS B 261 -26.98 11.55 4.86
CA LYS B 261 -26.37 12.61 4.03
C LYS B 261 -27.44 13.63 3.65
N VAL B 262 -28.55 13.18 3.08
CA VAL B 262 -29.72 14.05 2.83
C VAL B 262 -30.11 14.72 4.15
N LEU B 263 -30.62 13.92 5.09
CA LEU B 263 -31.30 14.42 6.31
C LEU B 263 -30.45 15.53 6.97
N MET B 264 -29.15 15.31 7.09
CA MET B 264 -28.17 16.28 7.65
C MET B 264 -28.18 17.60 6.85
N LYS B 265 -28.32 17.56 5.52
CA LYS B 265 -28.37 18.79 4.68
C LYS B 265 -29.67 19.54 5.01
N PHE B 266 -30.79 18.81 5.04
CA PHE B 266 -32.16 19.34 5.24
C PHE B 266 -32.35 19.63 6.73
N LEU B 267 -31.50 20.48 7.30
CA LEU B 267 -31.52 20.87 8.73
C LEU B 267 -31.13 22.35 8.82
N GLU B 268 -31.97 23.20 8.22
CA GLU B 268 -31.90 24.68 8.23
C GLU B 268 -33.00 25.22 9.17
N LEU B 269 -34.07 24.44 9.35
CA LEU B 269 -35.05 24.57 10.47
C LEU B 269 -34.25 24.90 11.74
N LEU B 270 -34.46 26.07 12.36
CA LEU B 270 -33.52 26.67 13.36
C LEU B 270 -33.51 25.85 14.66
N PRO B 271 -32.34 25.71 15.35
CA PRO B 271 -32.21 24.83 16.52
C PRO B 271 -33.54 24.28 17.09
N LYS B 272 -34.21 24.99 17.99
CA LYS B 272 -35.39 24.45 18.72
C LYS B 272 -36.61 24.44 17.78
N ASP B 273 -36.55 25.21 16.68
CA ASP B 273 -37.71 25.79 15.97
C ASP B 273 -38.94 24.88 16.09
N SER B 274 -38.82 23.58 15.78
CA SER B 274 -39.97 22.65 15.62
C SER B 274 -39.81 21.41 16.50
N ASP B 275 -40.92 20.66 16.65
CA ASP B 275 -40.97 19.31 17.28
C ASP B 275 -40.25 18.31 16.38
N TYR B 276 -40.18 18.61 15.08
CA TYR B 276 -39.52 17.76 14.06
C TYR B 276 -38.02 17.75 14.32
N TYR B 277 -37.37 18.92 14.29
CA TYR B 277 -35.88 19.05 14.33
C TYR B 277 -35.30 18.33 15.56
N ASN B 278 -36.01 18.41 16.70
CA ASN B 278 -35.56 17.80 17.99
C ASN B 278 -35.97 16.33 18.02
N MET B 279 -36.57 15.83 16.93
CA MET B 279 -36.93 14.39 16.71
C MET B 279 -36.01 13.74 15.65
N LEU B 280 -35.64 14.50 14.59
CA LEU B 280 -34.72 14.04 13.52
C LEU B 280 -33.31 13.96 14.08
N LEU B 281 -32.99 14.80 15.07
CA LEU B 281 -31.76 14.68 15.89
C LEU B 281 -31.84 13.42 16.76
N LYS B 282 -33.05 13.04 17.18
CA LYS B 282 -33.30 11.83 18.01
C LYS B 282 -33.21 10.59 17.11
N LYS B 283 -33.80 10.62 15.92
CA LYS B 283 -33.84 9.48 14.97
C LYS B 283 -32.42 9.10 14.49
N LEU B 284 -31.51 10.07 14.42
CA LEU B 284 -30.22 9.96 13.68
C LEU B 284 -29.21 9.15 14.47
N ALA B 285 -29.34 9.09 15.79
CA ALA B 285 -28.33 8.46 16.68
C ALA B 285 -28.40 6.94 16.56
N PRO B 286 -29.58 6.32 16.83
CA PRO B 286 -29.68 4.87 16.82
C PRO B 286 -29.06 4.20 15.60
N PRO B 287 -29.42 4.60 14.34
CA PRO B 287 -28.97 3.89 13.14
C PRO B 287 -27.49 4.18 12.79
N LEU B 288 -27.01 5.34 13.25
CA LEU B 288 -25.58 5.72 13.22
C LEU B 288 -24.80 4.72 14.06
N VAL B 289 -25.14 4.61 15.36
CA VAL B 289 -24.54 3.57 16.26
C VAL B 289 -24.46 2.23 15.50
N THR B 290 -25.60 1.78 14.94
CA THR B 290 -25.82 0.38 14.45
C THR B 290 -24.73 0.05 13.44
N LEU B 291 -24.20 1.04 12.73
CA LEU B 291 -23.15 0.82 11.71
C LEU B 291 -21.90 0.26 12.38
N LEU B 292 -21.69 0.54 13.68
CA LEU B 292 -20.52 -0.03 14.40
C LEU B 292 -20.68 -1.57 14.54
N SER B 293 -21.91 -2.09 14.54
CA SER B 293 -22.22 -3.54 14.66
C SER B 293 -21.89 -4.28 13.37
N GLY B 294 -22.08 -3.62 12.21
CA GLY B 294 -21.73 -4.15 10.87
C GLY B 294 -20.27 -4.59 10.80
N GLU B 295 -19.83 -5.00 9.60
CA GLU B 295 -18.48 -5.58 9.37
C GLU B 295 -17.42 -4.49 9.48
N PRO B 296 -16.13 -4.84 9.72
CA PRO B 296 -15.11 -3.86 10.14
C PRO B 296 -14.85 -2.76 9.10
N GLU B 297 -15.12 -3.07 7.84
CA GLU B 297 -14.94 -2.07 6.76
C GLU B 297 -16.03 -0.99 6.91
N VAL B 298 -17.30 -1.36 6.97
CA VAL B 298 -18.38 -0.32 7.06
C VAL B 298 -18.28 0.34 8.44
N GLN B 299 -17.97 -0.42 9.50
CA GLN B 299 -17.65 0.15 10.83
C GLN B 299 -16.76 1.39 10.62
N TYR B 300 -15.61 1.22 9.97
CA TYR B 300 -14.66 2.31 9.59
C TYR B 300 -15.43 3.43 8.89
N VAL B 301 -15.94 3.22 7.67
CA VAL B 301 -16.60 4.30 6.88
C VAL B 301 -17.51 5.11 7.81
N ALA B 302 -18.27 4.45 8.70
CA ALA B 302 -19.29 5.10 9.54
C ALA B 302 -18.65 5.72 10.78
N LEU B 303 -17.52 5.21 11.24
CA LEU B 303 -16.75 5.88 12.32
C LEU B 303 -16.21 7.20 11.77
N ARG B 304 -15.74 7.19 10.52
CA ARG B 304 -15.16 8.37 9.83
C ARG B 304 -16.28 9.40 9.58
N ASN B 305 -17.52 8.94 9.43
CA ASN B 305 -18.67 9.85 9.15
C ASN B 305 -19.19 10.44 10.46
N ILE B 306 -19.27 9.64 11.51
CA ILE B 306 -19.64 10.13 12.87
C ILE B 306 -18.75 11.36 13.16
N ASN B 307 -17.43 11.19 13.00
CA ASN B 307 -16.34 12.14 13.37
C ASN B 307 -16.54 13.50 12.68
N LEU B 308 -17.27 13.53 11.56
CA LEU B 308 -17.75 14.78 10.91
C LEU B 308 -19.01 15.23 11.64
N ILE B 309 -19.98 14.32 11.78
CA ILE B 309 -21.37 14.59 12.23
C ILE B 309 -21.33 15.11 13.68
N VAL B 310 -20.34 14.66 14.46
CA VAL B 310 -20.07 15.12 15.85
C VAL B 310 -19.78 16.63 15.84
N GLN B 311 -19.10 17.16 14.84
CA GLN B 311 -18.67 18.59 14.77
C GLN B 311 -19.84 19.48 14.34
N LYS B 312 -20.50 19.19 13.22
CA LYS B 312 -21.72 19.93 12.80
C LYS B 312 -22.73 19.94 13.95
N ARG B 313 -23.13 18.77 14.47
CA ARG B 313 -24.26 18.62 15.45
C ARG B 313 -23.84 17.73 16.63
N PRO B 314 -23.08 18.23 17.64
CA PRO B 314 -22.67 17.39 18.77
C PRO B 314 -23.86 17.04 19.68
N GLU B 315 -25.08 17.40 19.26
CA GLU B 315 -26.36 17.13 19.96
C GLU B 315 -26.78 15.67 19.80
N ILE B 316 -26.34 14.98 18.74
CA ILE B 316 -26.96 13.68 18.30
C ILE B 316 -26.40 12.56 19.17
N LEU B 317 -25.09 12.30 19.08
CA LEU B 317 -24.38 11.33 19.96
C LEU B 317 -23.88 12.05 21.20
N LYS B 318 -24.69 12.95 21.78
CA LYS B 318 -24.25 13.86 22.87
C LYS B 318 -23.85 12.98 24.05
N GLN B 319 -24.73 12.05 24.41
CA GLN B 319 -24.60 11.18 25.60
C GLN B 319 -23.72 9.99 25.19
N GLU B 320 -24.29 9.05 24.44
CA GLU B 320 -23.60 7.89 23.81
C GLU B 320 -22.11 8.23 23.72
N ILE B 321 -21.25 7.42 24.32
CA ILE B 321 -19.80 7.70 24.44
C ILE B 321 -19.13 6.40 24.90
N LYS B 322 -19.85 5.66 25.76
CA LYS B 322 -19.62 4.23 26.10
C LYS B 322 -19.46 3.40 24.81
N VAL B 323 -20.13 3.80 23.72
CA VAL B 323 -20.18 3.11 22.39
C VAL B 323 -18.81 3.19 21.68
N PHE B 324 -17.88 3.98 22.21
CA PHE B 324 -16.59 4.30 21.56
C PHE B 324 -15.43 3.73 22.38
N PHE B 325 -15.71 3.13 23.54
CA PHE B 325 -14.64 2.46 24.32
C PHE B 325 -14.05 1.39 23.39
N VAL B 326 -12.80 1.63 23.02
CA VAL B 326 -12.00 0.71 22.19
C VAL B 326 -11.86 -0.65 22.90
N LYS B 327 -11.90 -1.73 22.13
CA LYS B 327 -11.70 -3.10 22.64
C LYS B 327 -10.40 -3.64 22.02
N TYR B 328 -9.63 -4.42 22.80
CA TYR B 328 -8.27 -4.91 22.45
C TYR B 328 -8.27 -5.53 21.03
N ASN B 329 -9.30 -6.31 20.72
CA ASN B 329 -9.41 -6.96 19.38
C ASN B 329 -10.55 -6.27 18.64
N ASP B 330 -10.62 -4.94 18.72
CA ASP B 330 -11.14 -4.10 17.61
C ASP B 330 -10.01 -4.03 16.60
N PRO B 331 -10.31 -3.82 15.31
CA PRO B 331 -9.28 -3.68 14.30
C PRO B 331 -8.64 -2.29 14.42
N ILE B 332 -7.31 -2.19 14.44
CA ILE B 332 -6.61 -0.94 14.84
C ILE B 332 -7.35 0.30 14.29
N TYR B 333 -7.72 0.28 13.01
CA TYR B 333 -8.25 1.48 12.32
C TYR B 333 -9.60 1.84 12.94
N VAL B 334 -10.34 0.86 13.48
CA VAL B 334 -11.62 1.14 14.21
C VAL B 334 -11.31 1.79 15.56
N LYS B 335 -10.22 1.37 16.22
CA LYS B 335 -9.78 1.94 17.52
C LYS B 335 -9.44 3.40 17.29
N LEU B 336 -8.52 3.64 16.35
CA LEU B 336 -7.93 4.97 16.09
C LEU B 336 -9.04 5.98 15.93
N GLU B 337 -10.14 5.58 15.30
CA GLU B 337 -11.33 6.45 15.11
C GLU B 337 -12.11 6.56 16.42
N LYS B 338 -12.33 5.43 17.10
CA LYS B 338 -13.09 5.35 18.38
C LYS B 338 -12.44 6.31 19.37
N LEU B 339 -11.11 6.26 19.51
CA LEU B 339 -10.35 7.17 20.39
C LEU B 339 -10.70 8.62 20.01
N ASP B 340 -10.25 9.08 18.85
CA ASP B 340 -10.44 10.49 18.37
C ASP B 340 -11.90 10.95 18.53
N ILE B 341 -12.88 10.03 18.56
CA ILE B 341 -14.32 10.40 18.68
C ILE B 341 -14.66 10.62 20.15
N MET B 342 -14.24 9.72 21.05
CA MET B 342 -14.52 9.84 22.50
C MET B 342 -14.10 11.22 23.00
N ILE B 343 -12.92 11.68 22.53
CA ILE B 343 -12.27 12.98 22.86
C ILE B 343 -13.22 14.14 22.50
N ARG B 344 -13.89 14.08 21.35
CA ARG B 344 -14.94 15.04 20.92
C ARG B 344 -16.17 14.95 21.85
N LEU B 345 -16.41 13.77 22.42
CA LEU B 345 -17.58 13.45 23.26
C LEU B 345 -17.30 13.71 24.76
N ALA B 346 -16.01 13.77 25.14
CA ALA B 346 -15.49 14.12 26.48
C ALA B 346 -16.15 15.40 27.03
N SER B 347 -16.72 15.29 28.24
CA SER B 347 -17.57 16.32 28.87
C SER B 347 -17.26 16.44 30.37
N GLN B 348 -17.79 17.49 31.00
CA GLN B 348 -17.53 17.86 32.42
C GLN B 348 -17.82 16.64 33.30
N ALA B 349 -18.67 15.74 32.79
CA ALA B 349 -19.23 14.57 33.51
C ALA B 349 -18.33 13.34 33.36
N ASN B 350 -17.85 13.06 32.14
CA ASN B 350 -17.34 11.71 31.77
C ASN B 350 -15.85 11.71 31.39
N ILE B 351 -15.09 12.75 31.76
CA ILE B 351 -13.59 12.72 31.74
C ILE B 351 -13.15 11.66 32.75
N ALA B 352 -14.00 11.40 33.75
CA ALA B 352 -13.85 10.37 34.80
C ALA B 352 -13.52 9.01 34.17
N GLN B 353 -14.47 8.47 33.41
CA GLN B 353 -14.35 7.11 32.82
C GLN B 353 -13.47 7.22 31.57
N VAL B 354 -13.50 8.37 30.87
CA VAL B 354 -12.66 8.57 29.66
C VAL B 354 -11.20 8.46 30.06
N LEU B 355 -10.78 9.29 31.02
CA LEU B 355 -9.37 9.29 31.47
C LEU B 355 -9.01 7.84 31.83
N ALA B 356 -9.91 7.15 32.54
CA ALA B 356 -9.77 5.72 32.95
C ALA B 356 -9.48 4.83 31.73
N GLU B 357 -10.33 4.86 30.72
CA GLU B 357 -10.14 4.06 29.48
C GLU B 357 -8.82 4.48 28.83
N LEU B 358 -8.52 5.78 28.83
CA LEU B 358 -7.33 6.31 28.12
C LEU B 358 -6.10 5.57 28.66
N LYS B 359 -6.03 5.32 29.97
CA LYS B 359 -4.85 4.68 30.61
C LYS B 359 -4.88 3.16 30.37
N GLU B 360 -6.07 2.56 30.18
CA GLU B 360 -6.18 1.17 29.67
C GLU B 360 -5.47 1.23 28.30
N TYR B 361 -5.81 2.23 27.46
CA TYR B 361 -5.40 2.31 26.03
C TYR B 361 -3.89 2.45 25.86
N ALA B 362 -3.23 3.19 26.73
CA ALA B 362 -1.83 3.63 26.57
C ALA B 362 -0.87 2.52 27.03
N THR B 363 -1.38 1.36 27.47
CA THR B 363 -0.55 0.16 27.79
C THR B 363 -0.59 -0.87 26.66
N GLU B 364 -1.42 -0.62 25.62
CA GLU B 364 -1.44 -1.40 24.35
C GLU B 364 -0.02 -1.50 23.79
N VAL B 365 0.16 -2.22 22.69
CA VAL B 365 1.50 -2.46 22.06
C VAL B 365 1.60 -1.70 20.72
N ASP B 366 0.48 -1.44 20.03
CA ASP B 366 0.52 -0.57 18.82
C ASP B 366 1.00 0.82 19.25
N VAL B 367 2.10 1.30 18.65
CA VAL B 367 2.82 2.54 19.06
C VAL B 367 1.99 3.75 18.65
N ASP B 368 1.51 3.78 17.41
CA ASP B 368 0.71 4.92 16.91
C ASP B 368 -0.67 4.90 17.61
N PHE B 369 -1.08 3.78 18.23
CA PHE B 369 -2.28 3.80 19.12
C PHE B 369 -1.87 4.50 20.41
N VAL B 370 -1.05 3.82 21.23
CA VAL B 370 -0.56 4.32 22.55
C VAL B 370 -0.40 5.84 22.46
N ARG B 371 0.40 6.28 21.50
CA ARG B 371 0.61 7.72 21.19
C ARG B 371 -0.76 8.42 21.08
N LYS B 372 -1.48 8.26 19.97
CA LYS B 372 -2.76 8.97 19.77
C LYS B 372 -3.52 8.96 21.11
N ALA B 373 -3.39 7.88 21.89
CA ALA B 373 -4.11 7.67 23.18
C ALA B 373 -3.58 8.61 24.27
N VAL B 374 -2.25 8.83 24.37
CA VAL B 374 -1.69 9.81 25.35
C VAL B 374 -1.98 11.24 24.84
N ARG B 375 -1.62 11.56 23.59
CA ARG B 375 -2.02 12.84 22.95
C ARG B 375 -3.48 13.12 23.34
N ALA B 376 -4.29 12.07 23.50
CA ALA B 376 -5.75 12.14 23.76
C ALA B 376 -6.01 12.69 25.16
N ILE B 377 -5.07 12.52 26.10
CA ILE B 377 -5.22 13.06 27.50
C ILE B 377 -5.10 14.58 27.43
N GLY B 378 -3.94 15.08 26.96
CA GLY B 378 -3.67 16.51 26.68
C GLY B 378 -4.84 17.20 26.01
N ARG B 379 -5.31 16.66 24.88
CA ARG B 379 -6.55 17.11 24.18
C ARG B 379 -7.70 17.21 25.20
N CYS B 380 -7.81 16.22 26.08
CA CYS B 380 -8.85 16.12 27.13
C CYS B 380 -8.65 17.23 28.17
N ALA B 381 -7.47 17.22 28.82
CA ALA B 381 -6.97 18.24 29.78
C ALA B 381 -7.32 19.64 29.25
N ILE B 382 -6.81 19.96 28.07
CA ILE B 382 -6.96 21.29 27.43
C ILE B 382 -8.45 21.60 27.25
N LYS B 383 -9.28 20.58 27.02
CA LYS B 383 -10.74 20.76 26.77
C LYS B 383 -11.47 20.99 28.09
N VAL B 384 -11.11 20.22 29.14
CA VAL B 384 -11.88 20.14 30.42
C VAL B 384 -11.01 20.55 31.62
N GLU B 385 -11.00 21.86 31.95
CA GLU B 385 -10.15 22.48 33.01
C GLU B 385 -10.03 21.51 34.19
N GLN B 386 -11.18 21.19 34.81
CA GLN B 386 -11.32 20.38 36.05
C GLN B 386 -10.36 19.18 36.02
N SER B 387 -10.06 18.68 34.81
CA SER B 387 -9.23 17.47 34.62
C SER B 387 -7.75 17.80 34.84
N ALA B 388 -7.29 18.92 34.25
CA ALA B 388 -5.87 19.26 33.99
C ALA B 388 -4.93 18.65 35.04
N GLU B 389 -5.19 18.95 36.32
CA GLU B 389 -4.40 18.52 37.53
C GLU B 389 -4.31 16.99 37.58
N ARG B 390 -5.44 16.33 37.34
CA ARG B 390 -5.57 14.85 37.38
C ARG B 390 -5.08 14.29 36.04
N CYS B 391 -5.45 14.92 34.92
CA CYS B 391 -4.99 14.55 33.55
C CYS B 391 -3.46 14.57 33.48
N VAL B 392 -2.84 15.56 34.14
CA VAL B 392 -1.36 15.75 34.13
C VAL B 392 -0.71 14.69 35.02
N SER B 393 -1.46 14.21 36.03
CA SER B 393 -1.06 13.08 36.91
C SER B 393 -0.72 11.89 36.00
N THR B 394 -1.72 11.44 35.23
CA THR B 394 -1.69 10.27 34.32
C THR B 394 -0.37 10.24 33.55
N LEU B 395 0.05 11.40 33.02
CA LEU B 395 1.29 11.58 32.19
C LEU B 395 2.57 11.28 33.00
N LEU B 396 2.53 11.39 34.33
CA LEU B 396 3.70 11.05 35.18
C LEU B 396 3.97 9.55 35.11
N ASP B 397 3.07 8.73 35.67
CA ASP B 397 3.13 7.25 35.60
C ASP B 397 3.69 6.85 34.24
N LEU B 398 3.02 7.29 33.16
CA LEU B 398 3.29 6.97 31.73
C LEU B 398 4.74 7.34 31.41
N ILE B 399 5.17 8.51 31.89
CA ILE B 399 6.55 9.01 31.68
C ILE B 399 7.49 8.14 32.51
N GLN B 400 7.04 7.78 33.72
CA GLN B 400 7.84 7.10 34.77
C GLN B 400 8.15 5.66 34.30
N THR B 401 7.31 5.10 33.42
CA THR B 401 7.48 3.76 32.78
C THR B 401 8.75 3.72 31.91
N LYS B 402 9.27 4.87 31.48
CA LYS B 402 10.58 5.01 30.77
C LYS B 402 10.52 4.42 29.35
N VAL B 403 9.33 4.15 28.83
CA VAL B 403 9.18 3.71 27.41
C VAL B 403 9.39 4.96 26.55
N ASN B 404 10.50 5.03 25.81
CA ASN B 404 10.97 6.26 25.11
C ASN B 404 9.80 6.90 24.35
N TYR B 405 9.27 6.22 23.34
CA TYR B 405 8.23 6.75 22.41
C TYR B 405 6.99 7.27 23.17
N VAL B 406 6.76 6.94 24.46
CA VAL B 406 5.62 7.53 25.25
C VAL B 406 6.03 8.94 25.69
N VAL B 407 7.17 9.04 26.38
CA VAL B 407 7.84 10.30 26.80
C VAL B 407 7.80 11.27 25.61
N GLN B 408 8.52 10.92 24.53
CA GLN B 408 8.60 11.70 23.28
C GLN B 408 7.21 12.24 22.89
N GLU B 409 6.14 11.48 23.07
CA GLU B 409 4.79 11.93 22.64
C GLU B 409 4.20 12.85 23.71
N ALA B 410 4.68 12.75 24.95
CA ALA B 410 4.07 13.43 26.13
C ALA B 410 4.57 14.87 26.17
N ILE B 411 5.90 15.04 26.12
CA ILE B 411 6.56 16.36 25.87
C ILE B 411 5.72 17.17 24.87
N VAL B 412 5.35 16.54 23.74
CA VAL B 412 4.45 17.15 22.70
C VAL B 412 3.09 17.53 23.32
N VAL B 413 2.52 16.73 24.22
CA VAL B 413 1.31 17.16 24.97
C VAL B 413 1.73 18.25 25.97
N ILE B 414 2.77 18.00 26.76
CA ILE B 414 3.14 18.87 27.92
C ILE B 414 3.23 20.32 27.44
N ARG B 415 3.92 20.54 26.30
CA ARG B 415 4.05 21.87 25.68
C ARG B 415 2.65 22.48 25.55
N ASP B 416 1.80 21.92 24.70
CA ASP B 416 0.47 22.53 24.42
C ASP B 416 -0.33 22.64 25.73
N ILE B 417 -0.03 21.88 26.77
CA ILE B 417 -0.79 22.02 28.06
C ILE B 417 -0.39 23.36 28.66
N PHE B 418 0.90 23.58 28.86
CA PHE B 418 1.46 24.89 29.31
C PHE B 418 0.65 26.02 28.66
N ARG B 419 0.52 25.96 27.33
CA ARG B 419 -0.01 27.09 26.52
C ARG B 419 -1.49 27.38 26.87
N LYS B 420 -2.19 26.46 27.55
CA LYS B 420 -3.64 26.59 27.92
C LYS B 420 -3.80 26.77 29.43
N TYR B 421 -2.83 26.24 30.18
CA TYR B 421 -2.72 26.32 31.66
C TYR B 421 -1.31 26.83 31.97
N PRO B 422 -1.10 28.17 31.91
CA PRO B 422 0.22 28.73 31.59
C PRO B 422 1.10 28.51 32.82
N ASN B 423 2.28 27.94 32.58
CA ASN B 423 3.04 27.10 33.54
C ASN B 423 2.55 27.26 34.98
N LYS B 424 1.84 26.23 35.42
CA LYS B 424 1.74 25.76 36.82
C LYS B 424 1.95 24.23 36.76
N TYR B 425 2.88 23.76 35.92
CA TYR B 425 3.28 22.33 35.82
C TYR B 425 4.74 22.19 35.35
N GLU B 426 5.55 23.24 35.56
CA GLU B 426 7.03 23.29 35.35
C GLU B 426 7.70 21.99 35.78
N SER B 427 7.26 21.47 36.93
CA SER B 427 7.90 20.36 37.67
C SER B 427 8.19 19.21 36.70
N ILE B 428 7.32 19.02 35.70
CA ILE B 428 7.22 17.78 34.88
C ILE B 428 8.40 17.69 33.90
N ILE B 429 8.96 18.79 33.45
CA ILE B 429 10.07 18.71 32.45
C ILE B 429 11.30 18.07 33.11
N ALA B 430 11.60 18.35 34.38
CA ALA B 430 12.67 17.69 35.16
C ALA B 430 12.50 16.16 35.08
N THR B 431 11.32 15.70 35.54
CA THR B 431 10.86 14.28 35.60
C THR B 431 11.06 13.59 34.25
N LEU B 432 10.52 14.18 33.19
CA LEU B 432 10.37 13.53 31.85
C LEU B 432 11.68 13.63 31.06
N CYS B 433 12.60 14.47 31.51
CA CYS B 433 13.94 14.58 30.89
C CYS B 433 14.88 13.53 31.48
N GLU B 434 14.49 12.90 32.60
CA GLU B 434 15.24 11.79 33.24
C GLU B 434 14.52 10.45 32.99
N ASN B 435 13.51 10.44 32.12
CA ASN B 435 12.94 9.20 31.52
C ASN B 435 13.21 9.18 30.00
N LEU B 436 13.72 10.28 29.43
CA LEU B 436 13.76 10.46 27.95
C LEU B 436 14.56 9.31 27.33
N ASP B 437 15.88 9.29 27.51
CA ASP B 437 16.80 8.26 26.95
C ASP B 437 17.31 8.71 25.59
N SER B 438 16.42 8.95 24.62
CA SER B 438 16.77 9.60 23.33
C SER B 438 15.62 10.49 22.83
N LEU B 439 15.93 11.53 22.06
CA LEU B 439 14.90 12.43 21.44
C LEU B 439 15.11 12.49 19.92
N ASP B 440 14.47 11.56 19.20
CA ASP B 440 14.67 11.26 17.75
C ASP B 440 13.43 11.65 16.91
N GLU B 441 12.25 11.77 17.53
CA GLU B 441 10.97 12.12 16.85
C GLU B 441 10.89 13.63 16.66
N PRO B 442 11.04 14.18 15.42
CA PRO B 442 11.07 15.64 15.23
C PRO B 442 9.83 16.31 15.81
N ASP B 443 8.64 15.70 15.63
CA ASP B 443 7.36 16.20 16.21
C ASP B 443 7.61 16.75 17.62
N ALA B 444 8.56 16.14 18.34
CA ALA B 444 8.78 16.28 19.80
C ALA B 444 10.09 17.00 20.13
N ARG B 445 11.09 16.99 19.24
CA ARG B 445 12.26 17.90 19.33
C ARG B 445 11.78 19.37 19.29
N ALA B 446 10.78 19.66 18.44
CA ALA B 446 10.08 20.95 18.32
C ALA B 446 9.61 21.43 19.70
N ALA B 447 8.85 20.60 20.41
CA ALA B 447 8.21 20.93 21.70
C ALA B 447 9.26 21.11 22.80
N MET B 448 10.40 20.40 22.75
CA MET B 448 11.50 20.57 23.73
C MET B 448 12.08 21.97 23.53
N ILE B 449 12.59 22.20 22.31
CA ILE B 449 13.19 23.50 21.89
C ILE B 449 12.25 24.66 22.29
N TRP B 450 10.95 24.55 22.04
CA TRP B 450 10.02 25.68 22.28
C TRP B 450 9.78 25.94 23.77
N ILE B 451 9.83 24.89 24.60
CA ILE B 451 9.72 25.01 26.08
C ILE B 451 10.97 25.73 26.57
N VAL B 452 12.15 25.16 26.27
CA VAL B 452 13.47 25.79 26.52
C VAL B 452 13.43 27.25 26.00
N GLY B 453 12.77 27.46 24.86
CA GLY B 453 12.47 28.80 24.31
C GLY B 453 11.76 29.67 25.34
N GLU B 454 10.42 29.55 25.43
CA GLU B 454 9.55 30.33 26.35
C GLU B 454 10.25 30.59 27.68
N TYR B 455 10.81 29.56 28.30
CA TYR B 455 11.33 29.64 29.68
C TYR B 455 12.86 29.57 29.73
N ALA B 456 13.58 30.35 28.91
CA ALA B 456 15.06 30.39 28.89
C ALA B 456 15.56 31.15 30.13
N GLU B 457 14.73 32.01 30.74
CA GLU B 457 15.06 32.76 31.97
C GLU B 457 15.11 31.83 33.18
N ARG B 458 14.30 30.77 33.15
CA ARG B 458 14.11 29.81 34.27
C ARG B 458 14.89 28.51 34.04
N ILE B 459 15.73 28.41 32.99
CA ILE B 459 16.62 27.24 32.70
C ILE B 459 18.09 27.73 32.66
N ASP B 460 18.80 27.62 33.78
CA ASP B 460 20.23 28.06 33.88
C ASP B 460 20.98 27.40 32.72
N ASN B 461 20.44 26.31 32.20
CA ASN B 461 21.07 25.41 31.20
C ASN B 461 20.86 25.92 29.76
N ALA B 462 19.80 26.68 29.49
CA ALA B 462 19.13 26.79 28.17
C ALA B 462 20.12 26.93 27.01
N ASP B 463 21.21 27.70 27.20
CA ASP B 463 22.22 28.06 26.16
C ASP B 463 22.98 26.81 25.72
N GLU B 464 23.18 25.83 26.61
CA GLU B 464 23.67 24.45 26.31
C GLU B 464 22.66 23.79 25.37
N LEU B 465 21.44 23.55 25.90
CA LEU B 465 20.30 22.90 25.21
C LEU B 465 20.25 23.37 23.74
N LEU B 466 20.05 24.67 23.51
CA LEU B 466 19.85 25.21 22.14
C LEU B 466 21.17 25.21 21.38
N GLU B 467 22.32 25.24 22.05
CA GLU B 467 23.61 25.03 21.32
C GLU B 467 23.57 23.61 20.74
N SER B 468 23.23 22.62 21.57
CA SER B 468 23.26 21.17 21.22
C SER B 468 22.61 20.93 19.85
N PHE B 469 21.52 21.65 19.54
CA PHE B 469 20.70 21.43 18.32
C PHE B 469 21.23 22.18 17.10
N LEU B 470 22.17 23.12 17.26
CA LEU B 470 22.81 23.84 16.13
C LEU B 470 23.81 22.91 15.44
N GLU B 471 24.33 21.92 16.19
CA GLU B 471 25.30 20.90 15.71
C GLU B 471 24.77 20.29 14.41
N GLY B 472 23.50 19.87 14.41
CA GLY B 472 22.84 19.27 13.24
C GLY B 472 21.64 20.08 12.76
N PHE B 473 21.88 21.21 12.07
CA PHE B 473 20.80 22.12 11.57
C PHE B 473 20.25 21.48 10.28
N HIS B 474 20.65 21.93 9.09
CA HIS B 474 20.26 21.24 7.83
C HIS B 474 20.24 19.74 8.19
N ASP B 475 19.18 19.01 7.85
CA ASP B 475 18.93 17.63 8.36
C ASP B 475 18.27 17.72 9.73
N GLU B 476 17.45 18.73 9.96
CA GLU B 476 16.41 18.74 11.02
C GLU B 476 15.12 19.19 10.34
N SER B 477 13.98 18.88 10.94
CA SER B 477 12.63 19.24 10.45
C SER B 477 12.62 20.75 10.15
N THR B 478 12.29 21.18 8.92
CA THR B 478 11.99 22.61 8.68
C THR B 478 10.86 23.02 9.64
N GLN B 479 10.88 22.49 10.87
CA GLN B 479 9.98 22.82 12.02
C GLN B 479 10.88 23.02 13.24
N VAL B 480 11.67 22.00 13.56
CA VAL B 480 12.82 22.10 14.49
C VAL B 480 13.73 23.22 14.00
N GLN B 481 13.62 23.65 12.73
CA GLN B 481 14.42 24.80 12.22
C GLN B 481 13.68 26.11 12.54
N LEU B 482 12.48 26.28 11.98
CA LEU B 482 11.66 27.47 12.25
C LEU B 482 11.51 27.68 13.76
N THR B 483 11.34 26.59 14.54
CA THR B 483 11.01 26.62 15.98
C THR B 483 12.24 26.99 16.80
N LEU B 484 13.42 26.69 16.28
CA LEU B 484 14.74 26.96 16.90
C LEU B 484 15.18 28.38 16.56
N LEU B 485 15.06 28.79 15.30
CA LEU B 485 15.23 30.22 14.92
C LEU B 485 14.66 31.04 16.08
N THR B 486 13.34 30.95 16.28
CA THR B 486 12.56 31.71 17.28
C THR B 486 13.06 31.38 18.70
N ALA B 487 13.48 30.15 18.99
CA ALA B 487 13.83 29.76 20.39
C ALA B 487 15.19 30.32 20.80
N ILE B 488 16.01 30.72 19.84
CA ILE B 488 17.38 31.24 20.12
C ILE B 488 17.38 32.78 20.10
N VAL B 489 16.58 33.43 19.25
CA VAL B 489 16.42 34.91 19.35
C VAL B 489 15.56 35.22 20.59
N LYS B 490 14.68 34.30 21.00
CA LYS B 490 13.96 34.44 22.30
C LYS B 490 15.01 34.43 23.42
N LEU B 491 15.84 33.39 23.46
CA LEU B 491 16.96 33.28 24.43
C LEU B 491 17.79 34.57 24.41
N PHE B 492 18.17 35.02 23.21
CA PHE B 492 19.08 36.16 22.95
C PHE B 492 18.55 37.45 23.59
N LEU B 493 17.33 37.85 23.24
CA LEU B 493 16.63 38.98 23.91
C LEU B 493 16.62 38.78 25.44
N LYS B 494 16.72 37.54 25.93
CA LYS B 494 16.55 37.21 27.38
C LYS B 494 17.89 37.14 28.09
N LYS B 495 18.99 36.96 27.38
CA LYS B 495 20.34 36.74 27.98
C LYS B 495 21.41 37.25 27.01
N PRO B 496 21.20 38.42 26.41
CA PRO B 496 21.98 38.84 25.24
C PRO B 496 23.49 38.82 25.54
N SER B 497 23.87 39.19 26.75
CA SER B 497 25.27 39.10 27.23
C SER B 497 25.93 37.85 26.64
N GLU B 498 25.41 36.68 27.02
CA GLU B 498 26.14 35.39 27.06
C GLU B 498 25.75 34.49 25.90
N THR B 499 25.08 35.03 24.88
CA THR B 499 24.37 34.27 23.84
C THR B 499 24.96 34.62 22.46
N GLN B 500 25.02 35.92 22.12
CA GLN B 500 25.22 36.46 20.74
C GLN B 500 25.81 35.42 19.78
N GLU B 501 26.76 34.61 20.23
CA GLU B 501 27.46 33.63 19.36
C GLU B 501 26.48 32.58 18.81
N LEU B 502 25.32 32.38 19.46
CA LEU B 502 24.24 31.48 18.97
C LEU B 502 23.47 32.19 17.86
N VAL B 503 22.96 33.42 18.08
CA VAL B 503 22.18 34.15 17.03
C VAL B 503 23.15 34.52 15.90
N GLN B 504 24.44 34.72 16.21
CA GLN B 504 25.51 34.76 15.16
C GLN B 504 25.27 33.59 14.19
N GLN B 505 25.30 32.36 14.72
CA GLN B 505 25.09 31.09 13.96
C GLN B 505 23.63 31.05 13.47
N VAL B 506 22.69 30.66 14.31
CA VAL B 506 21.26 30.48 13.90
C VAL B 506 20.95 31.42 12.74
N LEU B 507 20.96 32.74 12.97
CA LEU B 507 20.57 33.80 11.98
C LEU B 507 21.43 33.68 10.72
N SER B 508 22.75 33.49 10.90
CA SER B 508 23.68 33.17 9.79
C SER B 508 22.99 32.12 8.91
N LEU B 509 22.90 30.88 9.43
CA LEU B 509 22.33 29.69 8.73
C LEU B 509 20.99 30.07 8.09
N ALA B 510 20.04 30.62 8.85
CA ALA B 510 18.67 30.95 8.37
C ALA B 510 18.71 31.97 7.22
N THR B 511 19.77 32.80 7.13
CA THR B 511 19.96 33.86 6.11
C THR B 511 20.85 33.36 4.95
N GLN B 512 22.00 32.75 5.25
CA GLN B 512 23.16 32.59 4.32
C GLN B 512 23.32 31.14 3.82
N ASP B 513 22.46 30.19 4.21
CA ASP B 513 22.59 28.76 3.83
C ASP B 513 21.25 28.23 3.30
N SER B 514 20.24 28.15 4.18
CA SER B 514 18.89 27.58 3.92
C SER B 514 18.47 27.81 2.48
N ASP B 515 17.97 26.78 1.80
CA ASP B 515 17.40 26.91 0.43
C ASP B 515 15.92 27.26 0.58
N ASN B 516 15.40 27.24 1.82
CA ASN B 516 13.97 27.45 2.16
C ASN B 516 13.70 28.95 2.11
N PRO B 517 13.06 29.49 1.05
CA PRO B 517 12.88 30.93 0.98
C PRO B 517 12.31 31.46 2.30
N ASP B 518 11.33 30.76 2.87
CA ASP B 518 10.42 31.22 3.96
C ASP B 518 11.13 31.29 5.33
N LEU B 519 12.06 30.38 5.58
CA LEU B 519 12.96 30.38 6.78
C LEU B 519 14.10 31.39 6.60
N ARG B 520 14.39 31.78 5.37
CA ARG B 520 15.36 32.86 5.07
C ARG B 520 14.71 34.21 5.42
N ASP B 521 13.41 34.34 5.18
CA ASP B 521 12.64 35.58 5.39
C ASP B 521 12.47 35.78 6.89
N ARG B 522 12.42 34.67 7.64
CA ARG B 522 12.18 34.70 9.10
C ARG B 522 13.52 35.02 9.76
N GLY B 523 14.61 34.54 9.15
CA GLY B 523 16.00 34.75 9.58
C GLY B 523 16.49 36.15 9.27
N TYR B 524 15.90 36.81 8.29
CA TYR B 524 16.11 38.26 8.05
C TYR B 524 15.28 39.01 9.09
N ILE B 525 13.94 38.98 8.98
CA ILE B 525 13.00 39.72 9.88
C ILE B 525 13.53 39.80 11.33
N TYR B 526 14.06 38.73 11.91
CA TYR B 526 14.68 38.80 13.25
C TYR B 526 15.93 39.66 13.16
N TRP B 527 16.87 39.30 12.29
CA TRP B 527 18.14 40.06 12.10
C TRP B 527 17.86 41.55 11.91
N ARG B 528 16.82 41.90 11.14
CA ARG B 528 16.42 43.30 10.91
C ARG B 528 15.95 43.90 12.24
N LEU B 529 14.88 43.40 12.86
CA LEU B 529 14.40 43.87 14.20
C LEU B 529 15.59 44.15 15.14
N LEU B 530 16.32 43.12 15.58
CA LEU B 530 17.48 43.29 16.49
C LEU B 530 18.33 44.48 16.03
N SER B 531 18.74 44.48 14.76
CA SER B 531 19.73 45.43 14.20
C SER B 531 19.15 46.86 14.17
N THR B 532 17.89 47.03 13.76
CA THR B 532 17.25 48.35 13.59
C THR B 532 16.78 48.94 14.93
N ASP B 533 15.90 48.26 15.67
CA ASP B 533 15.39 48.80 16.97
C ASP B 533 15.18 47.70 18.02
N PRO B 534 16.05 47.52 19.04
CA PRO B 534 15.88 46.43 20.01
C PRO B 534 14.67 46.57 20.95
N VAL B 535 14.17 47.80 21.15
CA VAL B 535 13.01 48.04 22.06
C VAL B 535 11.77 47.45 21.38
N THR B 536 11.65 47.58 20.06
CA THR B 536 10.57 46.95 19.27
C THR B 536 10.85 45.44 19.21
N ALA B 537 12.11 45.05 18.97
CA ALA B 537 12.52 43.64 18.78
C ALA B 537 11.93 42.83 19.92
N LYS B 538 12.17 43.28 21.16
CA LYS B 538 11.70 42.58 22.38
C LYS B 538 10.17 42.66 22.43
N GLU B 539 9.56 43.79 22.10
CA GLU B 539 8.10 43.94 22.31
C GLU B 539 7.32 43.21 21.21
N VAL B 540 8.00 42.77 20.14
CA VAL B 540 7.38 41.94 19.06
C VAL B 540 7.56 40.48 19.45
N VAL B 541 8.82 40.01 19.55
CA VAL B 541 9.19 38.57 19.68
C VAL B 541 8.58 37.99 20.97
N LEU B 542 8.74 38.67 22.11
CA LEU B 542 8.27 38.18 23.44
C LEU B 542 6.88 38.75 23.76
N SER B 543 6.14 39.26 22.78
CA SER B 543 4.77 39.77 23.01
C SER B 543 3.94 38.65 23.63
N GLU B 544 3.05 38.99 24.57
CA GLU B 544 2.17 38.06 25.32
C GLU B 544 1.12 37.43 24.40
N LYS B 545 1.29 36.13 24.11
CA LYS B 545 0.39 35.30 23.27
C LYS B 545 -0.79 34.81 24.12
N PRO B 546 -2.04 34.92 23.62
CA PRO B 546 -3.19 34.43 24.39
C PRO B 546 -3.07 32.91 24.64
N LEU B 547 -4.07 32.38 25.34
CA LEU B 547 -4.13 30.93 25.61
C LEU B 547 -4.75 30.27 24.39
N ILE B 548 -4.27 29.08 24.04
CA ILE B 548 -4.83 28.21 22.97
C ILE B 548 -6.26 27.83 23.35
N SER B 549 -7.12 27.43 22.41
CA SER B 549 -8.53 27.09 22.75
C SER B 549 -8.63 25.58 22.94
N GLU B 550 -9.21 25.15 24.06
CA GLU B 550 -10.06 23.95 24.15
C GLU B 550 -10.80 23.86 22.82
N GLU B 551 -10.60 22.79 22.06
CA GLU B 551 -11.28 22.62 20.76
C GLU B 551 -11.55 21.12 20.54
N THR B 552 -10.47 20.31 20.54
CA THR B 552 -10.30 18.92 20.03
C THR B 552 -9.92 18.96 18.54
N ASP B 553 -8.66 19.34 18.26
CA ASP B 553 -8.00 19.45 16.91
C ASP B 553 -9.04 19.32 15.78
N LEU B 554 -9.73 20.42 15.47
CA LEU B 554 -11.02 20.48 14.72
C LEU B 554 -10.80 20.56 13.20
N ILE B 555 -11.91 20.59 12.46
CA ILE B 555 -12.04 20.81 10.97
C ILE B 555 -12.62 22.22 10.75
N GLU B 556 -12.17 22.90 9.68
CA GLU B 556 -12.57 24.29 9.28
C GLU B 556 -14.05 24.41 8.96
N PRO B 557 -14.81 25.31 9.64
CA PRO B 557 -16.26 25.50 9.46
C PRO B 557 -16.98 25.16 8.14
N THR B 558 -16.56 25.70 6.99
CA THR B 558 -17.17 25.40 5.65
C THR B 558 -16.59 24.13 5.04
N LEU B 559 -15.30 23.83 5.27
CA LEU B 559 -14.63 22.58 4.78
C LEU B 559 -15.41 21.38 5.34
N LEU B 560 -15.76 21.47 6.63
CA LEU B 560 -16.79 20.61 7.27
C LEU B 560 -18.03 20.58 6.39
N ASP B 561 -18.84 21.66 6.40
CA ASP B 561 -20.17 21.75 5.74
C ASP B 561 -20.13 21.14 4.33
N GLU B 562 -18.99 21.22 3.64
CA GLU B 562 -18.77 20.61 2.30
C GLU B 562 -18.83 19.09 2.45
N LEU B 563 -18.03 18.53 3.37
CA LEU B 563 -17.95 17.09 3.70
C LEU B 563 -19.32 16.56 4.15
N ILE B 564 -19.88 17.06 5.26
CA ILE B 564 -21.32 16.86 5.63
C ILE B 564 -22.18 16.65 4.36
N CYS B 565 -21.92 17.42 3.30
CA CYS B 565 -22.57 17.26 1.96
C CYS B 565 -21.75 16.31 1.09
N HIS B 566 -21.47 15.10 1.58
CA HIS B 566 -20.57 14.08 0.97
C HIS B 566 -20.48 12.83 1.85
N ILE B 567 -21.57 12.48 2.55
CA ILE B 567 -21.47 11.67 3.79
C ILE B 567 -21.33 10.18 3.46
N GLY B 568 -22.06 9.64 2.48
CA GLY B 568 -21.78 8.29 1.96
C GLY B 568 -20.40 8.21 1.32
N SER B 569 -19.97 9.32 0.68
CA SER B 569 -18.85 9.39 -0.30
C SER B 569 -17.51 9.05 0.34
N LEU B 570 -16.49 8.92 -0.52
CA LEU B 570 -15.06 8.68 -0.21
C LEU B 570 -14.45 9.94 0.44
N ALA B 571 -15.04 11.10 0.16
CA ALA B 571 -14.67 12.40 0.76
C ALA B 571 -14.73 12.28 2.29
N SER B 572 -15.85 11.75 2.80
CA SER B 572 -16.15 11.58 4.26
C SER B 572 -15.14 10.63 4.89
N VAL B 573 -14.56 9.71 4.10
CA VAL B 573 -13.51 8.73 4.52
C VAL B 573 -12.18 9.46 4.79
N TYR B 574 -11.68 10.15 3.75
CA TYR B 574 -10.34 10.79 3.68
C TYR B 574 -10.37 12.15 4.39
N HIS B 575 -11.56 12.74 4.57
CA HIS B 575 -11.78 14.10 5.14
C HIS B 575 -11.01 15.13 4.32
N LYS B 576 -11.22 15.15 3.01
CA LYS B 576 -10.55 16.07 2.05
C LYS B 576 -11.47 16.25 0.85
N PRO B 577 -11.77 17.50 0.45
CA PRO B 577 -12.73 17.71 -0.63
C PRO B 577 -12.30 16.93 -1.87
N PRO B 578 -13.23 16.69 -2.81
CA PRO B 578 -12.93 15.90 -4.00
C PRO B 578 -11.52 16.15 -4.53
N ASN B 579 -11.15 17.43 -4.69
CA ASN B 579 -9.94 17.90 -5.43
C ASN B 579 -8.66 17.39 -4.76
N ALA B 580 -8.69 16.23 -4.08
CA ALA B 580 -7.50 15.33 -3.91
C ALA B 580 -7.76 13.90 -4.45
N PHE B 581 -8.77 13.73 -5.32
CA PHE B 581 -8.96 12.52 -6.19
C PHE B 581 -9.34 13.00 -7.59
N VAL B 582 -8.47 12.70 -8.57
CA VAL B 582 -8.19 13.38 -9.89
C VAL B 582 -9.40 13.24 -10.82
N GLU B 583 -9.44 14.04 -11.90
CA GLU B 583 -10.52 14.03 -12.93
C GLU B 583 -10.34 12.83 -13.86
N GLY B 584 -11.01 11.71 -13.53
CA GLY B 584 -11.00 10.41 -14.27
C GLY B 584 -9.58 9.81 -14.25
N MET C 1 -18.12 5.46 -10.91
CA MET C 1 -18.42 4.60 -9.72
C MET C 1 -17.33 3.54 -9.58
N ILE C 2 -17.69 2.30 -9.29
CA ILE C 2 -16.70 1.19 -9.25
C ILE C 2 -16.02 1.18 -10.61
N GLY C 3 -14.70 1.28 -10.62
CA GLY C 3 -13.88 1.19 -11.84
C GLY C 3 -13.52 -0.26 -12.13
N GLY C 4 -12.60 -0.82 -11.36
CA GLY C 4 -12.12 -2.21 -11.51
C GLY C 4 -12.63 -3.11 -10.39
N LEU C 5 -12.30 -4.40 -10.49
CA LEU C 5 -12.73 -5.47 -9.53
C LEU C 5 -11.76 -6.65 -9.62
N PHE C 6 -10.92 -6.82 -8.61
CA PHE C 6 -9.74 -7.71 -8.68
C PHE C 6 -9.75 -8.63 -7.47
N ILE C 7 -9.58 -9.94 -7.74
CA ILE C 7 -9.34 -11.02 -6.72
C ILE C 7 -7.91 -11.51 -6.90
N TYR C 8 -7.24 -11.86 -5.81
CA TYR C 8 -5.85 -12.39 -5.81
C TYR C 8 -5.79 -13.56 -4.82
N ASN C 9 -4.65 -14.24 -4.76
CA ASN C 9 -4.37 -15.30 -3.76
C ASN C 9 -3.39 -14.75 -2.71
N HIS C 10 -3.11 -15.54 -1.67
CA HIS C 10 -2.20 -15.18 -0.55
C HIS C 10 -0.84 -14.72 -1.11
N LYS C 11 -0.57 -14.97 -2.40
CA LYS C 11 0.77 -14.84 -3.02
C LYS C 11 0.84 -13.57 -3.88
N GLY C 12 -0.29 -12.89 -4.06
CA GLY C 12 -0.36 -11.64 -4.87
C GLY C 12 -0.50 -11.94 -6.36
N GLU C 13 -0.97 -13.14 -6.67
CA GLU C 13 -1.21 -13.62 -8.05
C GLU C 13 -2.67 -13.33 -8.36
N VAL C 14 -2.97 -12.91 -9.61
CA VAL C 14 -4.34 -12.52 -10.04
C VAL C 14 -5.15 -13.78 -10.36
N LEU C 15 -6.42 -13.78 -9.94
CA LEU C 15 -7.37 -14.90 -10.08
C LEU C 15 -8.49 -14.46 -11.00
N ILE C 16 -9.14 -13.34 -10.68
CA ILE C 16 -10.08 -12.69 -11.64
C ILE C 16 -9.86 -11.15 -11.59
N SER C 17 -10.00 -10.49 -12.74
CA SER C 17 -9.86 -9.02 -12.89
C SER C 17 -10.79 -8.59 -14.03
N ARG C 18 -11.72 -7.69 -13.71
CA ARG C 18 -12.71 -7.13 -14.66
C ARG C 18 -12.74 -5.61 -14.46
N VAL C 19 -12.26 -4.87 -15.46
CA VAL C 19 -12.24 -3.38 -15.48
C VAL C 19 -13.45 -2.89 -16.25
N TYR C 20 -14.15 -1.89 -15.69
CA TYR C 20 -15.40 -1.32 -16.21
C TYR C 20 -15.18 0.12 -16.71
N ARG C 21 -14.00 0.71 -16.51
CA ARG C 21 -13.74 2.13 -16.91
C ARG C 21 -12.31 2.29 -17.48
N ASP C 22 -12.16 3.06 -18.58
CA ASP C 22 -10.87 3.46 -19.19
C ASP C 22 -9.98 4.21 -18.19
N ASP C 23 -10.60 4.95 -17.25
CA ASP C 23 -10.02 5.52 -16.01
C ASP C 23 -8.83 4.70 -15.50
N ILE C 24 -8.88 3.37 -15.70
CA ILE C 24 -8.16 2.32 -14.91
C ILE C 24 -7.51 1.29 -15.85
N GLY C 25 -6.22 0.98 -15.63
CA GLY C 25 -5.44 0.05 -16.48
C GLY C 25 -4.79 -1.06 -15.67
N ARG C 26 -3.79 -1.75 -16.26
CA ARG C 26 -2.94 -2.76 -15.56
C ARG C 26 -2.31 -2.07 -14.36
N ASN C 27 -1.54 -1.01 -14.65
CA ASN C 27 -1.09 0.06 -13.72
C ASN C 27 -1.66 -0.18 -12.32
N ALA C 28 -3.00 -0.18 -12.16
CA ALA C 28 -3.71 -0.33 -10.87
C ALA C 28 -3.56 -1.75 -10.30
N VAL C 29 -4.10 -2.77 -11.00
CA VAL C 29 -4.03 -4.19 -10.56
C VAL C 29 -2.64 -4.47 -10.02
N ASP C 30 -1.61 -3.96 -10.71
CA ASP C 30 -0.19 -4.02 -10.28
C ASP C 30 -0.06 -3.23 -8.96
N ALA C 31 -0.44 -1.96 -8.99
CA ALA C 31 -0.17 -0.95 -7.93
C ALA C 31 -0.97 -1.23 -6.64
N PHE C 32 -1.75 -2.31 -6.58
CA PHE C 32 -2.33 -2.83 -5.31
C PHE C 32 -1.37 -3.89 -4.74
N ARG C 33 -1.21 -5.00 -5.46
CA ARG C 33 -0.28 -6.14 -5.16
C ARG C 33 1.01 -5.62 -4.53
N VAL C 34 1.59 -4.60 -5.17
CA VAL C 34 2.79 -3.86 -4.68
C VAL C 34 2.40 -3.24 -3.33
N ASN C 35 1.51 -2.25 -3.39
CA ASN C 35 1.32 -1.27 -2.29
C ASN C 35 0.48 -1.86 -1.16
N VAL C 36 -0.24 -2.96 -1.36
CA VAL C 36 -1.16 -3.49 -0.30
C VAL C 36 -0.81 -4.93 0.12
N ILE C 37 -0.64 -5.86 -0.83
CA ILE C 37 -0.53 -7.32 -0.51
C ILE C 37 0.93 -7.68 -0.16
N HIS C 38 1.88 -6.98 -0.78
CA HIS C 38 3.34 -7.11 -0.52
C HIS C 38 3.84 -5.91 0.30
N ALA C 39 2.94 -5.05 0.78
CA ALA C 39 3.27 -3.83 1.54
C ALA C 39 4.11 -4.21 2.77
N ARG C 40 5.13 -3.40 3.07
CA ARG C 40 6.08 -3.66 4.19
C ARG C 40 5.38 -3.29 5.50
N GLN C 41 4.97 -2.03 5.63
CA GLN C 41 4.23 -1.51 6.79
C GLN C 41 2.77 -1.97 6.67
N GLN C 42 2.24 -2.60 7.71
CA GLN C 42 0.92 -3.29 7.66
C GLN C 42 -0.18 -2.40 8.27
N VAL C 43 0.13 -1.55 9.26
CA VAL C 43 -0.83 -0.63 9.97
C VAL C 43 -1.54 0.25 8.92
N ARG C 44 -2.87 0.10 8.76
CA ARG C 44 -3.59 0.58 7.56
C ARG C 44 -5.11 0.58 7.79
N SER C 45 -5.86 0.90 6.73
CA SER C 45 -7.35 0.85 6.67
C SER C 45 -7.80 -0.02 5.49
N PRO C 46 -9.11 -0.28 5.32
CA PRO C 46 -9.63 -0.97 4.16
C PRO C 46 -9.64 -0.11 2.89
N VAL C 47 -9.83 1.20 3.00
CA VAL C 47 -9.75 2.12 1.83
C VAL C 47 -8.31 2.62 1.78
N THR C 48 -7.83 2.91 0.57
CA THR C 48 -6.42 3.30 0.32
C THR C 48 -6.34 4.05 -1.02
N ASN C 49 -6.18 5.37 -0.97
CA ASN C 49 -5.87 6.21 -2.15
C ASN C 49 -4.39 6.03 -2.52
N ILE C 50 -4.10 5.83 -3.81
CA ILE C 50 -2.73 5.79 -4.41
C ILE C 50 -2.77 6.58 -5.71
N ALA C 51 -2.05 7.70 -5.76
CA ALA C 51 -1.99 8.61 -6.92
C ALA C 51 -3.41 8.96 -7.41
N ARG C 52 -4.32 9.32 -6.51
CA ARG C 52 -5.70 9.77 -6.85
C ARG C 52 -6.52 8.63 -7.49
N THR C 53 -6.04 7.40 -7.36
CA THR C 53 -6.81 6.12 -7.49
C THR C 53 -7.09 5.59 -6.08
N SER C 54 -8.35 5.26 -5.76
CA SER C 54 -8.77 4.67 -4.46
C SER C 54 -8.87 3.13 -4.58
N PHE C 55 -8.57 2.41 -3.49
CA PHE C 55 -8.41 0.93 -3.46
C PHE C 55 -9.06 0.32 -2.20
N PHE C 56 -10.36 0.09 -2.29
CA PHE C 56 -11.20 -0.69 -1.34
C PHE C 56 -10.75 -2.16 -1.34
N HIS C 57 -10.79 -2.87 -0.20
CA HIS C 57 -10.65 -4.36 -0.22
C HIS C 57 -11.31 -5.09 0.97
N VAL C 58 -11.39 -6.42 0.83
CA VAL C 58 -11.83 -7.40 1.87
C VAL C 58 -10.94 -8.63 1.72
N LYS C 59 -10.75 -9.42 2.78
CA LYS C 59 -10.09 -10.75 2.71
C LYS C 59 -11.09 -11.80 3.21
N ARG C 60 -11.03 -13.00 2.63
CA ARG C 60 -11.77 -14.22 3.04
C ARG C 60 -10.87 -15.45 2.82
N SER C 61 -10.88 -16.43 3.74
CA SER C 61 -9.92 -17.57 3.74
C SER C 61 -8.50 -17.01 3.54
N ASN C 62 -7.92 -17.12 2.34
CA ASN C 62 -6.55 -16.59 2.05
C ASN C 62 -6.64 -15.51 0.94
N ILE C 63 -7.84 -15.07 0.59
CA ILE C 63 -8.18 -14.29 -0.65
C ILE C 63 -8.12 -12.78 -0.36
N TRP C 64 -7.76 -11.99 -1.36
CA TRP C 64 -8.05 -10.53 -1.41
C TRP C 64 -9.08 -10.29 -2.53
N LEU C 65 -10.05 -9.41 -2.26
CA LEU C 65 -11.03 -8.89 -3.24
C LEU C 65 -10.99 -7.38 -3.13
N ALA C 66 -10.48 -6.71 -4.16
CA ALA C 66 -10.31 -5.25 -4.24
C ALA C 66 -11.32 -4.69 -5.24
N ALA C 67 -11.98 -3.60 -4.88
CA ALA C 67 -12.59 -2.66 -5.83
C ALA C 67 -11.58 -1.54 -6.11
N VAL C 68 -11.60 -0.97 -7.31
CA VAL C 68 -10.79 0.23 -7.64
C VAL C 68 -11.74 1.28 -8.22
N THR C 69 -11.43 2.57 -8.04
CA THR C 69 -12.20 3.66 -8.68
C THR C 69 -11.42 4.98 -8.66
N LYS C 70 -11.66 5.77 -9.72
CA LYS C 70 -11.02 7.08 -9.95
C LYS C 70 -12.02 8.18 -9.57
N GLN C 71 -12.91 7.93 -8.62
CA GLN C 71 -14.03 8.86 -8.34
C GLN C 71 -14.16 9.12 -6.83
N ASN C 72 -15.09 10.00 -6.49
CA ASN C 72 -15.58 10.20 -5.11
C ASN C 72 -16.85 9.38 -4.94
N VAL C 73 -16.71 8.04 -4.91
CA VAL C 73 -17.85 7.06 -4.91
C VAL C 73 -18.37 6.90 -3.48
N ASN C 74 -19.61 6.40 -3.39
CA ASN C 74 -20.27 6.00 -2.13
C ASN C 74 -19.51 4.83 -1.51
N ALA C 75 -18.67 5.09 -0.50
CA ALA C 75 -17.67 4.14 0.05
C ALA C 75 -18.38 2.88 0.56
N ALA C 76 -19.27 3.05 1.53
CA ALA C 76 -20.25 2.03 1.97
C ALA C 76 -20.71 1.19 0.77
N MET C 77 -21.38 1.86 -0.18
CA MET C 77 -22.04 1.21 -1.33
C MET C 77 -21.07 0.19 -1.92
N VAL C 78 -19.77 0.50 -1.92
CA VAL C 78 -18.71 -0.41 -2.43
C VAL C 78 -18.64 -1.59 -1.47
N PHE C 79 -18.02 -1.42 -0.31
CA PHE C 79 -17.87 -2.53 0.68
C PHE C 79 -19.14 -3.38 0.69
N GLU C 80 -20.32 -2.76 0.78
CA GLU C 80 -21.59 -3.55 0.86
C GLU C 80 -21.72 -4.40 -0.42
N PHE C 81 -21.40 -3.80 -1.58
CA PHE C 81 -21.32 -4.51 -2.89
C PHE C 81 -20.31 -5.66 -2.84
N LEU C 82 -19.07 -5.36 -2.45
CA LEU C 82 -18.04 -6.39 -2.19
C LEU C 82 -18.66 -7.53 -1.37
N TYR C 83 -19.43 -7.23 -0.32
CA TYR C 83 -20.02 -8.28 0.56
C TYR C 83 -21.07 -9.07 -0.25
N LYS C 84 -22.08 -8.39 -0.79
CA LYS C 84 -23.14 -9.06 -1.57
C LYS C 84 -22.49 -9.93 -2.65
N MET C 85 -21.43 -9.45 -3.30
CA MET C 85 -20.70 -10.24 -4.31
C MET C 85 -20.23 -11.55 -3.65
N CYS C 86 -19.43 -11.44 -2.59
CA CYS C 86 -18.86 -12.61 -1.86
C CYS C 86 -19.96 -13.61 -1.45
N ASP C 87 -21.14 -13.11 -1.11
CA ASP C 87 -22.33 -13.94 -0.80
C ASP C 87 -22.71 -14.72 -2.06
N VAL C 88 -23.04 -14.01 -3.14
CA VAL C 88 -23.28 -14.56 -4.51
C VAL C 88 -22.32 -15.74 -4.77
N MET C 89 -21.03 -15.50 -4.66
CA MET C 89 -19.98 -16.51 -4.99
C MET C 89 -20.14 -17.77 -4.10
N ALA C 90 -19.89 -17.65 -2.81
CA ALA C 90 -19.96 -18.79 -1.85
C ALA C 90 -21.29 -19.52 -2.08
N ALA C 91 -22.37 -18.76 -2.34
CA ALA C 91 -23.74 -19.29 -2.52
C ALA C 91 -23.96 -19.78 -3.95
N TYR C 92 -22.88 -19.99 -4.73
CA TYR C 92 -22.87 -20.55 -6.11
C TYR C 92 -21.88 -21.73 -6.24
N PHE C 93 -20.71 -21.66 -5.58
CA PHE C 93 -19.65 -22.69 -5.62
C PHE C 93 -19.03 -22.92 -4.22
N GLY C 94 -19.88 -22.81 -3.19
CA GLY C 94 -19.56 -23.19 -1.80
C GLY C 94 -18.59 -22.23 -1.14
N LYS C 95 -17.29 -22.53 -1.19
CA LYS C 95 -16.30 -21.90 -0.29
C LYS C 95 -15.37 -21.00 -1.12
N ILE C 96 -15.32 -19.71 -0.76
CA ILE C 96 -14.49 -18.66 -1.41
C ILE C 96 -13.02 -18.95 -1.12
N SER C 97 -12.36 -19.74 -1.96
CA SER C 97 -10.88 -19.89 -1.94
C SER C 97 -10.36 -20.28 -3.32
N GLU C 98 -9.03 -20.16 -3.50
CA GLU C 98 -8.31 -20.15 -4.79
C GLU C 98 -8.81 -21.29 -5.69
N GLU C 99 -8.99 -22.49 -5.13
CA GLU C 99 -9.51 -23.69 -5.86
C GLU C 99 -10.89 -23.38 -6.44
N ASN C 100 -11.86 -23.01 -5.61
CA ASN C 100 -13.26 -22.74 -6.03
C ASN C 100 -13.34 -21.45 -6.88
N ILE C 101 -12.36 -20.55 -6.77
CA ILE C 101 -12.28 -19.34 -7.64
C ILE C 101 -11.92 -19.83 -9.05
N LYS C 102 -10.68 -20.33 -9.22
CA LYS C 102 -10.13 -20.79 -10.53
C LYS C 102 -11.06 -21.83 -11.17
N ASN C 103 -11.79 -22.60 -10.37
CA ASN C 103 -12.62 -23.73 -10.86
C ASN C 103 -13.92 -23.20 -11.49
N ASN C 104 -14.42 -22.04 -11.07
CA ASN C 104 -15.69 -21.45 -11.62
C ASN C 104 -15.40 -20.12 -12.32
N PHE C 105 -14.16 -19.97 -12.83
CA PHE C 105 -13.58 -18.68 -13.24
C PHE C 105 -14.50 -18.06 -14.29
N VAL C 106 -15.20 -18.88 -15.07
CA VAL C 106 -16.15 -18.38 -16.11
C VAL C 106 -17.40 -17.90 -15.39
N LEU C 107 -18.02 -18.78 -14.61
CA LEU C 107 -19.23 -18.48 -13.82
C LEU C 107 -19.08 -17.12 -13.15
N ILE C 108 -17.89 -16.84 -12.58
CA ILE C 108 -17.55 -15.54 -11.94
C ILE C 108 -17.69 -14.43 -13.01
N TYR C 109 -16.77 -14.33 -13.97
CA TYR C 109 -16.83 -13.31 -15.04
C TYR C 109 -18.30 -13.15 -15.47
N GLU C 110 -18.91 -14.22 -15.97
CA GLU C 110 -20.35 -14.33 -16.35
C GLU C 110 -21.22 -13.52 -15.34
N LEU C 111 -20.95 -13.68 -14.04
CA LEU C 111 -21.72 -13.01 -12.94
C LEU C 111 -21.25 -11.55 -12.78
N LEU C 112 -19.94 -11.32 -12.80
CA LEU C 112 -19.34 -9.98 -12.61
C LEU C 112 -19.95 -8.98 -13.61
N ASP C 113 -20.34 -9.43 -14.82
CA ASP C 113 -20.85 -8.58 -15.93
C ASP C 113 -22.35 -8.33 -15.74
N GLU C 114 -23.02 -9.21 -14.99
CA GLU C 114 -24.51 -9.18 -14.81
C GLU C 114 -24.86 -8.33 -13.58
N ILE C 115 -24.00 -8.40 -12.58
CA ILE C 115 -24.19 -7.84 -11.21
C ILE C 115 -23.68 -6.41 -11.21
N LEU C 116 -22.84 -6.03 -12.18
CA LEU C 116 -22.16 -4.71 -12.22
C LEU C 116 -22.01 -4.23 -13.67
N ASP C 117 -22.72 -3.15 -14.04
CA ASP C 117 -22.69 -2.51 -15.37
C ASP C 117 -22.08 -1.11 -15.21
N PHE C 118 -20.97 -0.84 -15.88
CA PHE C 118 -20.32 0.50 -15.89
C PHE C 118 -20.03 0.98 -14.47
N GLY C 119 -19.93 0.06 -13.50
CA GLY C 119 -19.58 0.36 -12.11
C GLY C 119 -20.81 0.59 -11.25
N TYR C 120 -22.00 0.49 -11.82
CA TYR C 120 -23.29 0.64 -11.10
C TYR C 120 -23.76 -0.74 -10.64
N PRO C 121 -23.75 -1.04 -9.32
CA PRO C 121 -24.46 -2.22 -8.84
C PRO C 121 -25.84 -2.37 -9.52
N GLN C 122 -26.06 -3.48 -10.22
CA GLN C 122 -27.36 -3.77 -10.88
C GLN C 122 -28.22 -4.63 -9.93
N ASN C 123 -28.21 -5.94 -10.13
CA ASN C 123 -29.05 -6.92 -9.38
C ASN C 123 -28.11 -7.96 -8.74
N SER C 124 -27.73 -7.73 -7.48
CA SER C 124 -26.80 -8.57 -6.70
C SER C 124 -27.50 -9.87 -6.27
N GLU C 125 -28.83 -9.96 -6.45
CA GLU C 125 -29.74 -10.92 -5.76
C GLU C 125 -29.57 -12.34 -6.35
N THR C 126 -28.96 -13.23 -5.56
CA THR C 126 -28.68 -14.65 -5.90
C THR C 126 -29.98 -15.34 -6.31
N GLY C 127 -31.12 -14.88 -5.77
CA GLY C 127 -32.44 -15.49 -5.99
C GLY C 127 -33.07 -15.07 -7.32
N ALA C 128 -32.24 -14.76 -8.31
CA ALA C 128 -32.66 -14.18 -9.62
C ALA C 128 -31.53 -14.44 -10.62
N LEU C 129 -30.31 -14.13 -10.22
CA LEU C 129 -29.11 -14.59 -10.95
C LEU C 129 -29.22 -16.10 -11.27
N LYS C 130 -29.96 -16.89 -10.50
CA LYS C 130 -30.00 -18.37 -10.71
C LYS C 130 -31.14 -18.73 -11.68
N THR C 131 -31.91 -17.77 -12.20
CA THR C 131 -32.96 -18.04 -13.22
C THR C 131 -32.38 -17.94 -14.64
N PHE C 132 -31.14 -17.46 -14.79
CA PHE C 132 -30.51 -17.23 -16.12
C PHE C 132 -28.98 -17.16 -16.06
N ILE C 133 -28.36 -17.45 -14.91
CA ILE C 133 -26.94 -17.87 -14.86
C ILE C 133 -26.93 -19.30 -14.29
N THR C 134 -26.38 -20.24 -15.05
CA THR C 134 -26.46 -21.70 -14.80
C THR C 134 -25.08 -22.17 -14.33
N GLN C 135 -24.96 -22.57 -13.05
CA GLN C 135 -23.75 -23.19 -12.43
C GLN C 135 -23.14 -24.23 -13.41
N THR C 144 -38.26 -20.21 -24.66
CA THR C 144 -39.53 -19.54 -25.06
C THR C 144 -39.43 -18.01 -24.90
N LYS C 145 -40.40 -17.28 -25.43
CA LYS C 145 -40.42 -15.80 -25.39
C LYS C 145 -41.05 -15.34 -24.07
N GLU C 146 -42.21 -15.90 -23.72
CA GLU C 146 -42.92 -15.52 -22.46
C GLU C 146 -42.10 -16.08 -21.29
N GLU C 147 -41.12 -16.97 -21.56
CA GLU C 147 -40.23 -17.62 -20.55
C GLU C 147 -39.02 -16.73 -20.22
N GLN C 148 -38.58 -15.90 -21.16
CA GLN C 148 -37.51 -14.89 -20.93
C GLN C 148 -38.15 -13.66 -20.32
N SER C 149 -39.15 -13.10 -21.02
CA SER C 149 -39.97 -11.92 -20.62
C SER C 149 -40.32 -11.94 -19.12
N GLN C 150 -40.46 -13.13 -18.52
CA GLN C 150 -40.61 -13.33 -17.05
C GLN C 150 -39.25 -13.13 -16.39
N ILE C 151 -38.29 -14.01 -16.72
CA ILE C 151 -36.91 -14.05 -16.15
C ILE C 151 -36.29 -12.65 -16.16
N THR C 152 -36.76 -11.75 -17.05
CA THR C 152 -36.33 -10.33 -17.07
C THR C 152 -37.18 -9.51 -16.10
N SER C 153 -38.49 -9.38 -16.35
CA SER C 153 -39.42 -8.57 -15.52
C SER C 153 -39.20 -8.88 -14.04
N GLN C 154 -38.89 -10.15 -13.71
CA GLN C 154 -38.57 -10.57 -12.31
C GLN C 154 -37.29 -9.85 -11.88
N VAL C 155 -36.21 -9.99 -12.65
CA VAL C 155 -34.86 -9.40 -12.38
C VAL C 155 -34.98 -7.90 -12.05
N THR C 156 -35.83 -7.18 -12.79
CA THR C 156 -35.84 -5.69 -12.84
C THR C 156 -37.02 -5.15 -12.01
N GLY C 157 -37.95 -6.02 -11.60
CA GLY C 157 -39.16 -5.67 -10.83
C GLY C 157 -38.85 -4.99 -9.50
N GLN C 158 -39.68 -5.25 -8.49
CA GLN C 158 -39.53 -4.75 -7.10
C GLN C 158 -39.12 -5.94 -6.23
N ILE C 159 -39.84 -7.06 -6.34
CA ILE C 159 -39.30 -8.39 -6.01
C ILE C 159 -38.18 -8.68 -7.01
N GLY C 160 -37.04 -9.15 -6.49
CA GLY C 160 -36.02 -9.91 -7.22
C GLY C 160 -35.50 -11.06 -6.38
N TRP C 161 -36.19 -11.37 -5.28
CA TRP C 161 -35.78 -12.40 -4.29
C TRP C 161 -36.30 -13.76 -4.78
N ARG C 162 -37.54 -13.74 -5.31
CA ARG C 162 -38.37 -14.95 -5.51
C ARG C 162 -38.51 -15.25 -7.01
N ARG C 163 -38.00 -16.40 -7.48
CA ARG C 163 -38.53 -17.04 -8.71
C ARG C 163 -40.02 -17.25 -8.46
N GLU C 164 -40.88 -16.93 -9.44
CA GLU C 164 -42.37 -16.98 -9.25
C GLU C 164 -42.83 -18.44 -9.16
N GLY C 165 -43.94 -18.65 -8.43
CA GLY C 165 -44.62 -19.95 -8.27
C GLY C 165 -43.72 -20.97 -7.57
N ILE C 166 -42.75 -21.52 -8.31
CA ILE C 166 -41.90 -22.67 -7.88
C ILE C 166 -41.97 -22.76 -6.35
N LYS C 167 -42.37 -23.93 -5.86
CA LYS C 167 -43.03 -24.10 -4.54
C LYS C 167 -42.73 -25.49 -3.99
N TYR C 168 -43.05 -25.73 -2.70
CA TYR C 168 -42.70 -26.94 -1.90
C TYR C 168 -43.96 -27.78 -1.64
N ARG C 169 -43.76 -29.07 -1.34
CA ARG C 169 -44.86 -30.07 -1.24
C ARG C 169 -45.66 -29.81 0.05
N ARG C 170 -44.96 -29.45 1.13
CA ARG C 170 -45.60 -28.85 2.33
C ARG C 170 -44.98 -27.46 2.58
N ASN C 171 -45.83 -26.48 2.83
CA ASN C 171 -45.41 -25.12 3.22
C ASN C 171 -44.83 -25.25 4.65
N GLU C 172 -43.58 -24.78 4.80
CA GLU C 172 -42.67 -24.90 5.98
C GLU C 172 -41.88 -23.57 6.13
N LEU C 173 -41.11 -23.41 7.22
CA LEU C 173 -40.17 -22.26 7.49
C LEU C 173 -39.46 -22.42 8.84
N PHE C 174 -38.24 -21.90 8.96
CA PHE C 174 -37.40 -21.98 10.20
C PHE C 174 -36.91 -20.57 10.55
N LEU C 175 -36.63 -20.31 11.83
CA LEU C 175 -36.15 -19.00 12.34
C LEU C 175 -35.01 -19.23 13.35
N ASP C 176 -33.78 -18.85 12.99
CA ASP C 176 -32.60 -18.90 13.89
C ASP C 176 -32.44 -17.52 14.53
N VAL C 177 -32.79 -17.37 15.81
CA VAL C 177 -32.55 -16.11 16.57
C VAL C 177 -31.12 -16.17 17.09
N LEU C 178 -30.15 -16.21 16.18
CA LEU C 178 -28.71 -16.09 16.49
C LEU C 178 -28.46 -14.73 17.17
N GLU C 179 -27.65 -14.73 18.23
CA GLU C 179 -27.24 -13.51 18.95
C GLU C 179 -25.76 -13.62 19.27
N SER C 180 -25.11 -12.48 19.43
CA SER C 180 -23.70 -12.39 19.88
C SER C 180 -23.58 -11.28 20.93
N VAL C 181 -23.05 -11.66 22.10
CA VAL C 181 -23.02 -10.85 23.35
C VAL C 181 -21.65 -10.21 23.45
N ASN C 182 -21.61 -8.88 23.36
CA ASN C 182 -20.36 -8.07 23.44
C ASN C 182 -20.26 -7.48 24.85
N LEU C 183 -19.05 -7.55 25.42
CA LEU C 183 -18.76 -7.13 26.80
C LEU C 183 -17.33 -6.59 26.92
N LEU C 184 -17.20 -5.46 27.61
CA LEU C 184 -15.97 -4.95 28.26
C LEU C 184 -16.26 -4.75 29.75
N MET C 185 -15.46 -5.37 30.62
CA MET C 185 -15.67 -5.33 32.09
C MET C 185 -14.30 -5.28 32.80
N SER C 186 -14.11 -4.31 33.69
CA SER C 186 -12.82 -4.06 34.36
C SER C 186 -12.44 -5.27 35.20
N PRO C 187 -11.18 -5.36 35.72
CA PRO C 187 -10.75 -6.53 36.50
C PRO C 187 -11.45 -6.62 37.85
N GLN C 188 -12.10 -5.54 38.31
CA GLN C 188 -12.98 -5.54 39.51
C GLN C 188 -14.17 -6.47 39.26
N GLY C 189 -14.93 -6.19 38.18
CA GLY C 189 -16.17 -6.88 37.79
C GLY C 189 -17.30 -5.90 37.51
N GLN C 190 -16.96 -4.79 36.87
CA GLN C 190 -17.89 -3.65 36.61
C GLN C 190 -18.08 -3.55 35.08
N VAL C 191 -19.33 -3.68 34.62
CA VAL C 191 -19.71 -3.66 33.18
C VAL C 191 -19.54 -2.26 32.62
N LEU C 192 -18.51 -2.03 31.80
CA LEU C 192 -18.21 -0.71 31.22
C LEU C 192 -19.10 -0.52 29.97
N SER C 193 -18.80 -1.25 28.90
CA SER C 193 -19.75 -1.47 27.78
C SER C 193 -20.25 -2.91 27.90
N ALA C 194 -21.44 -3.15 27.33
CA ALA C 194 -21.98 -4.50 27.02
C ALA C 194 -23.29 -4.32 26.24
N HIS C 195 -23.37 -4.95 25.08
CA HIS C 195 -24.57 -4.96 24.22
C HIS C 195 -24.72 -6.35 23.59
N VAL C 196 -25.93 -6.65 23.11
CA VAL C 196 -26.23 -7.83 22.28
C VAL C 196 -26.55 -7.33 20.88
N SER C 197 -25.91 -7.91 19.85
CA SER C 197 -26.22 -7.70 18.40
C SER C 197 -26.68 -9.04 17.80
N GLY C 198 -27.98 -9.15 17.51
CA GLY C 198 -28.63 -10.40 17.07
C GLY C 198 -29.30 -10.25 15.72
N ARG C 199 -29.62 -11.37 15.08
CA ARG C 199 -30.19 -11.44 13.71
C ARG C 199 -31.08 -12.67 13.53
N VAL C 200 -32.19 -12.49 12.83
CA VAL C 200 -33.29 -13.47 12.70
C VAL C 200 -33.22 -13.99 11.27
N VAL C 201 -32.58 -15.15 11.08
CA VAL C 201 -32.24 -15.75 9.75
C VAL C 201 -33.29 -16.79 9.32
N MET C 202 -34.40 -16.34 8.73
CA MET C 202 -35.49 -17.19 8.18
C MET C 202 -34.92 -18.31 7.29
N LYS C 203 -35.81 -19.14 6.73
CA LYS C 203 -35.42 -20.21 5.78
C LYS C 203 -36.64 -20.58 4.94
N SER C 204 -37.48 -19.58 4.64
CA SER C 204 -38.79 -19.70 3.92
C SER C 204 -38.76 -20.83 2.89
N TYR C 205 -39.41 -21.96 3.20
CA TYR C 205 -39.78 -23.02 2.24
C TYR C 205 -41.28 -22.94 1.93
N LEU C 206 -41.87 -21.74 2.01
CA LEU C 206 -43.29 -21.46 1.67
C LEU C 206 -43.50 -21.61 0.15
N SER C 207 -44.73 -21.40 -0.34
CA SER C 207 -45.14 -21.74 -1.72
C SER C 207 -45.92 -20.58 -2.38
N GLY C 208 -45.40 -20.05 -3.50
CA GLY C 208 -46.01 -18.95 -4.26
C GLY C 208 -45.33 -17.62 -3.99
N MET C 209 -46.12 -16.57 -3.78
CA MET C 209 -45.67 -15.21 -3.36
C MET C 209 -46.17 -14.98 -1.93
N PRO C 210 -45.76 -15.83 -0.97
CA PRO C 210 -46.30 -15.79 0.38
C PRO C 210 -46.03 -14.47 1.11
N GLU C 211 -47.04 -13.61 1.28
CA GLU C 211 -46.93 -12.42 2.16
C GLU C 211 -46.64 -12.94 3.59
N CYS C 212 -45.93 -12.15 4.41
CA CYS C 212 -45.60 -12.53 5.81
C CYS C 212 -45.54 -11.30 6.70
N LYS C 213 -45.69 -11.51 8.01
CA LYS C 213 -45.61 -10.48 9.08
C LYS C 213 -44.96 -11.14 10.29
N PHE C 214 -44.01 -10.46 10.95
CA PHE C 214 -43.14 -11.02 12.02
C PHE C 214 -43.16 -10.12 13.27
N GLY C 215 -43.47 -10.70 14.44
CA GLY C 215 -43.46 -10.02 15.75
C GLY C 215 -42.45 -10.63 16.70
N MET C 216 -42.17 -9.92 17.79
CA MET C 216 -41.30 -10.40 18.90
C MET C 216 -41.74 -9.64 20.15
N ASN C 217 -40.83 -9.16 21.01
CA ASN C 217 -41.14 -8.33 22.21
C ASN C 217 -40.98 -6.83 21.90
N ASP C 218 -41.35 -6.39 20.68
CA ASP C 218 -41.30 -4.96 20.30
C ASP C 218 -42.20 -4.19 21.28
N LYS C 219 -41.58 -3.43 22.21
CA LYS C 219 -42.26 -2.63 23.27
C LYS C 219 -41.80 -1.18 23.23
N ILE C 252 -38.51 -7.59 26.82
CA ILE C 252 -37.30 -6.99 26.20
C ILE C 252 -37.73 -5.88 25.25
N ALA C 253 -37.07 -4.73 25.34
CA ALA C 253 -37.23 -3.55 24.47
C ALA C 253 -35.91 -3.30 23.70
N ILE C 254 -35.98 -3.24 22.34
CA ILE C 254 -34.85 -3.23 21.35
C ILE C 254 -34.36 -1.80 21.09
N ASP C 255 -33.05 -1.56 21.23
CA ASP C 255 -32.41 -0.21 21.17
C ASP C 255 -32.45 0.32 19.72
N ASP C 256 -32.56 -0.56 18.72
CA ASP C 256 -32.62 -0.27 17.25
C ASP C 256 -32.52 -1.59 16.47
N CYS C 257 -33.20 -1.67 15.31
CA CYS C 257 -33.25 -2.89 14.46
C CYS C 257 -33.34 -2.55 12.95
N THR C 258 -32.42 -3.09 12.18
CA THR C 258 -32.23 -2.88 10.72
C THR C 258 -32.71 -4.13 9.98
N PHE C 259 -33.37 -3.99 8.82
CA PHE C 259 -33.96 -5.09 8.01
C PHE C 259 -33.14 -5.41 6.73
N HIS C 260 -33.52 -6.52 6.08
CA HIS C 260 -33.26 -6.89 4.66
C HIS C 260 -34.12 -5.98 3.78
N GLN C 261 -33.95 -6.12 2.46
CA GLN C 261 -34.73 -5.32 1.48
C GLN C 261 -36.21 -5.74 1.50
N CYS C 262 -36.50 -7.00 1.82
CA CYS C 262 -37.84 -7.60 1.59
C CYS C 262 -38.88 -7.04 2.55
N VAL C 263 -38.51 -6.39 3.65
CA VAL C 263 -39.51 -5.86 4.65
C VAL C 263 -39.98 -4.48 4.16
N ARG C 264 -41.29 -4.33 3.96
CA ARG C 264 -41.96 -3.06 3.56
C ARG C 264 -41.67 -1.98 4.62
N LEU C 265 -40.61 -1.20 4.41
CA LEU C 265 -39.91 -0.43 5.48
C LEU C 265 -40.67 0.85 5.85
N SER C 266 -41.73 1.22 5.14
CA SER C 266 -42.61 2.39 5.45
C SER C 266 -43.82 1.91 6.25
N LYS C 267 -44.39 0.76 5.88
CA LYS C 267 -45.37 0.02 6.73
C LYS C 267 -44.75 -0.11 8.12
N PHE C 268 -43.45 -0.39 8.22
CA PHE C 268 -42.74 -0.47 9.53
C PHE C 268 -42.60 0.92 10.18
N ASP C 269 -42.73 2.00 9.41
CA ASP C 269 -42.50 3.39 9.91
C ASP C 269 -43.83 4.16 9.91
N SER C 270 -44.88 3.54 10.44
CA SER C 270 -46.27 4.05 10.48
C SER C 270 -47.04 3.29 11.56
N GLU C 271 -47.30 2.00 11.27
CA GLU C 271 -47.48 0.88 12.25
C GLU C 271 -46.07 0.44 12.68
N ARG C 272 -45.91 -0.77 13.21
CA ARG C 272 -44.58 -1.40 13.46
C ARG C 272 -44.68 -2.81 12.87
N SER C 273 -45.36 -2.90 11.73
CA SER C 273 -45.52 -4.16 10.94
C SER C 273 -44.22 -4.42 10.17
N ILE C 274 -43.63 -5.59 10.42
CA ILE C 274 -42.52 -6.16 9.60
C ILE C 274 -43.18 -7.05 8.56
N SER C 275 -43.79 -6.43 7.54
CA SER C 275 -44.46 -7.08 6.38
C SER C 275 -43.43 -7.32 5.26
N PHE C 276 -43.42 -8.51 4.67
CA PHE C 276 -42.40 -8.91 3.67
C PHE C 276 -42.80 -10.20 2.92
N ILE C 277 -42.83 -10.11 1.59
CA ILE C 277 -42.71 -11.31 0.71
C ILE C 277 -41.25 -11.74 0.79
N PRO C 278 -40.95 -12.94 1.35
CA PRO C 278 -39.57 -13.32 1.63
C PRO C 278 -38.88 -13.99 0.45
N PRO C 279 -37.54 -13.92 0.41
CA PRO C 279 -36.75 -14.79 -0.47
C PRO C 279 -37.18 -16.24 -0.24
N ASP C 280 -36.93 -17.11 -1.22
CA ASP C 280 -36.94 -18.58 -0.99
C ASP C 280 -35.52 -18.94 -0.57
N GLY C 281 -35.34 -20.06 0.12
CA GLY C 281 -34.06 -20.46 0.73
C GLY C 281 -33.74 -19.56 1.90
N GLU C 282 -32.52 -19.71 2.46
CA GLU C 282 -32.07 -18.99 3.69
C GLU C 282 -31.82 -17.52 3.34
N PHE C 283 -31.98 -16.62 4.33
CA PHE C 283 -31.85 -15.15 4.18
C PHE C 283 -32.07 -14.43 5.51
N GLU C 284 -31.34 -13.33 5.72
CA GLU C 284 -31.22 -12.61 7.01
C GLU C 284 -32.23 -11.45 7.05
N LEU C 285 -33.41 -11.68 7.67
CA LEU C 285 -34.61 -10.78 7.71
C LEU C 285 -34.42 -9.55 8.60
N MET C 286 -33.68 -9.60 9.71
CA MET C 286 -33.39 -8.37 10.49
C MET C 286 -32.21 -8.60 11.44
N ARG C 287 -31.48 -7.52 11.73
CA ARG C 287 -30.45 -7.43 12.80
C ARG C 287 -30.96 -6.40 13.81
N TYR C 288 -30.62 -6.56 15.09
CA TYR C 288 -31.13 -5.71 16.21
C TYR C 288 -30.04 -5.57 17.27
N ARG C 289 -30.09 -4.49 18.04
CA ARG C 289 -29.08 -4.24 19.09
C ARG C 289 -29.83 -3.92 20.39
N THR C 290 -29.33 -4.51 21.49
CA THR C 290 -29.95 -4.59 22.83
C THR C 290 -28.86 -4.40 23.86
N THR C 291 -29.02 -3.39 24.74
CA THR C 291 -28.01 -2.82 25.67
C THR C 291 -28.35 -3.09 27.13
N LYS C 292 -29.63 -3.35 27.44
CA LYS C 292 -30.24 -3.33 28.80
C LYS C 292 -30.86 -4.68 29.16
N ASP C 293 -30.63 -5.18 30.39
CA ASP C 293 -31.12 -6.48 30.92
C ASP C 293 -30.62 -7.58 29.99
N ILE C 294 -29.42 -8.08 30.26
CA ILE C 294 -28.58 -8.86 29.31
C ILE C 294 -28.04 -10.05 30.11
N ILE C 295 -28.30 -11.28 29.67
CA ILE C 295 -27.95 -12.52 30.43
C ILE C 295 -26.46 -12.83 30.18
N LEU C 296 -25.57 -12.07 30.80
CA LEU C 296 -24.09 -12.14 30.60
C LEU C 296 -23.56 -13.52 31.04
N PRO C 297 -23.53 -14.53 30.14
CA PRO C 297 -23.46 -15.93 30.57
C PRO C 297 -22.20 -16.42 31.32
N PHE C 298 -21.20 -15.57 31.53
CA PHE C 298 -19.90 -15.98 32.12
C PHE C 298 -19.21 -14.77 32.76
N ARG C 299 -18.87 -14.89 34.03
CA ARG C 299 -17.92 -13.95 34.66
C ARG C 299 -16.56 -14.62 34.76
N VAL C 300 -15.63 -14.22 33.91
CA VAL C 300 -14.17 -14.35 34.18
C VAL C 300 -13.88 -13.63 35.52
N ILE C 301 -13.03 -14.23 36.37
CA ILE C 301 -12.47 -13.63 37.63
C ILE C 301 -10.97 -13.93 37.73
N PRO C 302 -10.10 -13.01 37.25
CA PRO C 302 -8.65 -13.22 37.24
C PRO C 302 -8.01 -12.83 38.58
N LEU C 303 -6.87 -13.46 38.90
CA LEU C 303 -6.15 -13.27 40.19
C LEU C 303 -4.66 -13.56 39.94
N VAL C 304 -3.87 -12.52 39.61
CA VAL C 304 -2.41 -12.65 39.35
C VAL C 304 -1.63 -12.11 40.54
N ARG C 305 -0.52 -12.78 40.89
CA ARG C 305 0.41 -12.36 41.96
C ARG C 305 1.81 -12.91 41.65
N GLU C 306 2.63 -12.12 40.95
CA GLU C 306 4.07 -12.36 40.68
C GLU C 306 4.76 -12.59 42.03
N VAL C 307 5.68 -13.56 42.11
CA VAL C 307 6.36 -13.95 43.38
C VAL C 307 7.83 -13.57 43.30
N GLY C 308 8.11 -12.25 43.22
CA GLY C 308 9.46 -11.66 43.26
C GLY C 308 9.83 -10.98 41.95
N ARG C 309 10.60 -11.69 41.10
CA ARG C 309 11.18 -11.19 39.83
C ARG C 309 10.95 -12.18 38.67
N THR C 310 10.79 -13.47 38.95
CA THR C 310 10.88 -14.56 37.93
C THR C 310 9.66 -15.50 37.91
N LYS C 311 8.90 -15.62 39.00
CA LYS C 311 7.77 -16.59 39.12
C LYS C 311 6.43 -15.85 39.07
N LEU C 312 5.57 -16.21 38.10
CA LEU C 312 4.23 -15.59 37.87
C LEU C 312 3.15 -16.67 37.95
N GLU C 313 2.12 -16.40 38.77
CA GLU C 313 1.15 -17.38 39.33
C GLU C 313 -0.29 -16.88 39.05
N VAL C 314 -0.97 -17.46 38.05
CA VAL C 314 -2.22 -16.92 37.42
C VAL C 314 -3.38 -17.89 37.67
N LYS C 315 -4.53 -17.39 38.17
CA LYS C 315 -5.72 -18.22 38.53
C LYS C 315 -7.03 -17.57 38.01
N VAL C 316 -7.50 -18.07 36.86
CA VAL C 316 -8.79 -17.65 36.22
C VAL C 316 -9.91 -18.59 36.72
N VAL C 317 -11.11 -18.03 36.90
CA VAL C 317 -12.32 -18.68 37.47
C VAL C 317 -13.52 -18.31 36.60
N ILE C 318 -14.26 -19.30 36.11
CA ILE C 318 -15.51 -19.09 35.33
C ILE C 318 -16.71 -19.21 36.27
N LYS C 319 -17.79 -18.45 36.00
CA LYS C 319 -19.09 -18.58 36.71
C LYS C 319 -20.19 -18.47 35.65
N SER C 320 -20.69 -19.61 35.17
CA SER C 320 -21.87 -19.77 34.27
C SER C 320 -23.11 -19.12 34.90
N ASN C 321 -24.06 -18.62 34.09
CA ASN C 321 -25.10 -17.65 34.55
C ASN C 321 -26.41 -17.83 33.77
N PHE C 322 -27.12 -18.95 33.96
CA PHE C 322 -28.43 -19.27 33.30
C PHE C 322 -29.08 -20.54 33.93
N LYS C 323 -30.34 -20.84 33.58
CA LYS C 323 -31.05 -22.10 33.97
C LYS C 323 -30.06 -23.27 33.94
N PRO C 324 -29.99 -24.10 35.01
CA PRO C 324 -28.95 -25.11 35.16
C PRO C 324 -29.25 -26.38 34.36
N SER C 325 -30.51 -26.51 33.92
CA SER C 325 -30.99 -27.54 32.97
C SER C 325 -30.19 -27.44 31.67
N LEU C 326 -29.97 -26.19 31.22
CA LEU C 326 -29.30 -25.80 29.95
C LEU C 326 -27.79 -25.92 30.15
N LEU C 327 -27.07 -26.22 29.05
CA LEU C 327 -25.58 -26.24 29.05
C LEU C 327 -25.05 -25.49 27.83
N ALA C 328 -24.27 -24.45 28.11
CA ALA C 328 -23.31 -23.77 27.22
C ALA C 328 -22.22 -24.74 26.75
N GLN C 329 -21.69 -24.54 25.54
CA GLN C 329 -20.76 -25.46 24.85
C GLN C 329 -19.79 -24.64 23.98
N LYS C 330 -18.67 -25.27 23.60
CA LYS C 330 -17.65 -24.72 22.66
C LYS C 330 -16.97 -23.56 23.36
N ILE C 331 -16.76 -23.69 24.66
CA ILE C 331 -16.25 -22.59 25.54
C ILE C 331 -14.73 -22.51 25.37
N GLU C 332 -14.23 -21.38 24.89
CA GLU C 332 -12.78 -21.08 24.81
C GLU C 332 -12.52 -19.95 25.81
N VAL C 333 -11.33 -19.93 26.41
CA VAL C 333 -10.92 -18.85 27.36
C VAL C 333 -9.44 -18.49 27.12
N ARG C 334 -9.20 -17.59 26.17
CA ARG C 334 -7.88 -17.01 25.82
C ARG C 334 -7.35 -16.22 27.03
N ILE C 335 -6.33 -16.77 27.70
CA ILE C 335 -5.61 -16.18 28.87
C ILE C 335 -4.22 -15.79 28.38
N PRO C 336 -3.98 -14.51 28.01
CA PRO C 336 -2.71 -14.09 27.41
C PRO C 336 -1.54 -14.12 28.39
N THR C 337 -0.35 -14.40 27.85
CA THR C 337 0.91 -14.64 28.60
C THR C 337 1.88 -13.49 28.38
N PRO C 338 2.82 -13.28 29.33
CA PRO C 338 3.96 -12.39 29.10
C PRO C 338 4.68 -12.69 27.77
N LEU C 339 5.56 -11.78 27.37
CA LEU C 339 6.42 -11.88 26.17
C LEU C 339 7.78 -12.48 26.58
N ASN C 340 8.17 -12.33 27.85
CA ASN C 340 9.35 -13.01 28.46
C ASN C 340 8.91 -14.37 29.04
N THR C 341 8.12 -15.14 28.28
CA THR C 341 7.49 -16.42 28.73
C THR C 341 8.42 -17.60 28.44
N SER C 342 9.27 -17.94 29.40
CA SER C 342 10.07 -19.19 29.40
C SER C 342 9.13 -20.37 29.62
N GLY C 343 8.26 -20.30 30.64
CA GLY C 343 7.49 -21.42 31.22
C GLY C 343 6.13 -21.63 30.56
N VAL C 344 5.67 -22.90 30.54
CA VAL C 344 4.50 -23.39 29.73
C VAL C 344 3.57 -24.26 30.60
N GLN C 345 3.52 -24.03 31.92
CA GLN C 345 2.96 -24.98 32.93
C GLN C 345 1.50 -24.62 33.30
N VAL C 346 0.61 -25.61 33.43
CA VAL C 346 -0.85 -25.45 33.71
C VAL C 346 -1.42 -26.68 34.43
N ILE C 347 -2.40 -26.49 35.32
CA ILE C 347 -3.26 -27.58 35.91
C ILE C 347 -4.72 -27.09 35.90
N CYS C 348 -5.61 -27.75 35.14
CA CYS C 348 -7.02 -27.28 34.93
C CYS C 348 -8.00 -28.30 35.50
N MET C 349 -9.02 -27.82 36.22
CA MET C 349 -10.00 -28.65 36.98
C MET C 349 -11.35 -28.70 36.23
N LYS C 350 -11.30 -29.33 35.05
CA LYS C 350 -12.30 -29.36 33.95
C LYS C 350 -11.55 -29.01 32.66
N GLY C 351 -12.23 -29.15 31.50
CA GLY C 351 -11.71 -28.79 30.17
C GLY C 351 -10.30 -29.29 29.94
N LYS C 352 -9.53 -28.57 29.08
CA LYS C 352 -8.19 -28.99 28.58
C LYS C 352 -7.49 -27.82 27.87
N ALA C 353 -6.48 -27.21 28.52
CA ALA C 353 -5.74 -26.03 27.99
C ALA C 353 -4.47 -26.49 27.26
N LYS C 354 -3.73 -25.55 26.65
CA LYS C 354 -2.54 -25.85 25.78
C LYS C 354 -1.83 -24.55 25.36
N TYR C 355 -0.84 -24.08 26.14
CA TYR C 355 -0.12 -22.79 25.91
C TYR C 355 0.38 -22.74 24.47
N LYS C 356 0.48 -21.53 23.91
CA LYS C 356 0.85 -21.23 22.50
C LYS C 356 1.66 -19.93 22.46
N ALA C 357 2.99 -20.00 22.66
CA ALA C 357 3.91 -18.91 22.27
C ALA C 357 3.80 -18.73 20.75
N SER C 358 3.97 -17.48 20.26
CA SER C 358 3.54 -16.98 18.93
C SER C 358 2.17 -16.34 19.09
N GLU C 359 1.21 -17.07 19.65
CA GLU C 359 -0.05 -16.54 20.22
C GLU C 359 0.29 -15.73 21.48
N ASN C 360 1.33 -16.15 22.23
CA ASN C 360 1.70 -15.61 23.57
C ASN C 360 0.44 -15.57 24.46
N ALA C 361 -0.27 -16.70 24.56
CA ALA C 361 -1.60 -16.81 25.20
C ALA C 361 -2.00 -18.28 25.40
N ILE C 362 -2.43 -18.62 26.63
CA ILE C 362 -3.10 -19.90 27.01
C ILE C 362 -4.46 -19.94 26.29
N VAL C 363 -4.88 -21.13 25.82
CA VAL C 363 -6.20 -21.37 25.18
C VAL C 363 -6.80 -22.62 25.83
N TRP C 364 -7.89 -22.43 26.58
CA TRP C 364 -8.44 -23.41 27.54
C TRP C 364 -9.89 -23.73 27.16
N LYS C 365 -10.16 -24.98 26.74
CA LYS C 365 -11.43 -25.43 26.10
C LYS C 365 -12.22 -26.35 27.04
N ILE C 366 -13.49 -26.01 27.32
CA ILE C 366 -14.43 -26.81 28.16
C ILE C 366 -15.50 -27.43 27.24
N LYS C 367 -15.54 -28.77 27.12
CA LYS C 367 -16.48 -29.49 26.20
C LYS C 367 -17.91 -28.92 26.32
N ARG C 368 -18.45 -28.90 27.53
CA ARG C 368 -19.81 -28.39 27.89
C ARG C 368 -19.71 -27.86 29.32
N MET C 369 -20.62 -26.97 29.73
CA MET C 369 -20.71 -26.50 31.14
C MET C 369 -22.17 -26.10 31.37
N ALA C 370 -22.82 -26.68 32.36
CA ALA C 370 -24.24 -26.39 32.64
C ALA C 370 -24.32 -25.02 33.31
N GLY C 371 -25.52 -24.43 33.35
CA GLY C 371 -25.85 -23.15 34.00
C GLY C 371 -25.59 -23.16 35.51
N MET C 372 -25.12 -22.02 36.04
CA MET C 372 -24.92 -21.76 37.49
C MET C 372 -23.98 -22.81 38.08
N LYS C 373 -22.82 -22.98 37.46
CA LYS C 373 -21.70 -23.81 37.97
C LYS C 373 -20.49 -22.90 38.17
N GLU C 374 -19.34 -23.49 38.56
CA GLU C 374 -18.02 -22.82 38.68
C GLU C 374 -16.98 -23.66 37.92
N SER C 375 -15.73 -23.21 37.84
CA SER C 375 -14.57 -23.94 37.24
C SER C 375 -13.31 -23.06 37.30
N GLN C 376 -12.17 -23.68 37.59
CA GLN C 376 -10.84 -23.01 37.70
C GLN C 376 -9.97 -23.46 36.52
N ILE C 377 -8.90 -22.72 36.26
CA ILE C 377 -7.64 -23.19 35.61
C ILE C 377 -6.54 -22.56 36.47
N SER C 378 -5.34 -23.15 36.47
CA SER C 378 -4.13 -22.53 37.10
C SER C 378 -2.90 -22.69 36.20
N ALA C 379 -1.93 -21.79 36.37
CA ALA C 379 -0.69 -21.69 35.56
C ALA C 379 0.46 -21.19 36.44
N GLU C 380 1.71 -21.53 36.06
CA GLU C 380 2.96 -21.04 36.69
C GLU C 380 3.94 -20.69 35.56
N ILE C 381 4.31 -19.41 35.44
CA ILE C 381 4.99 -18.84 34.24
C ILE C 381 6.40 -18.34 34.64
N GLU C 382 7.41 -18.62 33.81
CA GLU C 382 8.84 -18.30 34.06
C GLU C 382 9.25 -17.10 33.19
N LEU C 383 9.90 -16.11 33.81
CA LEU C 383 10.14 -14.77 33.21
C LEU C 383 11.64 -14.52 33.07
N LEU C 384 12.20 -14.84 31.89
CA LEU C 384 13.59 -14.49 31.51
C LEU C 384 13.60 -13.03 31.05
N PRO C 385 14.08 -12.06 31.88
CA PRO C 385 13.84 -10.63 31.63
C PRO C 385 14.39 -10.13 30.28
N THR C 386 13.51 -9.98 29.27
CA THR C 386 13.83 -9.74 27.83
C THR C 386 14.50 -8.37 27.63
N ASN C 387 13.73 -7.27 27.60
CA ASN C 387 14.25 -5.89 27.37
C ASN C 387 14.75 -5.32 28.72
N ASP C 388 14.57 -4.03 28.99
CA ASP C 388 15.06 -3.34 30.21
C ASP C 388 14.19 -3.79 31.40
N LYS C 389 13.06 -3.10 31.67
CA LYS C 389 12.10 -3.43 32.78
C LYS C 389 10.77 -2.67 32.60
N LYS C 390 10.10 -2.88 31.47
CA LYS C 390 8.65 -2.60 31.31
C LYS C 390 7.88 -3.55 32.23
N LYS C 391 7.01 -3.03 33.11
CA LYS C 391 5.98 -3.87 33.79
C LYS C 391 5.05 -4.40 32.69
N TRP C 392 5.08 -5.73 32.45
CA TRP C 392 4.41 -6.44 31.33
C TRP C 392 3.03 -5.83 31.06
N ALA C 393 2.70 -5.63 29.77
CA ALA C 393 1.47 -4.94 29.28
C ALA C 393 0.37 -5.98 29.00
N ARG C 394 -0.51 -6.23 29.98
CA ARG C 394 -1.47 -7.39 30.03
C ARG C 394 -2.69 -7.13 29.16
N PRO C 395 -2.93 -7.94 28.10
CA PRO C 395 -4.20 -7.86 27.37
C PRO C 395 -5.31 -8.24 28.34
N PRO C 396 -6.57 -8.34 27.88
CA PRO C 396 -7.67 -8.86 28.70
C PRO C 396 -7.82 -10.38 28.56
N ILE C 397 -8.90 -10.95 29.10
CA ILE C 397 -9.29 -12.38 28.89
C ILE C 397 -10.56 -12.39 28.01
N SER C 398 -10.39 -12.79 26.74
CA SER C 398 -11.50 -12.93 25.74
C SER C 398 -11.99 -14.38 25.73
N MET C 399 -13.28 -14.56 25.44
CA MET C 399 -14.03 -15.84 25.56
C MET C 399 -14.89 -16.04 24.31
N ASN C 400 -14.73 -17.18 23.63
CA ASN C 400 -15.75 -17.70 22.69
C ASN C 400 -16.58 -18.72 23.45
N PHE C 401 -17.86 -18.87 23.08
CA PHE C 401 -18.82 -19.78 23.73
C PHE C 401 -20.16 -19.77 22.97
N GLU C 402 -20.84 -20.93 22.91
CA GLU C 402 -22.24 -21.07 22.43
C GLU C 402 -23.13 -21.37 23.66
N VAL C 403 -24.33 -20.78 23.76
CA VAL C 403 -25.37 -21.18 24.77
C VAL C 403 -26.71 -21.16 24.05
N PRO C 404 -27.67 -22.03 24.45
CA PRO C 404 -28.88 -22.28 23.67
C PRO C 404 -30.10 -21.49 24.16
N PHE C 405 -29.91 -20.20 24.50
CA PHE C 405 -30.97 -19.20 24.76
C PHE C 405 -30.60 -17.85 24.12
N ALA C 406 -31.55 -16.91 24.13
CA ALA C 406 -31.42 -15.55 23.55
C ALA C 406 -30.92 -14.56 24.60
N PRO C 407 -29.61 -14.45 24.88
CA PRO C 407 -29.13 -13.62 25.98
C PRO C 407 -29.76 -12.22 26.04
N SER C 408 -30.29 -11.71 24.92
CA SER C 408 -31.02 -10.42 24.81
C SER C 408 -32.33 -10.45 25.61
N GLY C 409 -32.87 -11.65 25.86
CA GLY C 409 -34.25 -11.84 26.32
C GLY C 409 -35.25 -11.66 25.19
N LEU C 410 -34.80 -11.63 23.94
CA LEU C 410 -35.71 -11.57 22.75
C LEU C 410 -36.41 -12.93 22.59
N LYS C 411 -37.73 -12.90 22.34
CA LYS C 411 -38.53 -14.10 21.98
C LYS C 411 -39.49 -13.73 20.84
N VAL C 412 -39.63 -14.65 19.87
CA VAL C 412 -40.42 -14.49 18.60
C VAL C 412 -41.91 -14.71 18.91
N ARG C 413 -42.73 -13.66 19.02
CA ARG C 413 -44.14 -13.79 19.49
C ARG C 413 -45.05 -14.40 18.41
N TYR C 414 -44.68 -14.36 17.12
CA TYR C 414 -45.51 -14.86 16.00
C TYR C 414 -44.84 -14.63 14.65
N LEU C 415 -45.33 -15.35 13.62
CA LEU C 415 -44.87 -15.23 12.22
C LEU C 415 -46.00 -15.60 11.25
N LYS C 416 -46.84 -14.60 10.89
CA LYS C 416 -48.01 -14.74 10.00
C LYS C 416 -47.55 -15.08 8.58
N VAL C 417 -48.32 -15.90 7.86
CA VAL C 417 -48.13 -16.24 6.41
C VAL C 417 -49.46 -15.96 5.69
N PHE C 418 -49.43 -15.79 4.36
CA PHE C 418 -50.63 -15.53 3.52
C PHE C 418 -50.27 -15.56 2.03
N GLU C 419 -50.98 -16.38 1.26
CA GLU C 419 -50.90 -16.45 -0.22
C GLU C 419 -52.33 -16.41 -0.75
N PRO C 420 -52.78 -15.25 -1.29
CA PRO C 420 -54.20 -15.06 -1.62
C PRO C 420 -54.66 -15.90 -2.81
N LYS C 421 -53.77 -16.17 -3.78
CA LYS C 421 -54.07 -16.97 -5.00
C LYS C 421 -54.13 -18.47 -4.63
N LEU C 422 -52.97 -19.12 -4.48
CA LEU C 422 -52.89 -20.54 -4.04
C LEU C 422 -53.28 -20.58 -2.56
N ASN C 423 -54.43 -21.15 -2.22
CA ASN C 423 -54.98 -21.05 -0.84
C ASN C 423 -54.43 -22.20 0.02
N TYR C 424 -53.35 -21.89 0.76
CA TYR C 424 -52.86 -22.60 1.97
C TYR C 424 -52.94 -21.60 3.13
N SER C 425 -52.55 -22.01 4.35
CA SER C 425 -52.56 -21.16 5.57
C SER C 425 -51.66 -21.77 6.65
N ASP C 426 -51.58 -21.06 7.79
CA ASP C 426 -50.87 -21.50 9.02
C ASP C 426 -51.21 -22.97 9.28
N HIS C 427 -52.49 -23.26 9.48
CA HIS C 427 -52.99 -24.57 9.97
C HIS C 427 -52.76 -25.69 8.93
N ASP C 428 -51.96 -25.40 7.88
CA ASP C 428 -51.31 -26.42 7.00
C ASP C 428 -49.87 -26.00 6.66
N VAL C 429 -49.36 -24.96 7.36
CA VAL C 429 -47.94 -24.51 7.32
C VAL C 429 -47.24 -25.07 8.56
N ILE C 430 -46.15 -25.83 8.39
CA ILE C 430 -45.16 -26.12 9.48
C ILE C 430 -44.58 -24.78 9.91
N LYS C 431 -44.06 -24.70 11.15
CA LYS C 431 -43.16 -23.61 11.62
C LYS C 431 -42.10 -24.24 12.55
N TRP C 432 -41.20 -23.40 13.10
CA TRP C 432 -39.96 -23.77 13.84
C TRP C 432 -39.30 -22.49 14.40
N VAL C 433 -38.67 -22.52 15.58
CA VAL C 433 -37.84 -21.39 16.11
C VAL C 433 -36.72 -21.90 17.01
N ARG C 434 -35.46 -21.66 16.64
CA ARG C 434 -34.27 -21.96 17.48
C ARG C 434 -33.84 -20.65 18.16
N TYR C 435 -32.82 -20.71 19.04
CA TYR C 435 -32.29 -19.59 19.86
C TYR C 435 -30.82 -19.83 20.22
N ILE C 436 -29.84 -19.22 19.54
CA ILE C 436 -28.38 -19.48 19.75
C ILE C 436 -27.62 -18.17 20.05
N GLY C 437 -26.74 -18.23 21.05
CA GLY C 437 -25.96 -17.08 21.54
C GLY C 437 -24.49 -17.38 21.57
N ARG C 438 -23.73 -16.93 20.57
CA ARG C 438 -22.23 -16.95 20.55
C ARG C 438 -21.73 -15.80 21.45
N SER C 439 -20.42 -15.61 21.49
CA SER C 439 -19.77 -14.52 22.26
C SER C 439 -19.88 -13.20 21.46
N GLY C 440 -19.09 -13.02 20.39
CA GLY C 440 -18.81 -11.71 19.78
C GLY C 440 -17.42 -11.22 20.19
N ILE C 441 -17.34 -10.15 20.99
CA ILE C 441 -16.09 -9.75 21.69
C ILE C 441 -16.41 -9.67 23.18
N TYR C 442 -16.02 -10.71 23.93
CA TYR C 442 -16.37 -10.95 25.36
C TYR C 442 -15.16 -10.69 26.26
N GLU C 443 -14.63 -9.46 26.15
CA GLU C 443 -13.34 -9.05 26.75
C GLU C 443 -13.54 -8.71 28.23
N THR C 444 -12.56 -9.10 29.05
CA THR C 444 -12.56 -8.93 30.53
C THR C 444 -11.16 -8.54 30.96
N ARG C 445 -10.95 -7.26 31.28
CA ARG C 445 -9.61 -6.68 31.61
C ARG C 445 -9.05 -7.42 32.86
N CYS C 446 -7.74 -7.71 32.87
CA CYS C 446 -7.07 -8.62 33.83
C CYS C 446 -5.83 -7.94 34.41
N MET D 1 27.94 -6.22 -7.58
CA MET D 1 27.78 -7.68 -7.33
C MET D 1 26.30 -8.07 -7.40
N ILE D 2 26.05 -9.37 -7.52
CA ILE D 2 24.69 -9.99 -7.61
C ILE D 2 24.03 -9.90 -6.24
N ARG D 3 22.74 -9.55 -6.19
CA ARG D 3 21.91 -9.60 -4.96
C ARG D 3 21.46 -11.06 -4.72
N PHE D 4 21.09 -11.77 -5.79
CA PHE D 4 20.63 -13.18 -5.77
C PHE D 4 20.35 -13.66 -7.21
N ILE D 5 20.36 -14.98 -7.40
CA ILE D 5 19.84 -15.67 -8.62
C ILE D 5 18.63 -16.50 -8.21
N LEU D 6 17.50 -16.33 -8.90
CA LEU D 6 16.31 -17.20 -8.71
C LEU D 6 16.20 -18.14 -9.90
N ILE D 7 15.48 -19.24 -9.68
CA ILE D 7 14.70 -19.98 -10.73
C ILE D 7 13.28 -20.13 -10.19
N GLN D 8 12.29 -20.13 -11.08
CA GLN D 8 10.87 -20.38 -10.73
C GLN D 8 10.18 -20.96 -11.97
N ASN D 9 9.60 -22.16 -11.88
CA ASN D 9 8.70 -22.70 -12.92
C ASN D 9 7.59 -21.67 -13.16
N ARG D 10 6.96 -21.67 -14.36
CA ARG D 10 5.89 -20.70 -14.73
C ARG D 10 4.93 -20.51 -13.54
N ALA D 11 4.59 -21.61 -12.86
CA ALA D 11 3.53 -21.70 -11.83
C ALA D 11 3.94 -21.02 -10.51
N GLY D 12 5.23 -20.72 -10.31
CA GLY D 12 5.70 -19.82 -9.24
C GLY D 12 6.13 -20.53 -7.97
N LYS D 13 6.60 -21.77 -8.10
CA LYS D 13 7.33 -22.52 -7.05
C LYS D 13 8.80 -22.09 -7.15
N THR D 14 9.43 -21.81 -6.00
CA THR D 14 10.86 -21.42 -5.87
C THR D 14 11.73 -22.68 -6.06
N ARG D 15 12.44 -22.79 -7.18
CA ARG D 15 13.34 -23.95 -7.49
C ARG D 15 14.80 -23.45 -7.62
N LEU D 16 15.20 -22.50 -6.76
CA LEU D 16 16.60 -22.08 -6.47
C LEU D 16 16.61 -20.63 -5.94
N ALA D 17 16.75 -20.47 -4.62
CA ALA D 17 16.81 -19.17 -3.91
C ALA D 17 18.19 -19.03 -3.26
N LYS D 18 19.09 -18.24 -3.87
CA LYS D 18 20.49 -17.98 -3.41
C LYS D 18 20.62 -16.55 -2.85
N TRP D 19 21.03 -16.42 -1.59
CA TRP D 19 21.04 -15.16 -0.80
C TRP D 19 22.46 -14.79 -0.39
N TYR D 20 23.10 -13.89 -1.13
CA TYR D 20 24.44 -13.34 -0.79
C TYR D 20 24.26 -12.07 0.04
N MET D 21 23.14 -11.96 0.78
CA MET D 21 22.63 -10.71 1.41
C MET D 21 21.86 -11.01 2.70
N GLN D 22 21.87 -10.05 3.64
CA GLN D 22 21.22 -10.16 4.98
C GLN D 22 19.73 -9.83 4.87
N PHE D 23 19.01 -10.49 3.96
CA PHE D 23 17.55 -10.32 3.74
C PHE D 23 16.78 -10.97 4.90
N ASP D 24 15.56 -10.52 5.16
CA ASP D 24 14.63 -11.11 6.17
C ASP D 24 13.65 -12.04 5.46
N ASP D 25 13.05 -13.00 6.18
CA ASP D 25 12.08 -14.00 5.65
C ASP D 25 10.87 -13.30 5.04
N ASP D 26 10.44 -12.16 5.61
CA ASP D 26 9.33 -11.32 5.10
C ASP D 26 9.77 -10.56 3.84
N GLU D 27 11.08 -10.32 3.68
CA GLU D 27 11.69 -9.58 2.54
C GLU D 27 12.33 -10.55 1.55
N LYS D 28 12.22 -11.86 1.83
CA LYS D 28 12.67 -12.96 0.92
C LYS D 28 11.46 -13.47 0.12
N GLN D 29 10.37 -13.83 0.82
CA GLN D 29 9.07 -14.23 0.20
C GLN D 29 8.63 -13.10 -0.75
N LYS D 30 8.68 -11.85 -0.28
CA LYS D 30 8.15 -10.65 -0.99
C LYS D 30 8.84 -10.51 -2.36
N LEU D 31 10.17 -10.65 -2.42
CA LEU D 31 10.96 -10.45 -3.66
C LEU D 31 10.85 -11.72 -4.53
N ILE D 32 10.76 -12.91 -3.93
CA ILE D 32 10.46 -14.17 -4.66
C ILE D 32 9.06 -14.03 -5.29
N GLU D 33 8.03 -13.76 -4.49
CA GLU D 33 6.65 -13.43 -4.95
C GLU D 33 6.72 -12.29 -5.98
N GLU D 34 7.50 -11.25 -5.70
CA GLU D 34 7.55 -10.03 -6.56
C GLU D 34 8.21 -10.39 -7.90
N VAL D 35 9.51 -10.72 -7.90
CA VAL D 35 10.30 -11.06 -9.12
C VAL D 35 9.39 -11.75 -10.14
N HIS D 36 8.78 -12.86 -9.71
CA HIS D 36 7.78 -13.68 -10.44
C HIS D 36 6.78 -12.77 -11.17
N ALA D 37 6.14 -11.84 -10.43
CA ALA D 37 5.08 -10.92 -10.91
C ALA D 37 5.55 -10.09 -12.11
N VAL D 38 6.72 -9.46 -11.99
CA VAL D 38 7.33 -8.62 -13.06
C VAL D 38 7.69 -9.49 -14.27
N VAL D 39 8.09 -10.73 -14.04
CA VAL D 39 8.78 -11.59 -15.04
C VAL D 39 7.79 -12.44 -15.84
N THR D 40 6.77 -13.02 -15.18
CA THR D 40 5.74 -13.95 -15.75
C THR D 40 4.56 -13.16 -16.36
N VAL D 41 4.88 -12.12 -17.13
CA VAL D 41 3.93 -11.24 -17.87
C VAL D 41 4.58 -10.82 -19.20
N ARG D 42 5.92 -10.78 -19.24
CA ARG D 42 6.74 -10.14 -20.29
C ARG D 42 7.07 -11.14 -21.40
N ASP D 43 6.73 -10.81 -22.66
CA ASP D 43 6.93 -11.68 -23.86
C ASP D 43 8.38 -11.50 -24.37
N ALA D 44 8.63 -11.71 -25.66
CA ALA D 44 9.98 -11.72 -26.28
C ALA D 44 10.29 -10.39 -26.97
N LYS D 45 9.43 -9.36 -26.80
CA LYS D 45 9.58 -8.01 -27.43
C LYS D 45 9.87 -6.93 -26.37
N HIS D 46 10.02 -7.30 -25.10
CA HIS D 46 10.52 -6.42 -24.01
C HIS D 46 11.98 -6.76 -23.75
N THR D 47 12.71 -5.84 -23.11
CA THR D 47 14.13 -6.01 -22.71
C THR D 47 14.21 -7.06 -21.60
N ASN D 48 15.15 -8.00 -21.69
CA ASN D 48 15.24 -9.18 -20.79
C ASN D 48 15.72 -8.75 -19.40
N PHE D 49 15.95 -7.46 -19.20
CA PHE D 49 16.29 -6.82 -17.90
C PHE D 49 15.03 -6.14 -17.35
N VAL D 50 15.24 -5.15 -16.49
CA VAL D 50 14.20 -4.25 -15.91
C VAL D 50 14.68 -3.87 -14.50
N GLU D 51 14.66 -2.57 -14.15
CA GLU D 51 15.03 -2.09 -12.79
C GLU D 51 14.26 -2.94 -11.77
N PHE D 52 14.65 -2.89 -10.49
CA PHE D 52 13.99 -3.66 -9.41
C PHE D 52 14.42 -3.07 -8.06
N ARG D 53 13.64 -2.10 -7.58
CA ARG D 53 14.06 -1.21 -6.47
C ARG D 53 15.35 -0.51 -6.93
N ASN D 54 16.42 -0.56 -6.14
CA ASN D 54 17.67 0.23 -6.38
C ASN D 54 18.69 -0.65 -7.13
N PHE D 55 18.24 -1.79 -7.66
CA PHE D 55 19.01 -2.74 -8.50
C PHE D 55 18.20 -3.03 -9.77
N LYS D 56 18.51 -4.15 -10.46
CA LYS D 56 17.86 -4.58 -11.73
C LYS D 56 17.88 -6.11 -11.83
N ILE D 57 17.04 -6.69 -12.69
CA ILE D 57 16.97 -8.15 -12.96
C ILE D 57 17.41 -8.42 -14.40
N ILE D 58 18.21 -9.49 -14.57
CA ILE D 58 18.49 -10.16 -15.88
C ILE D 58 17.78 -11.52 -15.86
N TYR D 59 17.12 -11.93 -16.94
CA TYR D 59 16.34 -13.20 -16.99
C TYR D 59 16.05 -13.66 -18.43
N ARG D 60 15.84 -14.99 -18.57
CA ARG D 60 15.34 -15.69 -19.79
C ARG D 60 14.50 -16.90 -19.33
N ARG D 61 13.43 -17.22 -20.07
CA ARG D 61 12.52 -18.37 -19.79
C ARG D 61 12.81 -19.48 -20.82
N TYR D 62 13.24 -20.65 -20.33
CA TYR D 62 13.56 -21.85 -21.16
C TYR D 62 12.36 -22.81 -21.08
N ALA D 63 11.45 -22.69 -22.06
CA ALA D 63 10.09 -23.26 -22.06
C ALA D 63 9.40 -22.87 -20.74
N GLY D 64 9.60 -23.67 -19.67
CA GLY D 64 8.83 -23.58 -18.41
C GLY D 64 9.71 -23.50 -17.16
N LEU D 65 10.77 -22.70 -17.19
CA LEU D 65 11.61 -22.39 -15.99
C LEU D 65 12.11 -20.94 -16.07
N TYR D 66 11.79 -20.11 -15.05
CA TYR D 66 12.16 -18.66 -14.98
C TYR D 66 13.43 -18.49 -14.13
N PHE D 67 14.58 -18.51 -14.82
CA PHE D 67 15.93 -18.13 -14.31
C PHE D 67 16.03 -16.60 -14.26
N CYS D 68 16.33 -16.03 -13.08
CA CYS D 68 16.60 -14.58 -12.88
C CYS D 68 17.82 -14.37 -12.01
N ILE D 69 18.58 -13.30 -12.31
CA ILE D 69 19.70 -12.73 -11.49
C ILE D 69 19.36 -11.27 -11.18
N CYS D 70 18.96 -10.96 -9.94
CA CYS D 70 18.97 -9.58 -9.39
C CYS D 70 20.44 -9.17 -9.19
N VAL D 71 20.98 -8.39 -10.13
CA VAL D 71 22.40 -7.91 -10.13
C VAL D 71 22.42 -6.46 -9.62
N ASP D 72 23.61 -5.87 -9.53
CA ASP D 72 23.79 -4.41 -9.30
C ASP D 72 23.37 -3.64 -10.55
N VAL D 73 23.17 -2.34 -10.38
CA VAL D 73 22.78 -1.36 -11.44
C VAL D 73 23.83 -1.31 -12.56
N ASN D 74 25.12 -1.26 -12.20
CA ASN D 74 26.26 -0.99 -13.12
C ASN D 74 26.84 -2.29 -13.69
N ASP D 75 26.55 -3.43 -13.04
CA ASP D 75 26.94 -4.82 -13.44
C ASP D 75 26.40 -5.15 -14.83
N ASN D 76 27.22 -5.77 -15.69
CA ASN D 76 27.00 -5.84 -17.16
C ASN D 76 25.81 -6.75 -17.50
N ASN D 77 25.04 -6.32 -18.49
CA ASN D 77 23.69 -6.84 -18.86
C ASN D 77 23.85 -8.11 -19.68
N LEU D 78 24.12 -7.98 -20.99
CA LEU D 78 24.29 -9.10 -21.96
C LEU D 78 25.36 -10.08 -21.45
N ALA D 79 26.16 -9.66 -20.46
CA ALA D 79 27.21 -10.45 -19.80
C ALA D 79 26.63 -11.30 -18.65
N TYR D 80 25.49 -10.91 -18.07
CA TYR D 80 24.83 -11.66 -16.97
C TYR D 80 23.67 -12.52 -17.52
N LEU D 81 23.20 -12.18 -18.74
CA LEU D 81 22.17 -12.89 -19.55
C LEU D 81 22.72 -14.25 -19.98
N GLU D 82 23.95 -14.24 -20.51
CA GLU D 82 24.71 -15.46 -20.88
C GLU D 82 25.04 -16.24 -19.59
N ALA D 83 25.57 -15.59 -18.56
CA ALA D 83 25.97 -16.20 -17.26
C ALA D 83 24.87 -17.14 -16.77
N ILE D 84 23.63 -16.92 -17.23
CA ILE D 84 22.44 -17.80 -17.00
C ILE D 84 22.50 -18.94 -18.03
N HIS D 85 22.57 -18.57 -19.32
CA HIS D 85 22.59 -19.48 -20.51
C HIS D 85 23.78 -20.44 -20.46
N ASN D 86 24.94 -19.97 -20.01
CA ASN D 86 26.21 -20.74 -19.87
C ASN D 86 26.24 -21.38 -18.47
N PHE D 87 25.31 -20.98 -17.57
CA PHE D 87 24.99 -21.71 -16.31
C PHE D 87 23.98 -22.81 -16.62
N VAL D 88 22.98 -22.48 -17.45
CA VAL D 88 21.99 -23.44 -18.01
C VAL D 88 22.78 -24.58 -18.66
N GLU D 89 23.64 -24.25 -19.63
CA GLU D 89 24.28 -25.21 -20.57
C GLU D 89 25.28 -26.12 -19.84
N VAL D 90 25.58 -25.86 -18.57
CA VAL D 90 26.36 -26.76 -17.67
C VAL D 90 25.39 -27.70 -16.94
N LEU D 91 24.21 -27.21 -16.56
CA LEU D 91 23.11 -28.07 -16.05
C LEU D 91 22.73 -29.07 -17.16
N ASN D 92 22.78 -28.63 -18.44
CA ASN D 92 22.42 -29.39 -19.67
C ASN D 92 23.26 -30.68 -19.79
N GLU D 93 24.54 -30.64 -19.39
CA GLU D 93 25.46 -31.81 -19.51
C GLU D 93 25.39 -32.65 -18.23
N TYR D 94 25.34 -32.03 -17.06
CA TYR D 94 25.53 -32.72 -15.75
C TYR D 94 24.36 -33.66 -15.44
N PHE D 95 23.13 -33.23 -15.75
CA PHE D 95 21.87 -33.99 -15.51
C PHE D 95 21.43 -34.73 -16.78
N HIS D 96 22.14 -34.53 -17.90
CA HIS D 96 21.85 -35.10 -19.25
C HIS D 96 20.49 -34.57 -19.75
N ASN D 97 20.52 -33.58 -20.66
CA ASN D 97 19.36 -32.80 -21.16
C ASN D 97 18.38 -32.55 -20.01
N VAL D 98 18.72 -31.60 -19.13
CA VAL D 98 18.05 -31.28 -17.83
C VAL D 98 16.61 -30.84 -18.10
N CYS D 99 15.77 -30.86 -17.06
CA CYS D 99 14.34 -30.48 -17.10
C CYS D 99 14.02 -29.55 -15.92
N GLU D 100 12.84 -29.74 -15.31
CA GLU D 100 12.49 -29.29 -13.95
C GLU D 100 12.61 -30.47 -12.99
N LEU D 101 11.99 -31.62 -13.35
CA LEU D 101 11.80 -32.85 -12.52
C LEU D 101 13.14 -33.34 -11.91
N ASP D 102 14.26 -33.04 -12.57
CA ASP D 102 15.63 -33.31 -12.07
C ASP D 102 15.99 -32.28 -11.00
N LEU D 103 15.85 -30.99 -11.33
CA LEU D 103 16.21 -29.85 -10.44
C LEU D 103 15.55 -30.02 -9.06
N VAL D 104 14.71 -31.05 -8.87
CA VAL D 104 14.02 -31.35 -7.58
C VAL D 104 14.54 -32.68 -6.99
N PHE D 105 14.48 -33.76 -7.78
CA PHE D 105 15.05 -35.10 -7.42
C PHE D 105 16.53 -34.89 -7.08
N ASN D 106 17.19 -34.02 -7.84
CA ASN D 106 18.61 -33.57 -7.66
C ASN D 106 18.62 -32.13 -7.13
N PHE D 107 17.86 -31.82 -6.07
CA PHE D 107 17.69 -30.44 -5.55
C PHE D 107 18.92 -29.98 -4.77
N TYR D 108 19.74 -30.92 -4.25
CA TYR D 108 20.98 -30.62 -3.49
C TYR D 108 22.20 -30.73 -4.41
N LYS D 109 21.99 -30.75 -5.74
CA LYS D 109 23.02 -31.05 -6.77
C LYS D 109 23.33 -29.85 -7.67
N VAL D 110 22.45 -28.84 -7.74
CA VAL D 110 22.69 -27.61 -8.56
C VAL D 110 23.28 -26.51 -7.66
N TYR D 111 23.20 -26.66 -6.33
CA TYR D 111 23.94 -25.82 -5.35
C TYR D 111 25.45 -25.94 -5.59
N THR D 112 25.91 -27.13 -5.95
CA THR D 112 27.33 -27.42 -6.27
C THR D 112 27.64 -26.87 -7.67
N VAL D 113 26.68 -26.89 -8.61
CA VAL D 113 26.85 -26.31 -9.98
C VAL D 113 26.86 -24.78 -9.85
N VAL D 114 26.02 -24.26 -8.94
CA VAL D 114 26.01 -22.83 -8.47
C VAL D 114 27.40 -22.53 -7.88
N ASP D 115 27.63 -22.81 -6.60
CA ASP D 115 28.84 -22.40 -5.83
C ASP D 115 30.08 -22.39 -6.74
N GLU D 116 30.14 -23.32 -7.70
CA GLU D 116 31.22 -23.47 -8.70
C GLU D 116 31.26 -22.24 -9.61
N MET D 117 30.16 -21.93 -10.31
CA MET D 117 30.13 -20.88 -11.37
C MET D 117 29.95 -19.47 -10.79
N PHE D 118 29.61 -19.32 -9.49
CA PHE D 118 29.30 -18.03 -8.79
C PHE D 118 29.50 -18.19 -7.27
N LEU D 119 30.10 -17.21 -6.58
CA LEU D 119 30.23 -17.18 -5.09
C LEU D 119 30.40 -15.74 -4.56
N ALA D 120 29.79 -15.47 -3.39
CA ALA D 120 29.94 -14.24 -2.55
C ALA D 120 29.08 -13.09 -3.08
N GLY D 121 28.76 -13.12 -4.37
CA GLY D 121 28.12 -12.03 -5.13
C GLY D 121 28.58 -11.95 -6.58
N GLU D 122 29.71 -12.59 -6.93
CA GLU D 122 30.36 -12.48 -8.26
C GLU D 122 30.58 -13.89 -8.86
N ILE D 123 30.96 -13.96 -10.14
CA ILE D 123 31.31 -15.21 -10.89
C ILE D 123 32.57 -15.84 -10.25
N ARG D 124 32.78 -17.15 -10.43
CA ARG D 124 33.94 -17.90 -9.88
C ARG D 124 34.60 -18.84 -10.91
N GLU D 125 33.83 -19.61 -11.70
CA GLU D 125 34.35 -20.64 -12.65
C GLU D 125 33.44 -20.73 -13.89
N THR D 126 33.96 -20.36 -15.07
CA THR D 126 33.19 -20.18 -16.34
C THR D 126 33.79 -21.00 -17.50
N SER D 127 34.33 -22.20 -17.23
CA SER D 127 34.63 -23.24 -18.26
C SER D 127 33.67 -24.43 -18.10
N GLN D 128 32.86 -24.71 -19.14
CA GLN D 128 31.97 -25.91 -19.22
C GLN D 128 32.81 -27.17 -19.05
N THR D 129 34.14 -27.03 -19.15
CA THR D 129 35.17 -28.07 -18.89
C THR D 129 35.39 -28.20 -17.37
N LYS D 130 36.25 -27.36 -16.77
CA LYS D 130 36.75 -27.52 -15.37
C LYS D 130 35.55 -27.71 -14.42
N VAL D 131 34.40 -27.14 -14.79
CA VAL D 131 33.08 -27.36 -14.12
C VAL D 131 32.78 -28.86 -14.13
N LEU D 132 32.26 -29.38 -15.26
CA LEU D 132 31.78 -30.79 -15.45
C LEU D 132 32.78 -31.81 -14.89
N LYS D 133 34.06 -31.42 -14.77
CA LYS D 133 35.16 -32.29 -14.25
C LYS D 133 35.05 -32.34 -12.73
N GLN D 134 35.07 -31.17 -12.06
CA GLN D 134 35.06 -31.04 -10.57
C GLN D 134 33.75 -31.60 -9.99
N LEU D 135 32.67 -31.59 -10.78
CA LEU D 135 31.36 -32.23 -10.44
C LEU D 135 31.54 -33.75 -10.37
N LEU D 136 31.76 -34.37 -11.54
CA LEU D 136 31.64 -35.84 -11.77
C LEU D 136 32.78 -36.55 -11.03
N MET D 137 33.93 -35.90 -10.86
CA MET D 137 35.07 -36.42 -10.05
C MET D 137 34.74 -36.33 -8.56
N LEU D 138 34.08 -35.25 -8.10
CA LEU D 138 33.56 -35.12 -6.70
C LEU D 138 32.58 -36.26 -6.43
N GLN D 139 31.85 -36.70 -7.46
CA GLN D 139 30.81 -37.78 -7.42
C GLN D 139 31.45 -39.16 -7.50
N SER D 140 32.00 -39.54 -8.66
CA SER D 140 32.42 -40.93 -9.02
C SER D 140 33.14 -41.61 -7.86
N LEU D 141 34.07 -40.91 -7.19
CA LEU D 141 34.67 -41.30 -5.87
C LEU D 141 34.14 -40.35 -4.80
N GLU D 142 33.74 -40.90 -3.64
CA GLU D 142 33.16 -40.15 -2.48
C GLU D 142 34.06 -40.34 -1.25
N ILE E 49 23.66 12.66 25.49
CA ILE E 49 22.72 13.81 25.39
C ILE E 49 22.24 14.21 26.80
N GLU E 50 22.57 15.45 27.21
CA GLU E 50 22.28 16.08 28.55
C GLU E 50 20.83 16.59 28.55
N ILE E 51 20.32 17.11 29.67
CA ILE E 51 18.86 17.37 29.87
C ILE E 51 18.62 18.18 31.16
N LYS E 52 17.60 19.08 31.21
CA LYS E 52 17.40 19.96 32.40
C LYS E 52 15.97 20.49 32.59
N PRO E 53 15.67 20.91 33.85
CA PRO E 53 14.41 21.52 34.24
C PRO E 53 14.44 23.00 34.70
N MET E 54 13.31 23.48 35.21
CA MET E 54 12.86 24.89 35.16
C MET E 54 12.64 25.46 36.55
N HIS E 55 13.14 26.67 36.81
CA HIS E 55 12.90 27.48 38.03
C HIS E 55 11.44 27.96 38.04
N PRO E 56 10.94 28.61 39.12
CA PRO E 56 9.65 29.30 39.14
C PRO E 56 9.74 30.81 38.81
N ASN E 57 8.58 31.47 38.61
CA ASN E 57 8.46 32.87 38.10
C ASN E 57 8.74 33.86 39.25
N ASN E 58 9.25 35.05 38.91
CA ASN E 58 10.10 35.89 39.80
C ASN E 58 9.23 36.72 40.78
N SER E 59 8.17 37.42 40.30
CA SER E 59 7.19 38.17 41.15
C SER E 59 7.28 39.70 40.95
N HIS E 60 8.50 40.26 40.97
CA HIS E 60 8.78 41.72 40.87
C HIS E 60 10.17 41.97 40.24
N HIS E 61 11.08 42.78 40.84
CA HIS E 61 12.02 43.63 40.05
C HIS E 61 13.54 43.40 40.30
N THR E 62 14.16 42.64 39.37
CA THR E 62 15.60 42.68 38.94
C THR E 62 15.65 42.67 37.40
N MET E 63 15.88 43.85 36.79
CA MET E 63 15.60 44.19 35.36
C MET E 63 16.82 43.90 34.48
N ALA E 64 16.65 44.02 33.16
CA ALA E 64 17.59 43.60 32.11
C ALA E 64 18.07 44.81 31.29
N SER E 65 19.36 45.11 31.39
CA SER E 65 20.02 46.29 30.74
C SER E 65 19.86 46.21 29.23
N LEU E 66 19.20 47.20 28.62
CA LEU E 66 19.15 47.35 27.14
C LEU E 66 20.58 47.49 26.60
N ASP E 67 21.49 48.09 27.34
CA ASP E 67 22.89 48.32 26.86
C ASP E 67 23.49 46.94 26.58
N GLU E 68 23.29 45.97 27.48
CA GLU E 68 23.78 44.57 27.35
C GLU E 68 23.37 44.06 25.96
N LEU E 69 22.12 44.28 25.61
CA LEU E 69 21.54 43.88 24.30
C LEU E 69 22.33 44.58 23.20
N LYS E 70 22.31 45.91 23.23
CA LYS E 70 22.82 46.76 22.13
C LYS E 70 24.30 46.43 21.95
N VAL E 71 25.06 46.37 23.04
CA VAL E 71 26.46 45.87 23.04
C VAL E 71 26.49 44.58 22.22
N SER E 72 25.77 43.55 22.69
CA SER E 72 25.88 42.16 22.16
C SER E 72 25.36 42.08 20.71
N ILE E 73 24.38 42.94 20.32
CA ILE E 73 23.91 43.06 18.89
C ILE E 73 25.06 43.65 18.07
N GLY E 74 25.51 44.85 18.45
CA GLY E 74 26.65 45.51 17.80
C GLY E 74 27.66 44.49 17.30
N ASN E 75 28.03 43.54 18.16
CA ASN E 75 29.16 42.60 17.93
C ASN E 75 28.88 41.68 16.73
N ILE E 76 27.64 41.23 16.55
CA ILE E 76 27.31 40.09 15.65
C ILE E 76 27.18 40.52 14.18
N THR E 77 27.95 39.88 13.30
CA THR E 77 27.84 39.95 11.81
C THR E 77 27.99 38.52 11.27
N LEU E 78 27.25 38.17 10.21
CA LEU E 78 26.85 36.78 9.87
C LEU E 78 27.78 36.11 8.84
N SER E 79 27.65 34.77 8.73
CA SER E 79 28.66 33.78 8.28
C SER E 79 28.43 33.37 6.82
N PRO E 80 29.18 32.37 6.26
CA PRO E 80 28.95 31.91 4.89
C PRO E 80 27.53 31.34 4.69
N LYS F 235 0.57 -31.18 -9.32
CA LYS F 235 1.41 -30.71 -10.46
C LYS F 235 1.35 -31.74 -11.60
N SER F 236 1.86 -31.36 -12.79
CA SER F 236 1.82 -32.19 -14.03
C SER F 236 3.25 -32.64 -14.40
N MET F 237 3.38 -33.41 -15.48
CA MET F 237 4.69 -33.93 -15.98
C MET F 237 5.37 -32.83 -16.80
N GLU F 238 6.65 -32.53 -16.51
CA GLU F 238 7.49 -31.48 -17.16
C GLU F 238 8.86 -32.11 -17.49
N GLN F 239 9.43 -31.84 -18.67
CA GLN F 239 10.77 -32.35 -19.07
C GLN F 239 11.24 -31.72 -20.40
N LYS F 240 12.48 -31.20 -20.43
CA LYS F 240 13.27 -30.82 -21.64
C LYS F 240 13.44 -29.30 -21.76
N LEU F 241 14.68 -28.81 -21.67
CA LEU F 241 15.08 -27.38 -21.80
C LEU F 241 16.01 -27.19 -23.01
N ILE F 242 15.76 -27.88 -24.13
CA ILE F 242 16.65 -27.92 -25.34
C ILE F 242 15.79 -27.84 -26.62
N SER F 243 16.40 -28.10 -27.78
CA SER F 243 15.73 -28.35 -29.10
C SER F 243 14.99 -27.10 -29.57
N ASP G 1 -32.50 -27.26 19.69
CA ASP G 1 -33.08 -27.63 18.37
C ASP G 1 -34.50 -27.06 18.26
N TYR G 2 -35.06 -27.08 17.03
CA TYR G 2 -36.23 -26.28 16.62
C TYR G 2 -37.50 -26.77 17.32
N GLN G 3 -38.27 -25.82 17.85
CA GLN G 3 -39.55 -26.03 18.56
C GLN G 3 -40.69 -25.44 17.70
N ARG G 4 -41.60 -26.28 17.22
CA ARG G 4 -42.84 -25.84 16.51
C ARG G 4 -43.31 -24.51 17.12
N LEU G 5 -44.04 -23.67 16.37
CA LEU G 5 -44.79 -22.51 16.93
C LEU G 5 -46.01 -22.21 16.04
N ASN G 6 -46.90 -21.33 16.52
CA ASN G 6 -48.34 -21.20 16.15
C ASN G 6 -48.64 -21.78 14.77
N VAL H 10 -33.37 -26.51 -5.30
CA VAL H 10 -33.25 -27.27 -6.58
C VAL H 10 -34.65 -27.82 -6.92
N ASP H 11 -34.92 -28.06 -8.21
CA ASP H 11 -36.22 -28.62 -8.71
C ASP H 11 -36.07 -30.15 -8.85
N GLU H 12 -37.17 -30.84 -9.18
CA GLU H 12 -37.15 -32.27 -9.58
C GLU H 12 -38.27 -32.54 -10.59
N GLU H 13 -39.42 -31.89 -10.43
CA GLU H 13 -40.64 -32.15 -11.25
C GLU H 13 -41.69 -31.08 -10.90
N GLY H 14 -41.28 -29.80 -10.83
CA GLY H 14 -42.17 -28.66 -10.54
C GLY H 14 -42.11 -28.23 -9.08
N TYR H 15 -41.93 -29.18 -8.16
CA TYR H 15 -41.77 -28.91 -6.71
C TYR H 15 -40.29 -28.67 -6.41
N SER H 16 -40.03 -28.04 -5.26
CA SER H 16 -38.68 -27.71 -4.75
C SER H 16 -38.39 -28.62 -3.54
N ILE H 17 -37.11 -28.87 -3.27
CA ILE H 17 -36.61 -29.84 -2.24
C ILE H 17 -35.96 -29.01 -1.11
N LYS H 18 -35.66 -29.65 0.03
CA LYS H 18 -35.18 -28.99 1.26
C LYS H 18 -34.20 -29.93 1.97
N PRO H 19 -32.93 -29.52 2.19
CA PRO H 19 -31.96 -30.35 2.92
C PRO H 19 -32.13 -30.37 4.45
N GLU H 20 -32.19 -31.57 5.06
CA GLU H 20 -32.45 -31.79 6.50
C GLU H 20 -32.39 -33.30 6.86
N THR H 21 -32.12 -33.61 8.14
CA THR H 21 -32.44 -34.91 8.82
C THR H 21 -32.91 -34.59 10.25
N ASN H 22 -33.81 -33.61 10.40
CA ASN H 22 -34.71 -33.42 11.57
C ASN H 22 -35.99 -34.23 11.33
N GLN H 23 -36.47 -34.26 10.08
CA GLN H 23 -37.68 -34.97 9.58
C GLN H 23 -38.95 -34.19 10.00
N ASN H 24 -40.07 -34.43 9.30
CA ASN H 24 -41.31 -33.62 9.35
C ASN H 24 -41.97 -33.71 10.73
N ASP H 25 -42.34 -32.57 11.31
CA ASP H 25 -43.04 -32.44 12.62
C ASP H 25 -44.10 -31.33 12.49
N THR H 26 -45.38 -31.72 12.43
CA THR H 26 -46.54 -30.86 12.03
C THR H 26 -47.12 -30.19 13.30
N LYS H 27 -48.46 -30.16 13.43
CA LYS H 27 -49.20 -29.57 14.60
C LYS H 27 -48.51 -29.95 15.92
N GLU H 28 -48.22 -31.24 16.09
CA GLU H 28 -47.51 -31.88 17.25
C GLU H 28 -48.42 -31.83 18.49
N ASN H 29 -49.46 -32.66 18.49
CA ASN H 29 -50.39 -32.93 19.63
C ASN H 29 -51.22 -31.66 19.92
N HIS H 30 -51.77 -31.02 18.88
CA HIS H 30 -52.60 -29.79 18.93
C HIS H 30 -53.97 -30.07 18.28
N PHE H 31 -54.71 -29.01 17.95
CA PHE H 31 -56.12 -29.06 17.47
C PHE H 31 -56.35 -27.93 16.46
N TYR H 32 -57.57 -27.86 15.88
CA TYR H 32 -58.11 -26.70 15.11
C TYR H 32 -59.44 -26.26 15.73
N SER H 33 -59.54 -26.31 17.07
CA SER H 33 -60.76 -26.04 17.88
C SER H 33 -60.79 -24.57 18.34
#